data_9D2M
#
_entry.id   9D2M
#
_cell.length_a   1.00
_cell.length_b   1.00
_cell.length_c   1.00
_cell.angle_alpha   90.00
_cell.angle_beta   90.00
_cell.angle_gamma   90.00
#
_symmetry.space_group_name_H-M   'P 1'
#
loop_
_entity.id
_entity.type
_entity.pdbx_description
1 polymer Hemagglutinin
2 branched 2-acetamido-2-deoxy-beta-D-glucopyranose-(1-4)-2-acetamido-2-deoxy-beta-D-glucopyranose
3 branched beta-D-mannopyranose-(1-4)-2-acetamido-2-deoxy-beta-D-glucopyranose-(1-4)-2-acetamido-2-deoxy-beta-D-glucopyranose
4 non-polymer 2-acetamido-2-deoxy-beta-D-glucopyranose
#
_entity_poly.entity_id   1
_entity_poly.type   'polypeptide(L)'
_entity_poly.pdbx_seq_one_letter_code
;MPMGSLQPLATLYLLGMLVASVLAATLCLGHHAVPNGTIVKTITNDRIEVTNATELVQNSSIGEICDSPHQILDGENCTL
IDALLGDPQCDGFQNKKWDLFVERSKAYSNCYPYDVPDYASLRSLVASSGTLEFKNESFNWTGVTQNGTSSACIRGSSSS
FFSRLNWLTHLNYTYPALNVTMPNKEQFDKLYIWGVHHPGTDKDQIFLYAQSSGRITVSTKRSQQAVIPNIGSRPRIRDI
PSRISIYWTIVKPGDILLINSTGNLIAPRGYFKIRSGKSSIMRSDAPIGKCKSECITPNGSIPNDKPFQNVNRITYGACP
RYVKHSTLKLATGMRNVPEKQTRGIFGAIAGFIENGWEGMVDGWYGFRHQNSEGRGQAADLKSTQAAIDQINGKLNRLIG
KTNEKFHQIEKEFSEVEGRVQDLEKYVEDTKIDLWSYNAELLVALENQHTIDLTDSEMNKLFEKTKKQLRENAEDMGNGC
FKIYHKCDNACIESIRNETYDHNVYRDEALNNRFQIKRMKQIEDKIEEIESKQKKIENEIARIKKIKLVPRGSVDENLYF
QAMSKGEELFTGVVPILVELDGDVNGHKFSVRGEGEGDATNGKLTLKFICTTGKLPVPWPTLVTTLTYGVQCFSRYPDHM
KRHDFFKSAMPEGYVQERTISFKDDGTYKTRAEVKFEGDTLVNRIELKGIDFKEDGNILGHKLEYNFNSHNVYITADKQK
NGIKANFKIRHNVEDGSVQLADHYQQNTPIGDGPVLLPDNHYLSTQSVLSKDPNEKRDHMVLLEFVTAAGITHGMSSAWS
HPQFEKGGGSGGGSGGSAWSHPQFEK
;
_entity_poly.pdbx_strand_id   A,B,C
#
# COMPACT_ATOMS: atom_id res chain seq x y z
N ALA A 25 -60.70 22.92 1.46
CA ALA A 25 -59.76 22.53 2.51
C ALA A 25 -58.34 22.46 1.94
N THR A 26 -57.30 22.54 2.83
CA THR A 26 -55.88 22.44 2.44
C THR A 26 -55.16 21.36 3.20
N LEU A 27 -54.46 20.52 2.46
CA LEU A 27 -53.65 19.47 3.06
C LEU A 27 -52.20 19.63 2.62
N CYS A 28 -51.28 19.91 3.56
CA CYS A 28 -49.86 20.17 3.32
C CYS A 28 -48.97 19.04 3.79
N LEU A 29 -47.94 18.80 3.03
CA LEU A 29 -46.96 17.84 3.45
C LEU A 29 -45.67 18.52 3.77
N GLY A 30 -44.95 17.96 4.71
CA GLY A 30 -43.66 18.51 5.05
C GLY A 30 -42.86 17.57 5.89
N HIS A 31 -41.79 18.09 6.45
CA HIS A 31 -40.85 17.34 7.24
C HIS A 31 -40.41 18.17 8.40
N HIS A 32 -39.82 17.51 9.39
CA HIS A 32 -39.41 18.13 10.64
C HIS A 32 -38.19 19.01 10.42
N ALA A 33 -37.76 19.68 11.49
CA ALA A 33 -36.62 20.57 11.44
C ALA A 33 -36.01 20.67 12.82
N VAL A 34 -34.75 21.06 12.87
CA VAL A 34 -34.07 21.23 14.12
C VAL A 34 -33.57 22.65 14.32
N PRO A 35 -33.92 23.34 15.40
CA PRO A 35 -33.52 24.70 15.69
C PRO A 35 -32.01 24.94 15.60
N ASN A 36 -31.22 23.92 15.92
CA ASN A 36 -29.78 24.00 15.87
C ASN A 36 -29.20 22.67 15.37
N GLY A 37 -28.90 22.55 14.08
CA GLY A 37 -28.43 21.29 13.55
C GLY A 37 -26.92 21.23 13.58
N THR A 38 -26.37 20.32 12.80
CA THR A 38 -24.93 20.15 12.78
C THR A 38 -24.38 20.15 11.38
N ILE A 39 -23.07 20.15 11.26
CA ILE A 39 -22.46 20.23 9.96
C ILE A 39 -21.77 18.97 9.51
N VAL A 40 -22.08 18.56 8.30
CA VAL A 40 -21.46 17.41 7.69
C VAL A 40 -20.93 17.77 6.34
N LYS A 41 -20.05 16.94 5.81
CA LYS A 41 -19.54 17.17 4.49
C LYS A 41 -20.18 16.28 3.47
N THR A 42 -20.29 16.76 2.25
CA THR A 42 -20.76 15.89 1.18
C THR A 42 -19.88 16.04 -0.01
N ILE A 43 -19.93 15.03 -0.86
CA ILE A 43 -19.15 15.06 -2.08
C ILE A 43 -19.50 16.24 -3.00
N THR A 44 -20.72 16.78 -2.96
CA THR A 44 -21.02 17.89 -3.86
C THR A 44 -21.05 19.27 -3.23
N ASN A 45 -21.34 19.37 -1.93
CA ASN A 45 -21.48 20.69 -1.33
C ASN A 45 -20.43 21.11 -0.35
N ASP A 46 -19.57 20.21 0.08
CA ASP A 46 -18.54 20.51 1.07
C ASP A 46 -19.08 20.80 2.47
N ARG A 47 -19.90 21.84 2.62
CA ARG A 47 -20.45 22.13 3.94
C ARG A 47 -21.97 22.29 3.96
N ILE A 48 -22.69 21.35 4.56
CA ILE A 48 -24.15 21.50 4.64
C ILE A 48 -24.64 21.27 6.06
N GLU A 49 -25.84 21.76 6.38
CA GLU A 49 -26.41 21.51 7.69
C GLU A 49 -27.45 20.40 7.67
N VAL A 50 -27.33 19.49 8.63
CA VAL A 50 -28.25 18.38 8.79
C VAL A 50 -28.80 18.35 10.20
N THR A 51 -29.89 17.61 10.37
CA THR A 51 -30.57 17.55 11.69
C THR A 51 -29.81 16.64 12.68
N ASN A 52 -29.16 15.58 12.19
CA ASN A 52 -28.49 14.60 13.10
C ASN A 52 -27.20 14.09 12.46
N ALA A 53 -26.19 13.75 13.28
CA ALA A 53 -24.92 13.20 12.75
C ALA A 53 -24.23 12.29 13.77
N THR A 54 -23.24 11.51 13.33
CA THR A 54 -22.48 10.60 14.23
C THR A 54 -20.99 10.65 13.87
N GLU A 55 -20.11 10.74 14.86
CA GLU A 55 -18.64 10.81 14.59
C GLU A 55 -18.09 9.43 14.25
N LEU A 56 -17.16 9.35 13.29
CA LEU A 56 -16.55 8.09 12.94
C LEU A 56 -15.10 7.93 13.38
N VAL A 57 -14.53 8.95 14.02
CA VAL A 57 -13.14 8.89 14.45
C VAL A 57 -13.02 8.95 15.95
N GLN A 58 -12.42 7.90 16.55
CA GLN A 58 -12.18 7.93 18.01
C GLN A 58 -10.90 8.75 18.24
N ASN A 59 -11.02 9.96 18.80
CA ASN A 59 -9.84 10.84 18.97
C ASN A 59 -9.45 10.98 20.45
N SER A 60 -9.78 9.98 21.27
CA SER A 60 -9.50 10.07 22.73
C SER A 60 -9.27 8.68 23.34
N SER A 61 -8.08 8.44 23.89
CA SER A 61 -7.83 7.19 24.57
C SER A 61 -8.17 7.35 26.03
N ILE A 62 -8.24 6.24 26.75
CA ILE A 62 -8.47 6.30 28.18
C ILE A 62 -7.30 6.85 29.00
N GLY A 63 -6.05 6.51 28.65
CA GLY A 63 -4.90 6.93 29.43
C GLY A 63 -4.44 5.81 30.34
N GLU A 64 -5.10 4.69 30.22
CA GLU A 64 -4.84 3.51 31.00
C GLU A 64 -5.00 2.28 30.12
N ILE A 65 -4.13 1.31 30.30
CA ILE A 65 -4.15 0.06 29.56
C ILE A 65 -4.99 -0.99 30.31
N CYS A 66 -5.90 -1.70 29.62
CA CYS A 66 -6.75 -2.74 30.18
C CYS A 66 -5.99 -4.04 30.27
N ASP A 67 -6.27 -4.84 31.30
CA ASP A 67 -5.62 -6.13 31.47
C ASP A 67 -6.51 -7.29 31.09
N SER A 68 -7.51 -7.02 30.28
CA SER A 68 -8.42 -8.05 29.85
C SER A 68 -9.07 -7.61 28.56
N PRO A 69 -9.29 -8.52 27.61
CA PRO A 69 -9.02 -9.96 27.58
C PRO A 69 -7.58 -10.36 27.34
N HIS A 70 -6.74 -9.43 26.94
CA HIS A 70 -5.37 -9.76 26.61
C HIS A 70 -4.54 -9.89 27.87
N GLN A 71 -3.59 -10.80 27.89
CA GLN A 71 -2.70 -10.91 29.03
C GLN A 71 -1.49 -10.02 28.88
N ILE A 72 -1.30 -9.14 29.85
CA ILE A 72 -0.21 -8.20 29.74
C ILE A 72 0.86 -8.37 30.78
N LEU A 73 2.08 -8.48 30.31
CA LEU A 73 3.22 -8.61 31.19
C LEU A 73 3.94 -7.27 31.27
N ASP A 74 3.94 -6.68 32.45
CA ASP A 74 4.49 -5.33 32.63
C ASP A 74 5.99 -5.33 32.96
N GLY A 75 6.81 -5.04 31.95
CA GLY A 75 8.28 -5.10 32.14
C GLY A 75 8.81 -3.87 32.85
N GLU A 76 8.70 -3.83 34.19
CA GLU A 76 9.19 -2.67 34.97
C GLU A 76 10.72 -2.71 35.03
N ASN A 77 11.39 -1.71 34.45
CA ASN A 77 12.89 -1.63 34.47
C ASN A 77 13.51 -2.86 33.78
N CYS A 78 12.84 -3.44 32.78
CA CYS A 78 13.38 -4.64 32.08
C CYS A 78 12.96 -4.61 30.61
N THR A 79 13.92 -4.70 29.68
CA THR A 79 13.52 -4.81 28.29
C THR A 79 13.28 -6.29 28.09
N LEU A 80 12.67 -6.71 26.99
CA LEU A 80 12.40 -8.14 26.91
C LEU A 80 13.67 -8.95 26.87
N ILE A 81 14.68 -8.42 26.21
CA ILE A 81 15.93 -9.14 26.08
C ILE A 81 16.70 -9.23 27.41
N ASP A 82 16.33 -8.45 28.43
CA ASP A 82 17.06 -8.60 29.67
C ASP A 82 16.41 -9.73 30.40
N ALA A 83 15.09 -9.83 30.27
CA ALA A 83 14.41 -10.91 30.92
C ALA A 83 14.85 -12.24 30.30
N LEU A 84 15.08 -12.21 28.99
CA LEU A 84 15.50 -13.39 28.25
C LEU A 84 16.83 -13.88 28.69
N LEU A 85 17.76 -12.96 28.80
CA LEU A 85 19.12 -13.24 29.15
C LEU A 85 19.32 -13.62 30.61
N GLY A 86 18.57 -12.94 31.47
CA GLY A 86 18.66 -13.10 32.90
C GLY A 86 19.38 -11.89 33.44
N ASP A 87 18.80 -11.22 34.40
CA ASP A 87 19.35 -10.00 35.00
C ASP A 87 18.81 -9.96 36.40
N PRO A 88 19.61 -9.72 37.44
CA PRO A 88 19.17 -9.69 38.81
C PRO A 88 17.92 -8.84 39.04
N GLN A 89 17.72 -7.77 38.28
CA GLN A 89 16.50 -6.98 38.51
C GLN A 89 15.23 -7.57 37.82
N CYS A 90 15.40 -8.56 36.91
CA CYS A 90 14.40 -9.17 36.05
C CYS A 90 14.18 -10.63 36.48
N ASP A 91 14.50 -10.95 37.72
CA ASP A 91 14.31 -12.32 38.20
C ASP A 91 12.86 -12.70 38.34
N GLY A 92 12.00 -11.71 38.29
CA GLY A 92 10.57 -11.91 38.42
C GLY A 92 9.95 -12.26 37.07
N PHE A 93 10.75 -12.36 36.02
CA PHE A 93 10.23 -12.66 34.70
C PHE A 93 10.83 -13.93 34.16
N GLN A 94 10.46 -15.06 34.71
CA GLN A 94 11.00 -16.32 34.25
C GLN A 94 9.83 -17.19 33.96
N ASN A 95 9.83 -17.81 32.80
CA ASN A 95 8.76 -18.68 32.40
C ASN A 95 7.41 -17.97 32.37
N LYS A 96 7.43 -16.70 31.99
CA LYS A 96 6.22 -15.93 31.88
C LYS A 96 5.67 -16.02 30.50
N LYS A 97 4.38 -15.78 30.40
CA LYS A 97 3.75 -15.77 29.11
C LYS A 97 2.98 -14.50 28.96
N TRP A 98 2.82 -14.06 27.74
CA TRP A 98 2.06 -12.86 27.51
C TRP A 98 1.47 -12.83 26.13
N ASP A 99 0.45 -12.02 25.98
CA ASP A 99 -0.01 -11.77 24.65
C ASP A 99 0.69 -10.47 24.29
N LEU A 100 0.80 -9.60 25.27
CA LEU A 100 1.43 -8.33 25.04
C LEU A 100 2.42 -8.04 26.13
N PHE A 101 3.63 -7.70 25.73
CA PHE A 101 4.66 -7.34 26.68
C PHE A 101 4.81 -5.86 26.62
N VAL A 102 4.86 -5.22 27.76
CA VAL A 102 5.01 -3.80 27.76
C VAL A 102 6.37 -3.42 28.27
N GLU A 103 7.09 -2.73 27.43
CA GLU A 103 8.42 -2.27 27.72
C GLU A 103 8.35 -0.82 28.16
N ARG A 104 8.92 -0.53 29.32
CA ARG A 104 8.86 0.82 29.85
C ARG A 104 10.03 1.65 29.38
N SER A 105 9.83 2.96 29.20
CA SER A 105 10.90 3.84 28.72
C SER A 105 12.03 4.03 29.69
N LYS A 106 11.76 3.74 30.94
CA LYS A 106 12.72 3.92 31.99
C LYS A 106 13.60 2.70 32.19
N ALA A 107 13.35 1.61 31.46
CA ALA A 107 14.15 0.42 31.69
C ALA A 107 15.60 0.66 31.37
N TYR A 108 16.47 0.08 32.18
CA TYR A 108 17.91 0.15 32.04
C TYR A 108 18.44 -1.18 32.47
N SER A 109 19.62 -1.58 32.02
CA SER A 109 20.15 -2.85 32.49
C SER A 109 20.93 -2.64 33.76
N ASN A 110 21.12 -3.69 34.54
CA ASN A 110 21.92 -3.54 35.74
C ASN A 110 22.88 -4.69 35.90
N CYS A 111 23.72 -4.94 34.86
CA CYS A 111 24.58 -6.10 34.76
C CYS A 111 25.75 -5.81 33.83
N TYR A 112 26.57 -6.79 33.59
CA TYR A 112 27.76 -6.74 32.81
C TYR A 112 27.45 -6.12 31.46
N PRO A 113 28.28 -5.21 30.92
CA PRO A 113 28.01 -4.51 29.68
C PRO A 113 27.66 -5.48 28.60
N TYR A 114 26.55 -5.18 27.97
CA TYR A 114 25.93 -6.04 26.99
C TYR A 114 25.68 -5.45 25.62
N ASP A 115 26.05 -6.21 24.59
CA ASP A 115 25.93 -5.80 23.19
C ASP A 115 25.38 -6.89 22.26
N VAL A 116 24.22 -6.69 21.67
CA VAL A 116 23.64 -7.73 20.82
C VAL A 116 23.49 -7.31 19.35
N PRO A 117 24.28 -7.85 18.42
CA PRO A 117 24.20 -7.54 17.03
C PRO A 117 22.81 -7.87 16.58
N ASP A 118 22.19 -6.97 15.83
CA ASP A 118 20.85 -7.20 15.33
C ASP A 118 19.90 -7.58 16.45
N TYR A 119 20.00 -6.88 17.60
CA TYR A 119 19.11 -7.25 18.67
C TYR A 119 17.71 -6.95 18.28
N ALA A 120 17.48 -6.00 17.40
CA ALA A 120 16.12 -5.75 17.04
C ALA A 120 15.46 -7.00 16.46
N SER A 121 16.21 -7.85 15.75
CA SER A 121 15.59 -9.04 15.21
C SER A 121 15.43 -10.08 16.30
N LEU A 122 16.34 -10.10 17.26
CA LEU A 122 16.19 -11.05 18.36
C LEU A 122 14.96 -10.70 19.15
N ARG A 123 14.75 -9.42 19.36
CA ARG A 123 13.64 -8.92 20.10
C ARG A 123 12.36 -9.32 19.42
N SER A 124 12.29 -9.22 18.09
CA SER A 124 11.11 -9.69 17.39
C SER A 124 10.93 -11.20 17.55
N LEU A 125 12.01 -11.96 17.39
CA LEU A 125 11.95 -13.42 17.49
C LEU A 125 11.36 -13.90 18.79
N VAL A 126 11.73 -13.27 19.89
CA VAL A 126 11.22 -13.75 21.15
C VAL A 126 10.01 -12.96 21.59
N ALA A 127 9.55 -12.04 20.77
CA ALA A 127 8.37 -11.29 21.13
C ALA A 127 7.17 -12.03 20.68
N SER A 128 7.27 -12.55 19.47
CA SER A 128 6.16 -13.23 18.82
C SER A 128 5.91 -14.59 19.44
N SER A 129 6.85 -15.08 20.23
CA SER A 129 6.68 -16.35 20.87
C SER A 129 5.75 -16.24 22.04
N GLY A 130 5.65 -15.06 22.64
CA GLY A 130 4.79 -14.91 23.78
C GLY A 130 5.35 -15.54 25.04
N THR A 131 6.59 -16.02 25.03
CA THR A 131 7.06 -16.70 26.21
C THR A 131 8.55 -16.66 26.51
N LEU A 132 8.84 -16.74 27.81
CA LEU A 132 10.18 -16.88 28.35
C LEU A 132 10.39 -18.22 29.00
N GLU A 133 9.60 -19.21 28.59
CA GLU A 133 9.74 -20.55 29.13
C GLU A 133 11.08 -21.10 28.77
N PHE A 134 11.75 -21.58 29.80
CA PHE A 134 13.10 -22.08 29.65
C PHE A 134 13.33 -23.40 30.31
N LYS A 135 14.02 -24.30 29.60
CA LYS A 135 14.36 -25.63 30.19
C LYS A 135 15.89 -25.80 30.19
N ASN A 136 16.47 -26.04 31.37
CA ASN A 136 17.94 -26.24 31.49
C ASN A 136 18.32 -27.60 30.90
N GLU A 137 19.55 -27.71 30.37
CA GLU A 137 19.99 -28.98 29.72
C GLU A 137 21.32 -29.45 30.29
N SER A 138 21.60 -30.76 30.22
CA SER A 138 22.84 -31.30 30.69
C SER A 138 23.95 -31.28 29.69
N PHE A 139 24.47 -30.08 29.40
CA PHE A 139 25.64 -29.96 28.50
C PHE A 139 26.85 -30.55 29.24
N ASN A 140 27.43 -31.64 28.72
CA ASN A 140 28.55 -32.31 29.44
C ASN A 140 29.84 -31.52 29.26
N TRP A 141 30.24 -30.73 30.28
CA TRP A 141 31.53 -30.00 30.21
C TRP A 141 32.59 -30.77 31.02
N THR A 142 33.87 -30.47 30.80
CA THR A 142 34.97 -31.22 31.47
C THR A 142 36.04 -30.32 32.09
N GLY A 143 37.04 -29.93 31.30
CA GLY A 143 38.19 -29.23 31.89
C GLY A 143 38.13 -27.70 31.86
N VAL A 144 36.99 -27.17 32.25
CA VAL A 144 36.80 -25.74 32.32
C VAL A 144 36.13 -25.38 33.63
N THR A 145 36.25 -24.15 34.03
CA THR A 145 35.51 -23.74 35.20
C THR A 145 34.13 -23.54 34.66
N GLN A 146 33.13 -24.15 35.28
CA GLN A 146 31.75 -24.05 34.72
C GLN A 146 30.93 -23.01 35.50
N ASN A 147 31.61 -22.03 36.12
CA ASN A 147 30.89 -20.96 36.87
C ASN A 147 31.71 -19.66 36.87
N GLY A 148 31.82 -19.00 35.71
CA GLY A 148 32.49 -17.68 35.66
C GLY A 148 31.56 -16.62 36.22
N THR A 149 32.08 -15.63 36.96
CA THR A 149 31.16 -14.68 37.62
C THR A 149 31.69 -13.24 37.54
N SER A 150 30.82 -12.25 37.82
CA SER A 150 31.20 -10.86 37.77
C SER A 150 30.43 -9.99 38.73
N SER A 151 31.17 -9.04 39.31
CA SER A 151 30.72 -8.04 40.27
C SER A 151 29.81 -7.01 39.64
N ALA A 152 29.76 -7.02 38.34
CA ALA A 152 28.88 -6.14 37.60
C ALA A 152 27.39 -6.36 37.90
N CYS A 153 26.99 -7.63 38.25
CA CYS A 153 25.61 -8.05 38.40
C CYS A 153 25.41 -8.54 39.83
N ILE A 154 24.85 -7.70 40.68
CA ILE A 154 24.74 -8.13 42.05
C ILE A 154 23.39 -8.71 42.39
N ARG A 155 23.45 -9.95 42.83
CA ARG A 155 22.28 -10.71 43.20
C ARG A 155 22.54 -11.33 44.54
N GLY A 156 21.67 -11.12 45.49
CA GLY A 156 21.91 -11.77 46.78
C GLY A 156 23.14 -11.18 47.44
N SER A 157 23.42 -9.94 47.14
CA SER A 157 24.60 -9.23 47.63
C SER A 157 25.92 -9.87 47.20
N SER A 158 25.95 -10.60 46.09
CA SER A 158 27.22 -11.11 45.61
C SER A 158 27.35 -11.07 44.10
N SER A 159 28.48 -11.53 43.59
CA SER A 159 28.75 -11.50 42.16
C SER A 159 28.07 -12.64 41.46
N SER A 160 27.19 -12.36 40.48
CA SER A 160 26.47 -13.45 39.82
C SER A 160 26.32 -13.46 38.30
N PHE A 161 26.90 -12.49 37.59
CA PHE A 161 26.76 -12.45 36.12
C PHE A 161 25.28 -12.52 35.64
N PHE A 162 24.97 -13.32 34.63
CA PHE A 162 23.60 -13.41 34.10
C PHE A 162 23.07 -14.78 34.45
N SER A 163 21.77 -14.94 34.65
CA SER A 163 21.27 -16.24 35.06
C SER A 163 21.08 -17.32 34.00
N ARG A 164 20.90 -17.00 32.71
CA ARG A 164 20.70 -18.10 31.78
C ARG A 164 21.97 -18.52 31.05
N LEU A 165 23.05 -17.81 31.30
CA LEU A 165 24.32 -18.09 30.66
C LEU A 165 25.37 -18.64 31.60
N ASN A 166 26.30 -19.38 31.03
CA ASN A 166 27.39 -19.96 31.76
C ASN A 166 28.73 -19.53 31.22
N TRP A 167 29.40 -18.70 31.98
CA TRP A 167 30.67 -18.17 31.56
C TRP A 167 31.74 -19.19 31.85
N LEU A 168 32.34 -19.77 30.82
CA LEU A 168 33.32 -20.80 31.06
C LEU A 168 34.67 -20.13 31.07
N THR A 169 35.55 -20.57 31.96
CA THR A 169 36.90 -20.00 32.02
C THR A 169 37.91 -21.11 32.06
N HIS A 170 39.19 -20.80 32.03
CA HIS A 170 40.11 -21.92 32.15
C HIS A 170 39.94 -22.55 33.49
N LEU A 171 40.45 -23.79 33.61
CA LEU A 171 40.46 -24.50 34.91
C LEU A 171 41.83 -25.17 35.00
N ASN A 172 42.60 -24.90 36.06
CA ASN A 172 43.98 -25.44 36.17
C ASN A 172 44.82 -24.91 35.00
N TYR A 173 44.74 -23.61 34.72
CA TYR A 173 45.58 -22.97 33.66
C TYR A 173 45.46 -23.68 32.31
N THR A 174 44.28 -24.19 31.95
CA THR A 174 44.11 -24.77 30.63
C THR A 174 42.66 -24.70 30.19
N TYR A 175 42.46 -24.62 28.89
CA TYR A 175 41.13 -24.56 28.34
C TYR A 175 41.06 -25.54 27.20
N PRO A 176 40.72 -26.84 27.40
CA PRO A 176 40.74 -27.80 26.29
C PRO A 176 39.68 -27.48 25.24
N ALA A 177 39.93 -27.84 23.98
CA ALA A 177 38.94 -27.59 22.90
C ALA A 177 37.61 -28.23 23.29
N LEU A 178 36.55 -27.43 23.45
CA LEU A 178 35.25 -27.98 23.90
C LEU A 178 34.42 -28.38 22.68
N ASN A 179 34.28 -29.67 22.42
CA ASN A 179 33.45 -30.17 21.29
C ASN A 179 32.24 -30.92 21.88
N VAL A 180 31.14 -30.23 22.15
CA VAL A 180 29.98 -30.88 22.82
C VAL A 180 28.78 -30.94 21.88
N THR A 181 27.93 -31.96 22.01
CA THR A 181 26.76 -32.10 21.17
C THR A 181 25.49 -32.26 21.97
N MET A 182 24.48 -31.51 21.60
CA MET A 182 23.17 -31.58 22.22
C MET A 182 22.05 -31.78 21.18
N PRO A 183 21.65 -33.02 20.87
CA PRO A 183 20.64 -33.39 19.90
C PRO A 183 19.25 -32.88 20.24
N ASN A 184 18.43 -32.57 19.23
CA ASN A 184 17.04 -32.17 19.47
C ASN A 184 16.06 -33.31 19.16
N LYS A 185 15.60 -33.99 20.20
CA LYS A 185 14.72 -35.14 20.04
C LYS A 185 13.27 -34.81 20.32
N GLU A 186 12.97 -33.54 20.51
CA GLU A 186 11.62 -33.13 20.81
C GLU A 186 10.99 -32.52 19.60
N GLN A 187 9.74 -32.10 19.72
CA GLN A 187 9.01 -31.55 18.60
C GLN A 187 9.08 -30.05 18.53
N PHE A 188 9.88 -29.46 19.38
CA PHE A 188 9.97 -28.02 19.42
C PHE A 188 11.20 -27.52 18.73
N ASP A 189 11.07 -26.38 18.07
CA ASP A 189 12.27 -25.74 17.64
C ASP A 189 12.88 -25.23 18.93
N LYS A 190 14.19 -25.33 19.07
CA LYS A 190 14.82 -24.84 20.28
C LYS A 190 15.67 -23.62 20.04
N LEU A 191 15.49 -22.62 20.88
CA LEU A 191 16.29 -21.42 20.76
C LEU A 191 17.43 -21.40 21.75
N TYR A 192 18.64 -21.35 21.23
CA TYR A 192 19.79 -21.30 22.09
C TYR A 192 20.42 -19.93 22.05
N ILE A 193 20.73 -19.42 23.22
CA ILE A 193 21.38 -18.14 23.38
C ILE A 193 22.78 -18.38 23.88
N TRP A 194 23.76 -17.79 23.23
CA TRP A 194 25.15 -17.95 23.62
C TRP A 194 25.93 -16.73 23.27
N GLY A 195 27.13 -16.58 23.79
CA GLY A 195 27.89 -15.41 23.37
C GLY A 195 29.38 -15.55 23.46
N VAL A 196 30.04 -14.44 23.17
CA VAL A 196 31.48 -14.37 23.17
C VAL A 196 31.98 -13.24 24.03
N HIS A 197 33.02 -13.54 24.78
CA HIS A 197 33.63 -12.58 25.66
C HIS A 197 34.69 -11.77 24.93
N HIS A 198 34.67 -10.46 25.16
CA HIS A 198 35.66 -9.55 24.62
C HIS A 198 36.28 -8.83 25.83
N PRO A 199 37.31 -9.41 26.47
CA PRO A 199 37.88 -9.04 27.76
C PRO A 199 38.47 -7.64 27.85
N GLY A 200 38.81 -7.06 26.73
CA GLY A 200 39.32 -5.70 26.76
C GLY A 200 40.83 -5.52 26.75
N THR A 201 41.57 -6.57 27.04
CA THR A 201 43.02 -6.50 27.08
C THR A 201 43.71 -7.85 27.03
N ASP A 202 44.95 -7.83 26.56
CA ASP A 202 45.76 -9.01 26.49
C ASP A 202 45.94 -9.60 27.86
N LYS A 203 46.06 -8.74 28.86
CA LYS A 203 46.29 -9.20 30.20
C LYS A 203 45.22 -10.18 30.65
N ASP A 204 43.98 -9.86 30.35
CA ASP A 204 42.84 -10.66 30.75
C ASP A 204 42.63 -11.84 29.85
N GLN A 205 42.97 -11.71 28.58
CA GLN A 205 42.78 -12.86 27.73
C GLN A 205 43.67 -13.99 28.24
N ILE A 206 44.84 -13.63 28.76
CA ILE A 206 45.67 -14.67 29.32
C ILE A 206 45.16 -15.06 30.69
N PHE A 207 44.90 -14.11 31.56
CA PHE A 207 44.47 -14.50 32.88
C PHE A 207 43.25 -15.40 32.92
N LEU A 208 42.24 -15.01 32.16
CA LEU A 208 40.96 -15.65 32.12
C LEU A 208 40.85 -16.93 31.29
N TYR A 209 41.49 -17.02 30.11
CA TYR A 209 41.34 -18.23 29.32
C TYR A 209 42.64 -18.98 29.13
N ALA A 210 43.73 -18.44 29.70
CA ALA A 210 45.07 -18.98 29.61
C ALA A 210 45.54 -19.11 28.17
N GLN A 211 45.08 -18.23 27.31
CA GLN A 211 45.46 -18.31 25.91
C GLN A 211 45.60 -16.95 25.33
N SER A 212 46.40 -16.81 24.29
CA SER A 212 46.53 -15.51 23.64
C SER A 212 45.33 -15.12 22.81
N SER A 213 44.50 -16.08 22.46
CA SER A 213 43.34 -15.84 21.63
C SER A 213 42.28 -16.87 21.93
N GLY A 214 41.42 -17.12 20.95
CA GLY A 214 40.33 -18.10 21.05
C GLY A 214 39.41 -18.01 19.83
N ARG A 215 38.61 -19.04 19.62
CA ARG A 215 37.66 -19.09 18.51
C ARG A 215 36.38 -19.80 18.92
N ILE A 216 35.24 -19.32 18.42
CA ILE A 216 34.01 -20.04 18.69
C ILE A 216 33.24 -20.36 17.43
N THR A 217 32.90 -21.63 17.24
CA THR A 217 32.10 -22.03 16.11
C THR A 217 30.88 -22.82 16.56
N VAL A 218 29.72 -22.44 16.08
CA VAL A 218 28.49 -23.10 16.44
C VAL A 218 27.79 -23.58 15.18
N SER A 219 27.40 -24.83 15.13
CA SER A 219 26.73 -25.29 13.93
C SER A 219 25.67 -26.36 14.11
N THR A 220 24.83 -26.42 13.09
CA THR A 220 23.73 -27.36 12.93
C THR A 220 23.88 -27.97 11.54
N LYS A 221 22.90 -28.75 11.08
CA LYS A 221 23.00 -29.32 9.74
C LYS A 221 22.45 -28.36 8.71
N ARG A 222 21.93 -27.23 9.17
CA ARG A 222 21.32 -26.28 8.28
C ARG A 222 22.13 -25.01 8.13
N SER A 223 22.86 -24.62 9.16
CA SER A 223 23.65 -23.39 9.11
C SER A 223 24.81 -23.40 10.07
N GLN A 224 25.72 -22.46 9.90
CA GLN A 224 26.85 -22.33 10.81
C GLN A 224 27.17 -20.88 11.09
N GLN A 225 27.68 -20.61 12.29
CA GLN A 225 28.11 -19.28 12.68
C GLN A 225 29.46 -19.35 13.33
N ALA A 226 30.26 -18.30 13.23
CA ALA A 226 31.51 -18.29 13.97
C ALA A 226 31.90 -16.89 14.31
N VAL A 227 32.56 -16.75 15.45
CA VAL A 227 33.04 -15.46 15.89
C VAL A 227 34.48 -15.53 16.37
N ILE A 228 35.14 -14.39 16.36
CA ILE A 228 36.49 -14.27 16.89
C ILE A 228 36.50 -13.14 17.92
N PRO A 229 36.96 -13.34 19.15
CA PRO A 229 37.06 -12.33 20.17
C PRO A 229 37.93 -11.18 19.68
N ASN A 230 37.55 -9.96 19.99
CA ASN A 230 38.31 -8.78 19.58
C ASN A 230 38.93 -8.09 20.78
N ILE A 231 40.24 -8.14 20.88
CA ILE A 231 40.90 -7.61 22.05
C ILE A 231 41.26 -6.15 21.88
N GLY A 232 40.86 -5.35 22.86
CA GLY A 232 41.13 -3.93 22.93
C GLY A 232 40.13 -3.34 23.89
N SER A 233 40.39 -2.15 24.41
CA SER A 233 39.50 -1.54 25.38
C SER A 233 38.30 -0.89 24.74
N ARG A 234 37.33 -0.55 25.57
CA ARG A 234 36.13 0.15 25.20
C ARG A 234 35.83 1.10 26.33
N PRO A 235 35.03 2.15 26.15
CA PRO A 235 34.65 3.02 27.24
C PRO A 235 34.09 2.18 28.35
N ARG A 236 34.48 2.46 29.58
CA ARG A 236 33.99 1.66 30.67
C ARG A 236 32.55 1.96 31.01
N ILE A 237 31.80 0.88 31.15
CA ILE A 237 30.41 0.89 31.54
C ILE A 237 30.28 0.18 32.85
N ARG A 238 29.73 0.82 33.87
CA ARG A 238 29.67 0.19 35.18
C ARG A 238 31.06 -0.25 35.60
N ASP A 239 32.03 0.61 35.29
CA ASP A 239 33.45 0.45 35.57
C ASP A 239 34.14 -0.69 34.81
N ILE A 240 33.48 -1.30 33.84
CA ILE A 240 34.06 -2.39 33.08
C ILE A 240 34.33 -2.07 31.60
N PRO A 241 35.58 -2.18 31.12
CA PRO A 241 35.96 -1.94 29.73
C PRO A 241 35.62 -3.09 28.80
N SER A 242 35.36 -4.24 29.38
CA SER A 242 35.11 -5.44 28.62
C SER A 242 33.64 -5.56 28.30
N ARG A 243 33.30 -6.36 27.30
CA ARG A 243 31.89 -6.54 26.96
C ARG A 243 31.51 -7.97 26.53
N ILE A 244 30.22 -8.29 26.62
CA ILE A 244 29.73 -9.58 26.14
C ILE A 244 28.86 -9.39 24.91
N SER A 245 29.14 -10.20 23.89
CA SER A 245 28.35 -10.15 22.66
C SER A 245 27.48 -11.38 22.48
N ILE A 246 26.19 -11.15 22.26
CA ILE A 246 25.22 -12.27 22.16
C ILE A 246 24.73 -12.61 20.77
N TYR A 247 24.77 -13.90 20.48
CA TYR A 247 24.37 -14.54 19.25
C TYR A 247 23.34 -15.62 19.52
N TRP A 248 22.53 -15.98 18.53
CA TRP A 248 21.59 -17.05 18.79
C TRP A 248 21.43 -17.97 17.61
N THR A 249 20.96 -19.17 17.90
CA THR A 249 20.71 -20.13 16.85
C THR A 249 19.48 -20.97 17.13
N ILE A 250 18.86 -21.47 16.08
CA ILE A 250 17.67 -22.30 16.23
C ILE A 250 17.89 -23.71 15.73
N VAL A 251 17.59 -24.67 16.57
CA VAL A 251 17.75 -26.06 16.19
C VAL A 251 16.41 -26.70 15.90
N LYS A 252 16.26 -27.20 14.68
CA LYS A 252 15.03 -27.85 14.27
C LYS A 252 14.99 -29.26 14.81
N PRO A 253 13.82 -29.82 15.08
CA PRO A 253 13.67 -31.19 15.52
C PRO A 253 14.35 -32.11 14.55
N GLY A 254 15.11 -33.06 15.07
CA GLY A 254 15.82 -34.02 14.25
C GLY A 254 17.26 -33.60 14.02
N ASP A 255 17.55 -32.33 14.24
CA ASP A 255 18.89 -31.86 14.04
C ASP A 255 19.61 -31.89 15.37
N ILE A 256 20.88 -31.51 15.38
CA ILE A 256 21.64 -31.44 16.61
C ILE A 256 22.35 -30.13 16.73
N LEU A 257 22.70 -29.75 17.95
CA LEU A 257 23.54 -28.59 18.11
C LEU A 257 24.96 -28.95 18.44
N LEU A 258 25.90 -28.50 17.63
CA LEU A 258 27.31 -28.78 17.90
C LEU A 258 28.08 -27.51 18.24
N ILE A 259 28.68 -27.49 19.43
CA ILE A 259 29.48 -26.31 19.86
C ILE A 259 30.97 -26.68 19.83
N ASN A 260 31.77 -25.92 19.08
CA ASN A 260 33.23 -26.17 18.97
C ASN A 260 33.96 -24.91 19.44
N SER A 261 34.59 -24.93 20.61
CA SER A 261 35.19 -23.66 21.13
C SER A 261 36.55 -23.86 21.80
N THR A 262 37.47 -22.90 21.62
CA THR A 262 38.76 -22.93 22.25
C THR A 262 38.90 -21.87 23.31
N GLY A 263 37.86 -21.11 23.57
CA GLY A 263 37.95 -20.06 24.56
C GLY A 263 36.96 -18.95 24.31
N ASN A 264 36.77 -18.12 25.34
CA ASN A 264 35.89 -16.96 25.31
C ASN A 264 34.43 -17.29 25.12
N LEU A 265 34.04 -18.51 25.41
CA LEU A 265 32.66 -18.89 25.23
C LEU A 265 31.81 -18.75 26.45
N ILE A 266 30.70 -18.07 26.24
CA ILE A 266 29.70 -17.93 27.24
C ILE A 266 28.63 -18.89 26.77
N ALA A 267 28.54 -20.00 27.46
CA ALA A 267 27.73 -21.11 27.04
C ALA A 267 26.27 -20.98 27.43
N PRO A 268 25.36 -21.58 26.67
CA PRO A 268 23.97 -21.67 27.00
C PRO A 268 23.81 -22.63 28.14
N ARG A 269 22.78 -22.48 28.96
CA ARG A 269 22.52 -23.47 29.98
C ARG A 269 21.36 -24.36 29.61
N GLY A 270 20.78 -24.11 28.46
CA GLY A 270 19.58 -24.79 28.01
C GLY A 270 18.94 -23.99 26.91
N TYR A 271 17.66 -24.18 26.70
CA TYR A 271 16.98 -23.54 25.59
C TYR A 271 15.62 -22.99 25.90
N PHE A 272 15.20 -22.07 25.05
CA PHE A 272 13.88 -21.51 25.13
C PHE A 272 12.99 -22.14 24.10
N LYS A 273 11.72 -22.32 24.43
CA LYS A 273 10.83 -22.87 23.41
C LYS A 273 10.39 -21.82 22.43
N ILE A 274 10.33 -22.16 21.16
CA ILE A 274 9.78 -21.23 20.20
C ILE A 274 8.35 -21.56 19.91
N ARG A 275 7.50 -20.58 20.02
CA ARG A 275 6.09 -20.73 19.79
C ARG A 275 5.73 -19.68 18.76
N SER A 276 4.55 -19.81 18.18
CA SER A 276 4.07 -18.81 17.23
C SER A 276 2.63 -18.51 17.54
N GLY A 277 2.31 -17.23 17.73
CA GLY A 277 0.95 -16.88 18.09
C GLY A 277 0.70 -15.38 18.10
N LYS A 278 -0.43 -15.01 18.68
CA LYS A 278 -0.92 -13.64 18.68
C LYS A 278 -0.31 -12.74 19.73
N SER A 279 0.96 -12.42 19.55
CA SER A 279 1.64 -11.61 20.55
C SER A 279 2.65 -10.62 20.02
N SER A 280 2.97 -9.63 20.86
CA SER A 280 3.93 -8.58 20.52
C SER A 280 4.46 -7.77 21.70
N ILE A 281 5.31 -6.79 21.38
CA ILE A 281 5.84 -5.85 22.36
C ILE A 281 5.46 -4.44 22.00
N MET A 282 4.93 -3.73 22.96
CA MET A 282 4.58 -2.34 22.76
C MET A 282 5.43 -1.50 23.69
N ARG A 283 5.92 -0.38 23.21
CA ARG A 283 6.68 0.52 24.07
C ARG A 283 5.78 1.62 24.55
N SER A 284 5.55 1.67 25.85
CA SER A 284 4.63 2.66 26.40
C SER A 284 4.71 2.97 27.86
N ASP A 285 4.53 4.25 28.16
CA ASP A 285 4.45 4.70 29.53
C ASP A 285 3.01 5.00 29.90
N ALA A 286 2.35 4.05 30.51
CA ALA A 286 0.96 4.17 30.91
C ALA A 286 0.71 3.13 31.97
N PRO A 287 -0.11 3.37 32.96
CA PRO A 287 -0.44 2.41 33.97
C PRO A 287 -1.34 1.34 33.39
N ILE A 288 -1.28 0.15 33.97
CA ILE A 288 -2.17 -0.91 33.58
C ILE A 288 -3.17 -1.08 34.71
N GLY A 289 -4.43 -0.92 34.39
CA GLY A 289 -5.49 -0.94 35.38
C GLY A 289 -6.48 -2.04 35.17
N LYS A 290 -7.69 -1.81 35.68
CA LYS A 290 -8.76 -2.78 35.62
C LYS A 290 -9.92 -2.29 34.76
N CYS A 291 -9.99 -2.79 33.52
CA CYS A 291 -10.94 -2.43 32.49
C CYS A 291 -10.92 -3.52 31.44
N LYS A 292 -11.81 -3.44 30.48
CA LYS A 292 -11.80 -4.43 29.43
C LYS A 292 -11.80 -3.74 28.09
N SER A 293 -10.90 -4.15 27.22
CA SER A 293 -10.86 -3.60 25.88
C SER A 293 -10.16 -4.46 24.90
N GLU A 294 -10.71 -4.51 23.72
CA GLU A 294 -10.12 -5.28 22.65
C GLU A 294 -9.02 -4.58 21.82
N CYS A 295 -8.83 -3.23 22.01
CA CYS A 295 -7.89 -2.39 21.27
C CYS A 295 -6.92 -1.69 22.22
N ILE A 296 -5.64 -1.97 22.06
CA ILE A 296 -4.63 -1.36 22.90
C ILE A 296 -3.67 -0.54 22.07
N THR A 297 -3.43 0.69 22.49
CA THR A 297 -2.46 1.55 21.82
C THR A 297 -1.57 2.10 22.91
N PRO A 298 -0.30 2.56 22.66
CA PRO A 298 0.57 3.01 23.76
C PRO A 298 -0.13 3.73 24.93
N ASN A 299 -0.79 4.86 24.66
CA ASN A 299 -1.38 5.65 25.78
C ASN A 299 -2.78 5.16 26.16
N GLY A 300 -2.93 3.87 26.51
CA GLY A 300 -4.23 3.38 27.00
C GLY A 300 -5.07 2.65 25.98
N SER A 301 -6.20 2.06 26.40
CA SER A 301 -7.07 1.39 25.48
C SER A 301 -7.93 2.40 24.73
N ILE A 302 -8.46 1.97 23.60
CA ILE A 302 -9.37 2.73 22.75
C ILE A 302 -10.68 1.96 22.64
N PRO A 303 -11.86 2.56 22.79
CA PRO A 303 -13.10 1.86 22.60
C PRO A 303 -13.11 1.22 21.21
N ASN A 304 -13.47 -0.05 21.13
CA ASN A 304 -13.47 -0.73 19.85
C ASN A 304 -14.79 -0.57 19.13
N ASP A 305 -15.08 0.63 18.65
CA ASP A 305 -16.37 0.87 18.01
C ASP A 305 -16.30 1.71 16.74
N LYS A 306 -15.88 2.93 16.83
CA LYS A 306 -15.86 3.77 15.65
C LYS A 306 -14.86 3.13 14.70
N PRO A 307 -15.12 3.12 13.39
CA PRO A 307 -14.27 2.51 12.40
C PRO A 307 -12.89 3.14 12.22
N PHE A 308 -12.71 4.41 12.63
CA PHE A 308 -11.41 5.03 12.47
C PHE A 308 -10.94 5.63 13.77
N GLN A 309 -9.64 5.77 13.91
CA GLN A 309 -9.06 6.43 15.08
C GLN A 309 -7.90 7.28 14.65
N ASN A 310 -7.61 8.29 15.42
CA ASN A 310 -6.44 9.09 15.10
C ASN A 310 -5.54 9.24 16.28
N VAL A 311 -5.59 8.25 17.18
CA VAL A 311 -4.80 8.28 18.38
C VAL A 311 -3.38 7.85 18.08
N ASN A 312 -3.21 6.72 17.38
CA ASN A 312 -1.84 6.33 17.11
C ASN A 312 -1.68 5.43 15.89
N ARG A 313 -0.45 5.12 15.59
CA ARG A 313 -0.16 4.24 14.50
C ARG A 313 0.15 2.89 15.07
N ILE A 314 0.54 2.88 16.32
CA ILE A 314 0.89 1.65 16.97
C ILE A 314 -0.31 1.12 17.70
N THR A 315 -0.74 -0.05 17.29
CA THR A 315 -1.88 -0.70 17.87
C THR A 315 -1.62 -2.17 18.08
N TYR A 316 -2.41 -2.77 18.92
CA TYR A 316 -2.41 -4.19 19.14
C TYR A 316 -3.84 -4.68 19.31
N GLY A 317 -4.19 -5.80 18.68
CA GLY A 317 -5.54 -6.32 18.87
C GLY A 317 -6.49 -5.78 17.82
N ALA A 318 -7.78 -5.75 18.17
CA ALA A 318 -8.84 -5.39 17.24
C ALA A 318 -9.05 -3.92 17.35
N CYS A 319 -8.64 -3.14 16.32
CA CYS A 319 -8.63 -1.68 16.35
C CYS A 319 -9.21 -1.02 15.10
N PRO A 320 -9.72 0.20 15.24
CA PRO A 320 -10.11 1.11 14.18
C PRO A 320 -8.90 1.42 13.35
N ARG A 321 -9.10 1.73 12.08
CA ARG A 321 -7.98 2.05 11.20
C ARG A 321 -7.43 3.41 11.52
N TYR A 322 -6.12 3.60 11.39
CA TYR A 322 -5.56 4.91 11.66
C TYR A 322 -5.68 5.83 10.49
N VAL A 323 -6.18 7.03 10.74
CA VAL A 323 -6.28 8.04 9.70
C VAL A 323 -5.69 9.35 10.16
N LYS A 324 -5.36 10.22 9.21
CA LYS A 324 -4.84 11.54 9.54
C LYS A 324 -5.91 12.60 9.74
N HIS A 325 -7.17 12.25 9.54
CA HIS A 325 -8.25 13.19 9.69
C HIS A 325 -8.49 13.47 11.14
N SER A 326 -8.87 14.70 11.48
CA SER A 326 -9.22 14.98 12.86
C SER A 326 -10.64 14.57 13.16
N THR A 327 -11.53 14.75 12.19
CA THR A 327 -12.92 14.38 12.34
C THR A 327 -13.51 13.88 11.05
N LEU A 328 -14.53 13.06 11.17
CA LEU A 328 -15.35 12.63 10.07
C LEU A 328 -16.75 12.61 10.60
N LYS A 329 -17.67 13.32 9.94
CA LYS A 329 -19.03 13.35 10.46
C LYS A 329 -19.99 12.76 9.48
N LEU A 330 -20.71 11.77 9.95
CA LEU A 330 -21.66 11.01 9.16
C LEU A 330 -23.08 11.36 9.49
N ALA A 331 -23.80 11.88 8.51
CA ALA A 331 -25.17 12.29 8.71
C ALA A 331 -26.02 11.10 9.02
N THR A 332 -26.94 11.29 9.94
CA THR A 332 -27.88 10.27 10.33
C THR A 332 -29.25 10.88 10.20
N GLY A 333 -29.23 12.18 9.98
CA GLY A 333 -30.44 12.97 9.83
C GLY A 333 -30.68 13.36 8.38
N MET A 334 -31.34 14.49 8.19
CA MET A 334 -31.73 14.97 6.86
C MET A 334 -31.35 16.43 6.74
N ARG A 335 -31.38 17.00 5.55
CA ARG A 335 -31.02 18.41 5.46
C ARG A 335 -31.91 19.22 6.38
N ASN A 336 -31.32 20.16 7.08
CA ASN A 336 -32.10 20.95 8.00
C ASN A 336 -32.86 22.08 7.27
N VAL A 337 -33.94 22.55 7.91
CA VAL A 337 -34.87 23.66 7.55
C VAL A 337 -35.09 23.75 6.03
N PHE A 352 -39.35 23.44 -3.04
CA PHE A 352 -40.72 23.02 -3.33
C PHE A 352 -41.51 22.89 -2.02
N ILE A 353 -41.12 21.93 -1.16
CA ILE A 353 -41.70 21.71 0.16
C ILE A 353 -41.25 22.87 0.99
N GLU A 354 -42.17 23.43 1.73
CA GLU A 354 -41.90 24.60 2.51
C GLU A 354 -40.92 24.35 3.63
N ASN A 355 -40.58 25.40 4.35
CA ASN A 355 -39.59 25.28 5.38
C ASN A 355 -39.96 24.21 6.36
N GLY A 356 -38.96 23.44 6.77
CA GLY A 356 -39.21 22.35 7.68
C GLY A 356 -39.87 22.87 8.93
N TRP A 357 -40.66 21.99 9.50
CA TRP A 357 -41.46 22.28 10.64
C TRP A 357 -40.74 21.92 11.91
N GLU A 358 -40.36 22.93 12.66
CA GLU A 358 -39.61 22.72 13.90
C GLU A 358 -40.48 22.09 14.95
N GLY A 359 -41.78 22.24 14.78
CA GLY A 359 -42.73 21.72 15.72
C GLY A 359 -43.13 20.28 15.43
N MET A 360 -42.55 19.63 14.42
CA MET A 360 -42.97 18.26 14.20
C MET A 360 -42.20 17.42 15.19
N VAL A 361 -42.89 16.65 16.03
CA VAL A 361 -42.16 15.87 17.02
C VAL A 361 -42.43 14.37 17.02
N ASP A 362 -43.42 13.93 16.27
CA ASP A 362 -43.82 12.52 16.27
C ASP A 362 -43.36 11.72 15.06
N GLY A 363 -42.40 12.23 14.32
CA GLY A 363 -41.92 11.53 13.15
C GLY A 363 -41.08 12.46 12.33
N TRP A 364 -40.72 12.06 11.12
CA TRP A 364 -39.88 12.91 10.32
C TRP A 364 -40.61 13.55 9.18
N TYR A 365 -41.66 12.88 8.73
CA TYR A 365 -42.42 13.36 7.59
C TYR A 365 -43.83 13.39 8.07
N GLY A 366 -44.64 14.30 7.56
CA GLY A 366 -46.02 14.33 8.03
C GLY A 366 -46.94 15.31 7.35
N PHE A 367 -48.13 15.36 7.91
CA PHE A 367 -49.21 16.14 7.38
C PHE A 367 -49.60 17.30 8.27
N ARG A 368 -50.04 18.35 7.63
CA ARG A 368 -50.58 19.51 8.29
C ARG A 368 -51.83 19.92 7.54
N HIS A 369 -52.89 20.26 8.24
CA HIS A 369 -54.09 20.61 7.50
C HIS A 369 -54.94 21.69 8.09
N GLN A 370 -55.72 22.29 7.21
CA GLN A 370 -56.74 23.28 7.55
C GLN A 370 -58.06 22.90 6.90
N ASN A 371 -59.09 22.94 7.71
CA ASN A 371 -60.43 22.58 7.33
C ASN A 371 -61.41 23.56 7.90
N SER A 372 -62.68 23.34 7.61
CA SER A 372 -63.75 24.17 8.15
C SER A 372 -63.86 23.96 9.65
N GLU A 373 -63.25 22.89 10.11
CA GLU A 373 -63.19 22.49 11.49
C GLU A 373 -61.91 22.90 12.18
N GLY A 374 -61.09 23.73 11.54
CA GLY A 374 -59.84 24.16 12.17
C GLY A 374 -58.60 23.45 11.64
N ARG A 375 -57.59 23.38 12.49
CA ARG A 375 -56.28 22.90 12.04
C ARG A 375 -55.72 21.77 12.88
N GLY A 376 -54.78 21.05 12.31
CA GLY A 376 -54.08 20.00 13.06
C GLY A 376 -52.93 19.37 12.28
N GLN A 377 -52.19 18.49 12.97
CA GLN A 377 -51.04 17.80 12.38
C GLN A 377 -50.94 16.35 12.80
N ALA A 378 -50.30 15.55 11.97
CA ALA A 378 -49.95 14.18 12.34
C ALA A 378 -48.78 13.70 11.52
N ALA A 379 -47.85 12.99 12.13
CA ALA A 379 -46.76 12.42 11.36
C ALA A 379 -47.17 11.19 10.58
N ASP A 380 -46.47 10.96 9.48
CA ASP A 380 -46.59 9.76 8.70
C ASP A 380 -45.61 8.71 9.13
N LEU A 381 -46.06 7.71 9.83
CA LEU A 381 -45.09 6.80 10.33
C LEU A 381 -44.55 5.88 9.27
N LYS A 382 -45.24 5.67 8.15
CA LYS A 382 -44.66 4.71 7.23
C LYS A 382 -43.41 5.24 6.57
N SER A 383 -43.43 6.50 6.12
CA SER A 383 -42.23 7.05 5.51
C SER A 383 -41.19 7.38 6.56
N THR A 384 -41.62 7.70 7.78
CA THR A 384 -40.62 7.99 8.79
C THR A 384 -39.84 6.74 9.09
N GLN A 385 -40.52 5.62 9.24
CA GLN A 385 -39.80 4.44 9.57
C GLN A 385 -38.91 4.01 8.44
N ALA A 386 -39.36 4.16 7.20
CA ALA A 386 -38.50 3.74 6.13
C ALA A 386 -37.20 4.49 6.14
N ALA A 387 -37.25 5.79 6.39
CA ALA A 387 -36.03 6.57 6.39
C ALA A 387 -35.10 6.12 7.50
N ILE A 388 -35.67 5.81 8.66
CA ILE A 388 -34.85 5.39 9.78
C ILE A 388 -34.19 4.07 9.57
N ASP A 389 -34.89 3.08 9.07
CA ASP A 389 -34.25 1.80 8.88
C ASP A 389 -33.18 1.85 7.83
N GLN A 390 -33.34 2.64 6.79
CA GLN A 390 -32.31 2.68 5.78
C GLN A 390 -31.04 3.29 6.40
N ILE A 391 -31.21 4.30 7.24
CA ILE A 391 -30.07 4.92 7.89
C ILE A 391 -29.40 4.01 8.90
N ASN A 392 -30.18 3.32 9.72
CA ASN A 392 -29.55 2.45 10.69
C ASN A 392 -28.86 1.30 10.00
N GLY A 393 -29.37 0.88 8.85
CA GLY A 393 -28.74 -0.18 8.09
C GLY A 393 -27.32 0.26 7.72
N LYS A 394 -27.21 1.48 7.20
CA LYS A 394 -25.90 1.98 6.83
C LYS A 394 -24.98 2.09 8.03
N LEU A 395 -25.48 2.54 9.17
CA LEU A 395 -24.61 2.63 10.34
C LEU A 395 -24.15 1.27 10.82
N ASN A 396 -25.04 0.30 10.80
CA ASN A 396 -24.70 -1.02 11.28
C ASN A 396 -23.64 -1.68 10.42
N ARG A 397 -23.60 -1.32 9.15
CA ARG A 397 -22.62 -1.85 8.23
C ARG A 397 -21.20 -1.34 8.51
N LEU A 398 -21.07 -0.21 9.20
CA LEU A 398 -19.75 0.38 9.42
C LEU A 398 -19.26 0.31 10.86
N ILE A 399 -20.15 0.58 11.80
CA ILE A 399 -19.77 0.69 13.19
C ILE A 399 -19.59 -0.65 13.83
N GLY A 400 -18.47 -0.81 14.54
CA GLY A 400 -18.15 -2.04 15.21
C GLY A 400 -17.40 -3.01 14.31
N LYS A 401 -17.10 -2.61 13.08
CA LYS A 401 -16.39 -3.51 12.20
C LYS A 401 -14.92 -3.15 12.11
N THR A 402 -14.10 -3.85 12.87
CA THR A 402 -12.68 -3.59 12.96
C THR A 402 -11.91 -4.86 12.75
N ASN A 403 -10.62 -4.75 12.45
CA ASN A 403 -9.82 -5.95 12.24
C ASN A 403 -8.73 -6.11 13.28
N GLU A 404 -8.44 -7.38 13.59
CA GLU A 404 -7.45 -7.75 14.57
C GLU A 404 -6.06 -7.99 13.98
N LYS A 405 -5.06 -7.31 14.53
CA LYS A 405 -3.68 -7.41 14.05
C LYS A 405 -2.68 -7.70 15.16
N PHE A 406 -1.62 -8.44 14.80
CA PHE A 406 -0.56 -8.75 15.75
C PHE A 406 0.82 -8.57 15.17
N HIS A 407 1.76 -8.27 16.04
CA HIS A 407 3.17 -8.22 15.71
C HIS A 407 3.50 -7.45 14.45
N GLN A 408 3.17 -6.19 14.47
CA GLN A 408 3.34 -5.30 13.35
C GLN A 408 4.77 -4.78 13.38
N ILE A 409 5.24 -4.29 12.25
CA ILE A 409 6.60 -3.77 12.19
C ILE A 409 6.77 -2.56 13.09
N GLU A 410 8.00 -2.25 13.41
CA GLU A 410 8.25 -1.11 14.27
C GLU A 410 7.90 0.14 13.52
N LYS A 411 7.30 1.11 14.21
CA LYS A 411 6.93 2.35 13.54
C LYS A 411 7.71 3.56 14.01
N GLU A 412 8.27 3.50 15.20
CA GLU A 412 8.99 4.63 15.78
C GLU A 412 10.44 4.22 16.02
N PHE A 413 11.35 5.17 15.87
CA PHE A 413 12.76 4.86 16.01
C PHE A 413 13.49 5.86 16.87
N SER A 414 14.53 5.39 17.56
CA SER A 414 15.39 6.21 18.41
C SER A 414 16.83 6.30 17.90
N GLU A 415 17.05 5.84 16.68
CA GLU A 415 18.36 5.78 16.05
C GLU A 415 18.25 5.98 14.56
N VAL A 416 19.32 6.42 13.91
CA VAL A 416 19.30 6.55 12.46
C VAL A 416 20.03 5.38 11.85
N GLU A 417 19.29 4.55 11.13
CA GLU A 417 19.83 3.29 10.65
C GLU A 417 20.20 3.16 9.18
N GLY A 418 19.64 3.96 8.29
CA GLY A 418 19.92 3.74 6.87
C GLY A 418 18.75 3.11 6.13
N ARG A 419 19.03 2.34 5.07
CA ARG A 419 17.97 1.90 4.16
C ARG A 419 16.84 1.07 4.72
N VAL A 420 17.09 0.18 5.66
CA VAL A 420 15.96 -0.62 6.08
C VAL A 420 14.94 0.25 6.76
N GLN A 421 15.42 1.12 7.62
CA GLN A 421 14.55 2.04 8.32
C GLN A 421 13.82 2.96 7.37
N ASP A 422 14.51 3.44 6.32
CA ASP A 422 13.83 4.33 5.40
C ASP A 422 12.67 3.62 4.75
N LEU A 423 12.86 2.35 4.43
CA LEU A 423 11.79 1.61 3.81
C LEU A 423 10.65 1.40 4.76
N GLU A 424 10.94 1.10 6.02
CA GLU A 424 9.87 0.86 6.97
C GLU A 424 9.03 2.13 7.13
N LYS A 425 9.67 3.29 7.17
CA LYS A 425 8.90 4.51 7.30
C LYS A 425 8.08 4.76 6.06
N TYR A 426 8.64 4.48 4.90
CA TYR A 426 7.97 4.68 3.64
C TYR A 426 6.70 3.88 3.55
N VAL A 427 6.75 2.60 3.88
CA VAL A 427 5.55 1.82 3.72
C VAL A 427 4.51 2.23 4.72
N GLU A 428 4.90 2.64 5.92
CA GLU A 428 3.89 3.03 6.87
C GLU A 428 3.18 4.28 6.42
N ASP A 429 3.92 5.23 5.86
CA ASP A 429 3.27 6.45 5.43
C ASP A 429 2.36 6.17 4.25
N THR A 430 2.76 5.26 3.37
CA THR A 430 1.92 4.95 2.23
C THR A 430 0.59 4.38 2.68
N LYS A 431 0.65 3.45 3.62
CA LYS A 431 -0.56 2.81 4.12
C LYS A 431 -1.52 3.82 4.70
N ILE A 432 -0.99 4.76 5.46
CA ILE A 432 -1.86 5.71 6.07
C ILE A 432 -2.51 6.62 5.06
N ASP A 433 -1.76 7.13 4.09
CA ASP A 433 -2.44 8.03 3.17
C ASP A 433 -3.56 7.31 2.44
N LEU A 434 -3.36 6.06 2.07
CA LEU A 434 -4.43 5.38 1.36
C LEU A 434 -5.63 5.13 2.24
N TRP A 435 -5.43 4.77 3.51
CA TRP A 435 -6.62 4.57 4.32
C TRP A 435 -7.30 5.89 4.65
N SER A 436 -6.54 6.99 4.74
CA SER A 436 -7.14 8.27 5.01
C SER A 436 -7.98 8.67 3.82
N TYR A 437 -7.48 8.41 2.62
CA TYR A 437 -8.20 8.69 1.40
C TYR A 437 -9.51 7.97 1.38
N ASN A 438 -9.48 6.67 1.68
CA ASN A 438 -10.69 5.90 1.66
C ASN A 438 -11.67 6.39 2.68
N ALA A 439 -11.18 6.80 3.85
CA ALA A 439 -12.09 7.27 4.86
C ALA A 439 -12.82 8.51 4.43
N GLU A 440 -12.13 9.43 3.78
CA GLU A 440 -12.78 10.65 3.36
C GLU A 440 -13.77 10.41 2.25
N LEU A 441 -13.40 9.59 1.29
CA LEU A 441 -14.30 9.37 0.18
C LEU A 441 -15.53 8.64 0.64
N LEU A 442 -15.36 7.65 1.53
CA LEU A 442 -16.51 6.93 1.98
C LEU A 442 -17.47 7.83 2.68
N VAL A 443 -17.00 8.70 3.55
CA VAL A 443 -17.95 9.54 4.24
C VAL A 443 -18.62 10.50 3.29
N ALA A 444 -17.87 11.08 2.35
CA ALA A 444 -18.49 12.02 1.43
C ALA A 444 -19.60 11.37 0.62
N LEU A 445 -19.40 10.09 0.24
CA LEU A 445 -20.43 9.39 -0.50
C LEU A 445 -21.58 9.00 0.39
N GLU A 446 -21.31 8.60 1.62
CA GLU A 446 -22.39 8.21 2.49
C GLU A 446 -23.26 9.39 2.82
N ASN A 447 -22.66 10.55 3.03
CA ASN A 447 -23.50 11.68 3.35
C ASN A 447 -24.29 12.12 2.16
N GLN A 448 -23.72 12.05 0.96
CA GLN A 448 -24.50 12.46 -0.17
C GLN A 448 -25.65 11.53 -0.35
N HIS A 449 -25.40 10.26 -0.11
CA HIS A 449 -26.44 9.30 -0.25
C HIS A 449 -27.53 9.57 0.74
N THR A 450 -27.16 9.82 1.98
CA THR A 450 -28.13 10.02 3.05
C THR A 450 -29.03 11.19 2.74
N ILE A 451 -28.47 12.27 2.23
CA ILE A 451 -29.32 13.40 1.95
C ILE A 451 -30.30 13.05 0.85
N ASP A 452 -29.85 12.41 -0.20
CA ASP A 452 -30.76 12.09 -1.27
C ASP A 452 -31.78 11.04 -0.83
N LEU A 453 -31.36 10.17 0.07
CA LEU A 453 -32.16 9.11 0.62
C LEU A 453 -33.33 9.64 1.39
N THR A 454 -33.15 10.70 2.18
CA THR A 454 -34.29 11.17 2.92
C THR A 454 -35.15 12.08 2.07
N ASP A 455 -34.57 12.79 1.11
CA ASP A 455 -35.39 13.67 0.30
C ASP A 455 -36.32 12.89 -0.61
N SER A 456 -35.90 11.71 -1.04
CA SER A 456 -36.78 10.95 -1.88
C SER A 456 -37.97 10.43 -1.09
N GLU A 457 -37.89 10.32 0.24
CA GLU A 457 -39.03 9.82 0.97
C GLU A 457 -40.07 10.88 0.98
N MET A 458 -39.62 12.13 1.08
CA MET A 458 -40.55 13.24 1.07
C MET A 458 -41.28 13.31 -0.25
N ASN A 459 -40.56 13.08 -1.34
CA ASN A 459 -41.23 13.15 -2.62
C ASN A 459 -42.16 11.98 -2.83
N LYS A 460 -41.82 10.80 -2.33
CA LYS A 460 -42.72 9.68 -2.49
C LYS A 460 -44.00 9.93 -1.73
N LEU A 461 -43.92 10.52 -0.54
CA LEU A 461 -45.12 10.78 0.21
C LEU A 461 -45.99 11.76 -0.56
N PHE A 462 -45.35 12.76 -1.15
CA PHE A 462 -46.10 13.75 -1.89
C PHE A 462 -46.83 13.13 -3.04
N GLU A 463 -46.13 12.31 -3.79
CA GLU A 463 -46.72 11.71 -4.96
C GLU A 463 -47.86 10.79 -4.59
N LYS A 464 -47.70 10.03 -3.52
CA LYS A 464 -48.73 9.12 -3.11
C LYS A 464 -50.00 9.87 -2.74
N THR A 465 -49.84 10.97 -2.01
CA THR A 465 -51.00 11.74 -1.61
C THR A 465 -51.73 12.24 -2.82
N LYS A 466 -50.98 12.73 -3.81
CA LYS A 466 -51.60 13.23 -5.01
C LYS A 466 -52.47 12.18 -5.67
N LYS A 467 -52.05 10.92 -5.66
CA LYS A 467 -52.87 9.90 -6.29
C LYS A 467 -54.15 9.65 -5.53
N GLN A 468 -54.12 9.74 -4.21
CA GLN A 468 -55.35 9.50 -3.47
C GLN A 468 -56.38 10.54 -3.89
N LEU A 469 -55.90 11.73 -4.14
CA LEU A 469 -56.70 12.88 -4.53
C LEU A 469 -56.62 13.16 -6.00
N ARG A 470 -56.44 12.15 -6.83
CA ARG A 470 -56.19 12.33 -8.25
C ARG A 470 -57.01 13.39 -8.97
N GLU A 471 -58.32 13.38 -8.83
CA GLU A 471 -59.15 14.37 -9.51
C GLU A 471 -59.85 15.35 -8.60
N ASN A 472 -59.55 15.31 -7.32
CA ASN A 472 -60.29 16.16 -6.40
C ASN A 472 -59.44 17.24 -5.81
N ALA A 473 -58.25 17.44 -6.35
CA ALA A 473 -57.34 18.41 -5.81
C ALA A 473 -56.34 18.91 -6.81
N GLU A 474 -55.77 20.06 -6.48
CA GLU A 474 -54.71 20.66 -7.28
C GLU A 474 -53.45 20.84 -6.45
N ASP A 475 -52.31 20.68 -7.11
CA ASP A 475 -50.99 20.90 -6.51
C ASP A 475 -50.65 22.37 -6.58
N MET A 476 -50.57 23.04 -5.45
CA MET A 476 -50.40 24.48 -5.48
C MET A 476 -48.98 24.94 -5.70
N GLY A 477 -48.05 24.00 -5.84
CA GLY A 477 -46.65 24.34 -6.15
C GLY A 477 -45.75 24.61 -4.95
N ASN A 478 -46.30 24.48 -3.76
CA ASN A 478 -45.59 24.73 -2.53
C ASN A 478 -45.62 23.53 -1.60
N GLY A 479 -45.89 22.37 -2.14
CA GLY A 479 -45.99 21.18 -1.32
C GLY A 479 -47.36 20.91 -0.66
N CYS A 480 -48.39 21.74 -0.97
CA CYS A 480 -49.75 21.64 -0.43
C CYS A 480 -50.77 21.38 -1.53
N PHE A 481 -51.79 20.64 -1.18
CA PHE A 481 -52.86 20.37 -2.11
C PHE A 481 -54.11 21.13 -1.74
N LYS A 482 -54.74 21.67 -2.75
CA LYS A 482 -56.02 22.31 -2.56
C LYS A 482 -57.08 21.28 -2.80
N ILE A 483 -57.92 21.06 -1.82
CA ILE A 483 -58.96 20.06 -1.90
C ILE A 483 -60.26 20.75 -2.25
N TYR A 484 -60.91 20.25 -3.29
CA TYR A 484 -62.11 20.89 -3.80
C TYR A 484 -63.42 20.41 -3.29
N HIS A 485 -63.43 19.61 -2.26
CA HIS A 485 -64.68 19.24 -1.67
C HIS A 485 -64.60 19.78 -0.28
N LYS A 486 -65.72 20.06 0.35
CA LYS A 486 -65.59 20.60 1.71
C LYS A 486 -65.34 19.49 2.71
N CYS A 487 -64.07 19.06 2.75
CA CYS A 487 -63.53 17.97 3.55
C CYS A 487 -63.52 18.32 5.03
N ASP A 488 -63.98 17.38 5.84
CA ASP A 488 -63.99 17.46 7.29
C ASP A 488 -62.77 16.76 7.88
N ASN A 489 -62.69 16.70 9.20
CA ASN A 489 -61.52 16.06 9.76
C ASN A 489 -61.49 14.57 9.48
N ALA A 490 -62.66 13.94 9.41
CA ALA A 490 -62.69 12.52 9.18
C ALA A 490 -62.09 12.11 7.82
N CYS A 491 -62.36 12.86 6.71
CA CYS A 491 -61.75 12.57 5.40
C CYS A 491 -60.28 12.93 5.42
N ILE A 492 -59.86 13.89 6.22
CA ILE A 492 -58.43 14.09 6.25
C ILE A 492 -57.79 12.84 6.81
N GLU A 493 -58.36 12.26 7.86
CA GLU A 493 -57.75 11.06 8.42
C GLU A 493 -57.71 9.94 7.40
N SER A 494 -58.78 9.83 6.61
CA SER A 494 -58.89 8.83 5.57
C SER A 494 -57.81 9.03 4.52
N ILE A 495 -57.52 10.28 4.20
CA ILE A 495 -56.49 10.53 3.21
C ILE A 495 -55.15 10.11 3.77
N ARG A 496 -54.91 10.47 5.04
CA ARG A 496 -53.61 10.15 5.69
C ARG A 496 -53.37 8.64 5.73
N ASN A 497 -54.43 7.83 5.87
CA ASN A 497 -54.23 6.36 6.01
C ASN A 497 -54.55 5.65 4.68
N GLU A 498 -54.67 6.40 3.57
CA GLU A 498 -54.88 5.81 2.21
C GLU A 498 -56.18 5.01 2.14
N THR A 499 -57.26 5.52 2.72
CA THR A 499 -58.57 4.88 2.62
C THR A 499 -59.59 5.81 1.97
N TYR A 500 -59.09 6.89 1.40
CA TYR A 500 -59.90 7.91 0.74
C TYR A 500 -60.49 7.44 -0.58
N ASP A 501 -61.77 7.72 -0.79
CA ASP A 501 -62.40 7.33 -2.05
C ASP A 501 -62.61 8.52 -2.97
N HIS A 502 -61.84 8.62 -4.01
CA HIS A 502 -61.94 9.77 -4.88
C HIS A 502 -63.23 9.81 -5.67
N ASN A 503 -63.96 8.70 -5.72
CA ASN A 503 -65.16 8.65 -6.51
C ASN A 503 -66.39 9.13 -5.79
N VAL A 504 -66.28 9.55 -4.55
CA VAL A 504 -67.49 10.01 -3.90
C VAL A 504 -67.52 11.51 -3.81
N TYR A 505 -66.41 12.14 -4.14
CA TYR A 505 -66.35 13.58 -4.10
C TYR A 505 -66.15 14.11 -5.49
N ARG A 506 -66.23 13.22 -6.44
CA ARG A 506 -65.89 13.60 -7.79
C ARG A 506 -66.77 14.69 -8.34
N ASP A 507 -68.06 14.65 -8.04
CA ASP A 507 -68.92 15.63 -8.64
C ASP A 507 -68.82 16.95 -7.91
N GLU A 508 -68.62 16.90 -6.61
CA GLU A 508 -68.52 18.14 -5.90
C GLU A 508 -67.30 18.89 -6.38
N ALA A 509 -66.19 18.17 -6.51
CA ALA A 509 -64.96 18.80 -6.92
C ALA A 509 -65.06 19.34 -8.33
N LEU A 510 -65.70 18.63 -9.25
CA LEU A 510 -65.78 19.15 -10.60
C LEU A 510 -66.63 20.41 -10.67
N ASN A 511 -67.68 20.49 -9.86
CA ASN A 511 -68.46 21.70 -9.87
C ASN A 511 -67.70 22.84 -9.28
N ASN A 512 -66.81 22.57 -8.35
CA ASN A 512 -66.09 23.69 -7.82
C ASN A 512 -64.93 24.15 -8.68
N ARG A 513 -64.19 23.23 -9.31
CA ARG A 513 -63.02 23.64 -10.06
C ARG A 513 -63.26 24.01 -11.51
N PHE A 514 -64.17 23.33 -12.22
CA PHE A 514 -64.39 23.68 -13.62
C PHE A 514 -65.75 24.27 -13.83
N GLN A 515 -66.47 24.46 -12.74
CA GLN A 515 -67.82 24.99 -12.76
C GLN A 515 -68.76 24.25 -13.74
N ILE A 516 -68.70 22.88 -13.75
CA ILE A 516 -69.53 22.04 -14.63
C ILE A 516 -71.00 22.12 -14.20
N ALA B 25 -50.41 30.39 -27.34
CA ALA B 25 -48.97 30.66 -27.32
C ALA B 25 -48.21 29.41 -26.89
N THR B 26 -46.88 29.35 -27.20
CA THR B 26 -46.00 28.23 -26.83
C THR B 26 -44.77 28.70 -26.09
N LEU B 27 -44.52 28.08 -24.95
CA LEU B 27 -43.33 28.37 -24.17
C LEU B 27 -42.52 27.10 -23.99
N CYS B 28 -41.28 27.06 -24.52
CA CYS B 28 -40.38 25.92 -24.54
C CYS B 28 -39.19 26.11 -23.61
N LEU B 29 -38.81 25.03 -22.98
CA LEU B 29 -37.62 25.06 -22.18
C LEU B 29 -36.55 24.22 -22.81
N GLY B 30 -35.32 24.62 -22.60
CA GLY B 30 -34.22 23.85 -23.13
C GLY B 30 -32.91 24.28 -22.52
N HIS B 31 -31.85 23.80 -23.12
CA HIS B 31 -30.50 24.04 -22.67
C HIS B 31 -29.61 24.26 -23.84
N HIS B 32 -28.44 24.81 -23.59
CA HIS B 32 -27.48 25.17 -24.62
C HIS B 32 -26.83 23.94 -25.21
N ALA B 33 -25.98 24.15 -26.20
CA ALA B 33 -25.29 23.08 -26.88
C ALA B 33 -24.00 23.61 -27.48
N VAL B 34 -23.06 22.72 -27.73
CA VAL B 34 -21.80 23.10 -28.32
C VAL B 34 -21.56 22.39 -29.65
N PRO B 35 -21.31 23.10 -30.75
CA PRO B 35 -21.07 22.53 -32.06
C PRO B 35 -20.01 21.43 -32.09
N ASN B 36 -19.01 21.55 -31.22
CA ASN B 36 -17.93 20.59 -31.13
C ASN B 36 -17.55 20.37 -29.66
N GLY B 37 -18.07 19.34 -29.01
CA GLY B 37 -17.79 19.15 -27.60
C GLY B 37 -16.60 18.25 -27.40
N THR B 38 -16.47 17.71 -26.22
CA THR B 38 -15.34 16.86 -25.91
C THR B 38 -15.75 15.56 -25.30
N ILE B 39 -14.81 14.66 -25.12
CA ILE B 39 -15.14 13.35 -24.60
C ILE B 39 -14.64 13.08 -23.22
N VAL B 40 -15.54 12.58 -22.38
CA VAL B 40 -15.21 12.22 -21.02
C VAL B 40 -15.69 10.83 -20.75
N LYS B 41 -15.17 10.22 -19.71
CA LYS B 41 -15.61 8.91 -19.33
C LYS B 41 -16.56 8.93 -18.17
N THR B 42 -17.47 7.99 -18.12
CA THR B 42 -18.32 7.87 -16.95
C THR B 42 -18.38 6.45 -16.52
N ILE B 43 -18.75 6.27 -15.27
CA ILE B 43 -18.89 4.94 -14.72
C ILE B 43 -19.94 4.08 -15.45
N THR B 44 -20.95 4.67 -16.09
CA THR B 44 -21.93 3.83 -16.76
C THR B 44 -21.83 3.77 -18.27
N ASN B 45 -21.29 4.81 -18.91
CA ASN B 45 -21.29 4.81 -20.37
C ASN B 45 -19.96 4.67 -21.04
N ASP B 46 -18.86 4.77 -20.31
CA ASP B 46 -17.52 4.69 -20.88
C ASP B 46 -17.15 5.87 -21.78
N ARG B 47 -17.88 6.12 -22.86
CA ARG B 47 -17.57 7.25 -23.71
C ARG B 47 -18.76 8.16 -24.01
N ILE B 48 -18.79 9.38 -23.46
CA ILE B 48 -19.90 10.29 -23.78
C ILE B 48 -19.37 11.65 -24.18
N GLU B 49 -20.20 12.43 -24.88
CA GLU B 49 -19.80 13.79 -25.24
C GLU B 49 -20.42 14.83 -24.32
N VAL B 50 -19.58 15.75 -23.88
CA VAL B 50 -19.99 16.85 -23.02
C VAL B 50 -19.55 18.17 -23.61
N THR B 51 -20.16 19.25 -23.11
CA THR B 51 -19.88 20.60 -23.65
C THR B 51 -18.53 21.14 -23.15
N ASN B 52 -18.12 20.79 -21.93
CA ASN B 52 -16.87 21.37 -21.34
C ASN B 52 -16.16 20.31 -20.49
N ALA B 53 -14.82 20.37 -20.42
CA ALA B 53 -14.06 19.41 -19.57
C ALA B 53 -12.74 20.02 -19.09
N THR B 54 -12.09 19.39 -18.11
CA THR B 54 -10.79 19.88 -17.57
C THR B 54 -9.87 18.67 -17.32
N GLU B 55 -8.60 18.77 -17.72
CA GLU B 55 -7.63 17.65 -17.54
C GLU B 55 -7.15 17.59 -16.09
N LEU B 56 -7.01 16.38 -15.54
CA LEU B 56 -6.51 16.22 -14.19
C LEU B 56 -5.09 15.68 -14.08
N VAL B 57 -4.46 15.38 -15.20
CA VAL B 57 -3.10 14.83 -15.20
C VAL B 57 -2.11 15.77 -15.85
N GLN B 58 -1.10 16.19 -15.08
CA GLN B 58 -0.03 17.03 -15.67
C GLN B 58 0.95 16.09 -16.38
N ASN B 59 0.97 16.10 -17.72
CA ASN B 59 1.82 15.14 -18.47
C ASN B 59 2.99 15.87 -19.16
N SER B 60 3.42 17.02 -18.61
CA SER B 60 4.50 17.81 -19.26
C SER B 60 5.31 18.60 -18.23
N SER B 61 6.61 18.33 -18.11
CA SER B 61 7.45 19.10 -17.22
C SER B 61 8.04 20.27 -17.99
N ILE B 62 8.62 21.21 -17.28
CA ILE B 62 9.29 22.32 -17.93
C ILE B 62 10.59 21.93 -18.65
N GLY B 63 11.41 21.04 -18.07
CA GLY B 63 12.70 20.70 -18.66
C GLY B 63 13.81 21.46 -17.97
N GLU B 64 13.44 22.22 -16.96
CA GLU B 64 14.32 23.02 -16.17
C GLU B 64 13.89 22.97 -14.71
N ILE B 65 14.86 22.92 -13.82
CA ILE B 65 14.63 22.89 -12.39
C ILE B 65 14.63 24.31 -11.83
N CYS B 66 13.64 24.66 -10.99
CA CYS B 66 13.51 25.97 -10.35
C CYS B 66 14.39 26.04 -9.12
N ASP B 67 14.94 27.22 -8.83
CA ASP B 67 15.79 27.41 -7.68
C ASP B 67 15.09 28.13 -6.54
N SER B 68 13.77 28.10 -6.56
CA SER B 68 13.00 28.75 -5.53
C SER B 68 11.63 28.12 -5.48
N PRO B 69 11.06 27.94 -4.29
CA PRO B 69 11.51 28.27 -2.95
C PRO B 69 12.56 27.37 -2.34
N HIS B 70 12.80 26.22 -2.96
CA HIS B 70 13.73 25.26 -2.38
C HIS B 70 15.15 25.66 -2.70
N GLN B 71 16.07 25.41 -1.78
CA GLN B 71 17.47 25.69 -2.05
C GLN B 71 18.14 24.50 -2.68
N ILE B 72 18.72 24.72 -3.85
CA ILE B 72 19.32 23.61 -4.57
C ILE B 72 20.81 23.73 -4.72
N LEU B 73 21.50 22.67 -4.32
CA LEU B 73 22.93 22.62 -4.44
C LEU B 73 23.29 21.73 -5.62
N ASP B 74 23.90 22.31 -6.64
CA ASP B 74 24.18 21.59 -7.87
C ASP B 74 25.54 20.89 -7.86
N GLY B 75 25.51 19.57 -7.64
CA GLY B 75 26.78 18.81 -7.53
C GLY B 75 27.39 18.51 -8.88
N GLU B 76 28.10 19.48 -9.46
CA GLU B 76 28.74 19.28 -10.79
C GLU B 76 29.97 18.38 -10.63
N ASN B 77 29.95 17.19 -11.24
CA ASN B 77 31.11 16.24 -11.17
C ASN B 77 31.41 15.84 -9.72
N CYS B 78 30.39 15.79 -8.85
CA CYS B 78 30.61 15.42 -7.43
C CYS B 78 29.39 14.66 -6.90
N THR B 79 29.59 13.45 -6.35
CA THR B 79 28.46 12.78 -5.73
C THR B 79 28.43 13.35 -4.33
N LEU B 80 27.37 13.13 -3.56
CA LEU B 80 27.38 13.77 -2.25
C LEU B 80 28.48 13.24 -1.37
N ILE B 81 28.77 11.96 -1.48
CA ILE B 81 29.80 11.37 -0.66
C ILE B 81 31.21 11.84 -1.04
N ASP B 82 31.39 12.48 -2.19
CA ASP B 82 32.74 12.93 -2.50
C ASP B 82 32.89 14.26 -1.82
N ALA B 83 31.81 15.03 -1.81
CA ALA B 83 31.87 16.31 -1.15
C ALA B 83 32.08 16.09 0.35
N LEU B 84 31.46 15.04 0.87
CA LEU B 84 31.55 14.71 2.29
C LEU B 84 32.95 14.35 2.69
N LEU B 85 33.57 13.52 1.88
CA LEU B 85 34.88 13.01 2.14
C LEU B 85 35.99 14.04 1.91
N GLY B 86 35.80 14.84 0.88
CA GLY B 86 36.76 15.82 0.45
C GLY B 86 37.42 15.29 -0.80
N ASP B 87 37.43 16.07 -1.85
CA ASP B 87 37.99 15.68 -3.15
C ASP B 87 38.41 16.97 -3.80
N PRO B 88 39.61 17.09 -4.36
CA PRO B 88 40.10 18.30 -4.98
C PRO B 88 39.11 18.92 -5.96
N GLN B 89 38.30 18.13 -6.66
CA GLN B 89 37.34 18.76 -7.58
C GLN B 89 36.06 19.29 -6.90
N CYS B 90 35.82 18.93 -5.61
CA CYS B 90 34.63 19.18 -4.81
C CYS B 90 35.00 20.16 -3.68
N ASP B 91 36.06 20.94 -3.86
CA ASP B 91 36.45 21.89 -2.82
C ASP B 91 35.48 23.03 -2.67
N GLY B 92 34.60 23.16 -3.64
CA GLY B 92 33.61 24.22 -3.64
C GLY B 92 32.38 23.82 -2.84
N PHE B 93 32.38 22.63 -2.25
CA PHE B 93 31.24 22.16 -1.49
C PHE B 93 31.61 21.88 -0.06
N GLN B 94 31.87 22.91 0.71
CA GLN B 94 32.25 22.73 2.08
C GLN B 94 31.32 23.58 2.89
N ASN B 95 30.74 23.01 3.92
CA ASN B 95 29.82 23.73 4.77
C ASN B 95 28.63 24.29 4.00
N LYS B 96 28.18 23.56 3.00
CA LYS B 96 27.03 23.94 2.23
C LYS B 96 25.79 23.38 2.82
N LYS B 97 24.68 24.01 2.51
CA LYS B 97 23.42 23.51 2.96
C LYS B 97 22.49 23.42 1.79
N TRP B 98 21.54 22.52 1.87
CA TRP B 98 20.59 22.39 0.80
C TRP B 98 19.31 21.81 1.26
N ASP B 99 18.27 22.04 0.50
CA ASP B 99 17.07 21.32 0.76
C ASP B 99 17.14 20.15 -0.20
N LEU B 100 17.67 20.42 -1.39
CA LEU B 100 17.78 19.41 -2.39
C LEU B 100 19.15 19.43 -3.00
N PHE B 101 19.79 18.28 -3.02
CA PHE B 101 21.09 18.16 -3.64
C PHE B 101 20.89 17.46 -4.94
N VAL B 102 21.51 17.99 -5.99
CA VAL B 102 21.36 17.36 -7.26
C VAL B 102 22.64 16.72 -7.68
N GLU B 103 22.57 15.43 -7.90
CA GLU B 103 23.70 14.63 -8.31
C GLU B 103 23.64 14.45 -9.80
N ARG B 104 24.73 14.77 -10.48
CA ARG B 104 24.75 14.68 -11.93
C ARG B 104 25.22 13.30 -12.38
N SER B 105 24.71 12.83 -13.52
CA SER B 105 25.08 11.49 -14.02
C SER B 105 26.51 11.40 -14.48
N LYS B 106 27.11 12.52 -14.75
CA LYS B 106 28.46 12.59 -15.24
C LYS B 106 29.49 12.63 -14.12
N ALA B 107 29.06 12.68 -12.86
CA ALA B 107 30.03 12.78 -11.80
C ALA B 107 30.92 11.56 -11.74
N TYR B 108 32.19 11.81 -11.46
CA TYR B 108 33.20 10.78 -11.33
C TYR B 108 34.13 11.24 -10.24
N SER B 109 34.84 10.34 -9.57
CA SER B 109 35.77 10.80 -8.56
C SER B 109 37.10 11.11 -9.19
N ASN B 110 37.92 11.92 -8.53
CA ASN B 110 39.24 12.19 -9.08
C ASN B 110 40.29 12.13 -8.00
N CYS B 111 40.36 10.98 -7.27
CA CYS B 111 41.19 10.81 -6.09
C CYS B 111 41.47 9.32 -5.87
N TYR B 112 42.14 9.01 -4.80
CA TYR B 112 42.59 7.71 -4.41
C TYR B 112 41.41 6.75 -4.45
N PRO B 113 41.56 5.53 -4.99
CA PRO B 113 40.47 4.58 -5.16
C PRO B 113 39.73 4.42 -3.87
N TYR B 114 38.43 4.57 -3.99
CA TYR B 114 37.52 4.60 -2.88
C TYR B 114 36.39 3.59 -2.88
N ASP B 115 36.19 2.94 -1.74
CA ASP B 115 35.18 1.90 -1.56
C ASP B 115 34.40 2.02 -0.25
N VAL B 116 33.10 2.25 -0.31
CA VAL B 116 32.33 2.41 0.92
C VAL B 116 31.25 1.35 1.13
N PRO B 117 31.40 0.42 2.07
CA PRO B 117 30.44 -0.60 2.34
C PRO B 117 29.15 0.07 2.69
N ASP B 118 28.05 -0.39 2.12
CA ASP B 118 26.75 0.19 2.39
C ASP B 118 26.77 1.70 2.19
N TYR B 119 27.41 2.16 1.11
CA TYR B 119 27.43 3.59 0.92
C TYR B 119 26.06 4.09 0.67
N ALA B 120 25.18 3.28 0.13
CA ALA B 120 23.86 3.77 -0.09
C ALA B 120 23.22 4.26 1.23
N SER B 121 23.53 3.62 2.36
CA SER B 121 22.95 4.08 3.60
C SER B 121 23.67 5.31 4.09
N LEU B 122 24.96 5.41 3.81
CA LEU B 122 25.69 6.61 4.21
C LEU B 122 25.14 7.80 3.46
N ARG B 123 24.87 7.59 2.19
CA ARG B 123 24.36 8.61 1.32
C ARG B 123 23.04 9.09 1.84
N SER B 124 22.16 8.18 2.27
CA SER B 124 20.91 8.61 2.88
C SER B 124 21.15 9.40 4.18
N LEU B 125 22.03 8.89 5.04
CA LEU B 125 22.31 9.54 6.31
C LEU B 125 22.73 10.98 6.16
N VAL B 126 23.57 11.27 5.19
CA VAL B 126 24.01 12.63 5.06
C VAL B 126 23.20 13.40 4.05
N ALA B 127 22.18 12.78 3.49
CA ALA B 127 21.34 13.49 2.55
C ALA B 127 20.28 14.21 3.29
N SER B 128 19.72 13.51 4.27
CA SER B 128 18.60 14.00 5.05
C SER B 128 19.02 15.08 6.00
N SER B 129 20.32 15.22 6.21
CA SER B 129 20.81 16.23 7.10
C SER B 129 20.79 17.59 6.43
N GLY B 130 20.85 17.62 5.11
CA GLY B 130 20.84 18.89 4.43
C GLY B 130 22.15 19.64 4.56
N THR B 131 23.19 19.03 5.12
CA THR B 131 24.41 19.80 5.30
C THR B 131 25.73 19.07 5.29
N LEU B 132 26.75 19.81 4.87
CA LEU B 132 28.14 19.39 4.91
C LEU B 132 28.95 20.21 5.89
N GLU B 133 28.28 20.79 6.88
CA GLU B 133 28.95 21.57 7.88
C GLU B 133 29.88 20.70 8.66
N PHE B 134 31.11 21.15 8.76
CA PHE B 134 32.15 20.40 9.39
C PHE B 134 32.98 21.20 10.35
N LYS B 135 33.25 20.61 11.52
CA LYS B 135 34.12 21.30 12.53
C LYS B 135 35.34 20.41 12.83
N ASN B 136 36.54 20.95 12.63
CA ASN B 136 37.79 20.18 12.91
C ASN B 136 37.98 20.05 14.42
N GLU B 137 38.63 18.96 14.86
CA GLU B 137 38.82 18.71 16.31
C GLU B 137 40.28 18.45 16.64
N SER B 138 40.69 18.71 17.89
CA SER B 138 42.05 18.46 18.31
C SER B 138 42.29 17.06 18.80
N PHE B 139 42.30 16.10 17.88
CA PHE B 139 42.64 14.70 18.25
C PHE B 139 44.13 14.68 18.60
N ASN B 140 44.48 14.36 19.85
CA ASN B 140 45.90 14.41 20.29
C ASN B 140 46.64 13.18 19.76
N TRP B 141 47.42 13.34 18.68
CA TRP B 141 48.24 12.22 18.17
C TRP B 141 49.70 12.40 18.65
N THR B 142 50.50 11.34 18.59
CA THR B 142 51.90 11.40 19.10
C THR B 142 52.93 10.81 18.14
N GLY B 143 53.16 9.50 18.19
CA GLY B 143 54.28 8.92 17.43
C GLY B 143 53.93 8.38 16.05
N VAL B 144 53.19 9.15 15.29
CA VAL B 144 52.82 8.80 13.94
C VAL B 144 53.02 9.97 13.03
N THR B 145 53.13 9.73 11.75
CA THR B 145 53.19 10.83 10.85
C THR B 145 51.75 11.24 10.75
N GLN B 146 51.46 12.53 10.94
CA GLN B 146 50.04 12.97 10.94
C GLN B 146 49.69 13.63 9.61
N ASN B 147 50.40 13.27 8.53
CA ASN B 147 50.10 13.83 7.18
C ASN B 147 50.49 12.84 6.09
N GLY B 148 49.76 11.72 5.96
CA GLY B 148 50.01 10.79 4.84
C GLY B 148 49.42 11.36 3.57
N THR B 149 50.09 11.17 2.42
CA THR B 149 49.60 11.85 1.20
C THR B 149 49.69 10.93 -0.03
N SER B 150 49.00 11.30 -1.12
CA SER B 150 49.01 10.50 -2.33
C SER B 150 48.83 11.33 -3.59
N SER B 151 49.58 10.91 -4.61
CA SER B 151 49.63 11.47 -5.96
C SER B 151 48.35 11.23 -6.73
N ALA B 152 47.53 10.37 -6.20
CA ALA B 152 46.24 10.09 -6.78
C ALA B 152 45.31 11.31 -6.84
N CYS B 153 45.44 12.26 -5.88
CA CYS B 153 44.54 13.39 -5.68
C CYS B 153 45.34 14.68 -5.84
N ILE B 154 45.26 15.29 -7.00
CA ILE B 154 46.08 16.47 -7.17
C ILE B 154 45.36 17.76 -6.91
N ARG B 155 45.89 18.49 -5.96
CA ARG B 155 45.35 19.75 -5.52
C ARG B 155 46.47 20.74 -5.47
N GLY B 156 46.34 21.87 -6.14
CA GLY B 156 47.43 22.84 -6.05
C GLY B 156 48.67 22.30 -6.73
N SER B 157 48.47 21.45 -7.71
CA SER B 157 49.55 20.81 -8.43
C SER B 157 50.44 19.91 -7.55
N SER B 158 49.92 19.40 -6.43
CA SER B 158 50.71 18.47 -5.65
C SER B 158 49.89 17.33 -5.07
N SER B 159 50.54 16.45 -4.33
CA SER B 159 49.88 15.29 -3.76
C SER B 159 49.14 15.66 -2.50
N SER B 160 47.82 15.43 -2.45
CA SER B 160 47.07 15.84 -1.26
C SER B 160 46.03 14.88 -0.65
N PHE B 161 45.87 13.68 -1.19
CA PHE B 161 44.87 12.73 -0.66
C PHE B 161 43.44 13.36 -0.54
N PHE B 162 42.74 13.16 0.57
CA PHE B 162 41.37 13.67 0.73
C PHE B 162 41.43 14.76 1.78
N SER B 163 40.57 15.76 1.72
CA SER B 163 40.68 16.84 2.70
C SER B 163 40.09 16.63 4.09
N ARG B 164 39.11 15.74 4.29
CA ARG B 164 38.59 15.63 5.66
C ARG B 164 39.22 14.50 6.44
N LEU B 165 40.07 13.73 5.80
CA LEU B 165 40.72 12.60 6.45
C LEU B 165 42.20 12.79 6.67
N ASN B 166 42.72 12.11 7.66
CA ASN B 166 44.11 12.14 8.01
C ASN B 166 44.74 10.77 7.95
N TRP B 167 45.57 10.56 6.96
CA TRP B 167 46.20 9.28 6.78
C TRP B 167 47.40 9.20 7.68
N LEU B 168 47.35 8.33 8.69
CA LEU B 168 48.45 8.26 9.62
C LEU B 168 49.37 7.18 9.15
N THR B 169 50.67 7.40 9.27
CA THR B 169 51.65 6.39 8.86
C THR B 169 52.66 6.20 9.96
N HIS B 170 53.58 5.27 9.80
CA HIS B 170 54.57 5.19 10.86
C HIS B 170 55.37 6.46 10.88
N LEU B 171 56.06 6.68 12.00
CA LEU B 171 56.99 7.83 12.13
C LEU B 171 58.23 7.29 12.84
N ASN B 172 59.42 7.43 12.24
CA ASN B 172 60.65 6.84 12.81
C ASN B 172 60.49 5.32 12.90
N TYR B 173 60.03 4.69 11.81
CA TYR B 173 59.91 3.20 11.74
C TYR B 173 59.14 2.61 12.92
N THR B 174 58.10 3.30 13.42
CA THR B 174 57.28 2.71 14.45
C THR B 174 55.88 3.28 14.43
N TYR B 175 54.92 2.48 14.86
CA TYR B 175 53.55 2.92 14.90
C TYR B 175 52.99 2.55 16.25
N PRO B 176 53.09 3.37 17.32
CA PRO B 176 52.61 2.96 18.64
C PRO B 176 51.09 2.78 18.66
N ALA B 177 50.59 1.88 19.54
CA ALA B 177 49.13 1.67 19.64
C ALA B 177 48.45 3.01 19.94
N LEU B 178 47.58 3.48 19.04
CA LEU B 178 46.94 4.80 19.23
C LEU B 178 45.63 4.63 20.00
N ASN B 179 45.61 5.02 21.28
CA ASN B 179 44.38 4.95 22.10
C ASN B 179 43.94 6.38 22.43
N VAL B 180 43.12 7.00 21.59
CA VAL B 180 42.75 8.44 21.80
C VAL B 180 41.25 8.55 22.11
N THR B 181 40.86 9.55 22.91
CA THR B 181 39.48 9.76 23.26
C THR B 181 39.00 11.17 22.97
N MET B 182 37.86 11.26 22.33
CA MET B 182 37.23 12.53 22.01
C MET B 182 35.78 12.60 22.51
N PRO B 183 35.51 13.09 23.71
CA PRO B 183 34.20 13.19 24.35
C PRO B 183 33.24 14.11 23.62
N ASN B 184 31.93 13.81 23.65
CA ASN B 184 30.93 14.69 23.07
C ASN B 184 30.20 15.51 24.12
N LYS B 185 30.59 16.76 24.29
CA LYS B 185 30.02 17.63 25.31
C LYS B 185 29.01 18.60 24.76
N GLU B 186 28.66 18.45 23.49
CA GLU B 186 27.72 19.35 22.87
C GLU B 186 26.38 18.68 22.75
N GLN B 187 25.41 19.40 22.20
CA GLN B 187 24.06 18.88 22.07
C GLN B 187 23.80 18.23 20.73
N PHE B 188 24.82 18.08 19.94
CA PHE B 188 24.65 17.52 18.63
C PHE B 188 25.09 16.10 18.56
N ASP B 189 24.38 15.32 17.78
CA ASP B 189 24.94 14.03 17.49
C ASP B 189 26.09 14.35 16.56
N LYS B 190 27.20 13.65 16.73
CA LYS B 190 28.34 13.90 15.86
C LYS B 190 28.62 12.76 14.93
N LEU B 191 28.81 13.08 13.66
CA LEU B 191 29.14 12.05 12.70
C LEU B 191 30.61 12.01 12.38
N TYR B 192 31.23 10.88 12.67
CA TYR B 192 32.63 10.74 12.38
C TYR B 192 32.83 9.80 11.22
N ILE B 193 33.70 10.23 10.31
CA ILE B 193 34.05 9.45 9.15
C ILE B 193 35.49 9.01 9.29
N TRP B 194 35.74 7.74 9.11
CA TRP B 194 37.08 7.20 9.24
C TRP B 194 37.25 6.01 8.34
N GLY B 195 38.47 5.56 8.13
CA GLY B 195 38.59 4.37 7.30
C GLY B 195 39.82 3.55 7.53
N VAL B 196 39.96 2.53 6.71
CA VAL B 196 41.06 1.60 6.78
C VAL B 196 41.76 1.46 5.46
N HIS B 197 43.07 1.44 5.53
CA HIS B 197 43.90 1.30 4.36
C HIS B 197 44.13 -0.15 4.01
N HIS B 198 44.01 -0.47 2.74
CA HIS B 198 44.28 -1.81 2.21
C HIS B 198 45.36 -1.63 1.14
N PRO B 199 46.65 -1.62 1.51
CA PRO B 199 47.80 -1.22 0.70
C PRO B 199 48.05 -2.05 -0.54
N GLY B 200 47.54 -3.25 -0.60
CA GLY B 200 47.70 -4.05 -1.80
C GLY B 200 48.83 -5.06 -1.81
N THR B 201 49.77 -4.94 -0.90
CA THR B 201 50.91 -5.83 -0.83
C THR B 201 51.66 -5.80 0.47
N ASP B 202 52.33 -6.91 0.77
CA ASP B 202 53.14 -7.02 1.96
C ASP B 202 54.21 -5.97 1.95
N LYS B 203 54.75 -5.68 0.77
CA LYS B 203 55.83 -4.73 0.67
C LYS B 203 55.45 -3.40 1.29
N ASP B 204 54.25 -2.94 0.99
CA ASP B 204 53.76 -1.66 1.45
C ASP B 204 53.27 -1.71 2.85
N GLN B 205 52.74 -2.84 3.29
CA GLN B 205 52.29 -2.88 4.67
C GLN B 205 53.50 -2.66 5.57
N ILE B 206 54.66 -3.17 5.16
CA ILE B 206 55.83 -2.92 5.95
C ILE B 206 56.33 -1.51 5.71
N PHE B 207 56.48 -1.11 4.46
CA PHE B 207 57.02 0.22 4.23
C PHE B 207 56.26 1.33 4.92
N LEU B 208 54.95 1.29 4.78
CA LEU B 208 54.05 2.31 5.25
C LEU B 208 53.70 2.28 6.73
N TYR B 209 53.50 1.11 7.36
CA TYR B 209 53.14 1.11 8.76
C TYR B 209 54.17 0.45 9.65
N ALA B 210 55.26 -0.04 9.03
CA ALA B 210 56.34 -0.75 9.69
C ALA B 210 55.86 -1.98 10.44
N GLN B 211 54.82 -2.61 9.95
CA GLN B 211 54.27 -3.78 10.62
C GLN B 211 53.79 -4.77 9.63
N SER B 212 53.75 -6.04 10.00
CA SER B 212 53.22 -7.05 9.10
C SER B 212 51.71 -7.02 8.95
N SER B 213 51.04 -6.38 9.89
CA SER B 213 49.59 -6.32 9.89
C SER B 213 49.14 -5.07 10.61
N GLY B 214 47.92 -5.11 11.15
CA GLY B 214 47.32 -4.00 11.89
C GLY B 214 45.87 -4.29 12.20
N ARG B 215 45.31 -3.55 13.16
CA ARG B 215 43.91 -3.70 13.56
C ARG B 215 43.30 -2.36 13.91
N ILE B 216 42.02 -2.16 13.56
CA ILE B 216 41.36 -0.94 13.99
C ILE B 216 40.07 -1.22 14.72
N THR B 217 39.92 -0.66 15.92
CA THR B 217 38.69 -0.79 16.66
C THR B 217 38.17 0.59 17.08
N VAL B 218 36.91 0.83 16.81
CA VAL B 218 36.29 2.09 17.15
C VAL B 218 35.07 1.84 18.02
N SER B 219 34.98 2.52 19.15
CA SER B 219 33.81 2.28 19.99
C SER B 219 33.30 3.46 20.77
N THR B 220 32.05 3.31 21.17
CA THR B 220 31.27 4.23 21.99
C THR B 220 30.66 3.41 23.10
N LYS B 221 29.77 4.00 23.90
CA LYS B 221 29.14 3.23 24.97
C LYS B 221 27.91 2.50 24.46
N ARG B 222 27.58 2.73 23.21
CA ARG B 222 26.40 2.14 22.63
C ARG B 222 26.70 1.05 21.62
N SER B 223 27.81 1.16 20.92
CA SER B 223 28.16 0.18 19.90
C SER B 223 29.65 0.12 19.64
N GLN B 224 30.07 -0.91 18.94
CA GLN B 224 31.48 -1.04 18.57
C GLN B 224 31.63 -1.59 17.17
N GLN B 225 32.69 -1.18 16.49
CA GLN B 225 33.02 -1.67 15.15
C GLN B 225 34.47 -2.04 15.08
N ALA B 226 34.83 -3.00 14.25
CA ALA B 226 36.25 -3.27 14.07
C ALA B 226 36.50 -3.81 12.68
N VAL B 227 37.67 -3.48 12.16
CA VAL B 227 38.07 -3.96 10.86
C VAL B 227 39.49 -4.52 10.87
N ILE B 228 39.78 -5.35 9.90
CA ILE B 228 41.12 -5.88 9.71
C ILE B 228 41.55 -5.60 8.26
N PRO B 229 42.69 -4.96 8.00
CA PRO B 229 43.19 -4.70 6.67
C PRO B 229 43.36 -6.01 5.92
N ASN B 230 43.03 -6.02 4.64
CA ASN B 230 43.15 -7.20 3.81
C ASN B 230 44.23 -7.01 2.76
N ILE B 231 45.31 -7.76 2.89
CA ILE B 231 46.43 -7.56 1.99
C ILE B 231 46.34 -8.44 0.77
N GLY B 232 46.47 -7.82 -0.38
CA GLY B 232 46.46 -8.47 -1.69
C GLY B 232 46.16 -7.41 -2.70
N SER B 233 46.45 -7.64 -3.97
CA SER B 233 46.23 -6.65 -5.00
C SER B 233 44.80 -6.59 -5.46
N ARG B 234 44.49 -5.53 -6.19
CA ARG B 234 43.20 -5.30 -6.79
C ARG B 234 43.47 -4.68 -8.15
N PRO B 235 42.55 -4.70 -9.11
CA PRO B 235 42.75 -4.04 -10.38
C PRO B 235 43.14 -2.61 -10.11
N ARG B 236 44.13 -2.12 -10.82
CA ARG B 236 44.56 -0.76 -10.59
C ARG B 236 43.60 0.27 -11.13
N ILE B 237 43.30 1.23 -10.28
CA ILE B 237 42.45 2.35 -10.59
C ILE B 237 43.28 3.59 -10.48
N ARG B 238 43.35 4.40 -11.52
CA ARG B 238 44.21 5.59 -11.48
C ARG B 238 45.63 5.16 -11.12
N ASP B 239 46.03 4.02 -11.68
CA ASP B 239 47.33 3.38 -11.52
C ASP B 239 47.62 2.87 -10.10
N ILE B 240 46.63 2.83 -9.22
CA ILE B 240 46.82 2.34 -7.87
C ILE B 240 46.08 1.06 -7.53
N PRO B 241 46.77 -0.02 -7.12
CA PRO B 241 46.19 -1.30 -6.74
C PRO B 241 45.58 -1.30 -5.35
N SER B 242 45.93 -0.32 -4.56
CA SER B 242 45.51 -0.23 -3.19
C SER B 242 44.20 0.50 -3.10
N ARG B 243 43.48 0.33 -1.99
CA ARG B 243 42.21 1.04 -1.83
C ARG B 243 41.92 1.51 -0.40
N ILE B 244 41.04 2.50 -0.26
CA ILE B 244 40.60 2.96 1.06
C ILE B 244 39.16 2.59 1.30
N SER B 245 38.90 2.00 2.46
CA SER B 245 37.54 1.63 2.84
C SER B 245 36.99 2.52 3.95
N ILE B 246 35.82 3.09 3.70
CA ILE B 246 35.20 4.03 4.67
C ILE B 246 34.05 3.51 5.50
N TYR B 247 34.14 3.78 6.79
CA TYR B 247 33.21 3.40 7.83
C TYR B 247 32.77 4.64 8.60
N TRP B 248 31.61 4.60 9.26
CA TRP B 248 31.24 5.76 10.02
C TRP B 248 30.58 5.40 11.32
N THR B 249 30.61 6.34 12.26
CA THR B 249 29.95 6.11 13.52
C THR B 249 29.34 7.40 14.06
N ILE B 250 28.31 7.25 14.88
CA ILE B 250 27.63 8.40 15.46
C ILE B 250 27.75 8.44 16.96
N VAL B 251 28.21 9.57 17.47
CA VAL B 251 28.37 9.72 18.89
C VAL B 251 27.27 10.60 19.47
N LYS B 252 26.51 10.03 20.40
CA LYS B 252 25.43 10.76 21.03
C LYS B 252 25.98 11.69 22.10
N PRO B 253 25.35 12.81 22.40
CA PRO B 253 25.74 13.71 23.45
C PRO B 253 25.86 12.96 24.74
N GLY B 254 26.93 13.20 25.47
CA GLY B 254 27.17 12.56 26.74
C GLY B 254 28.06 11.34 26.59
N ASP B 255 28.20 10.84 25.38
CA ASP B 255 29.03 9.69 25.15
C ASP B 255 30.40 10.17 24.72
N ILE B 256 31.31 9.23 24.49
CA ILE B 256 32.63 9.59 24.01
C ILE B 256 33.01 8.73 22.83
N LEU B 257 33.94 9.21 22.04
CA LEU B 257 34.49 8.37 20.98
C LEU B 257 35.86 7.84 21.31
N LEU B 258 36.01 6.52 21.33
CA LEU B 258 37.31 5.94 21.61
C LEU B 258 37.88 5.21 20.40
N ILE B 259 39.06 5.66 19.96
CA ILE B 259 39.72 5.01 18.79
C ILE B 259 40.92 4.20 19.27
N ASN B 260 40.95 2.90 18.97
CA ASN B 260 42.06 2.01 19.38
C ASN B 260 42.68 1.41 18.11
N SER B 261 43.88 1.82 17.72
CA SER B 261 44.43 1.35 16.42
C SER B 261 45.92 1.04 16.46
N THR B 262 46.34 -0.03 15.76
CA THR B 262 47.73 -0.40 15.65
C THR B 262 48.29 -0.14 14.26
N GLY B 263 47.49 0.39 13.37
CA GLY B 263 47.97 0.63 12.02
C GLY B 263 46.84 0.67 11.02
N ASN B 264 47.16 1.18 9.83
CA ASN B 264 46.25 1.29 8.70
C ASN B 264 45.06 2.18 8.94
N LEU B 265 45.16 3.09 9.90
CA LEU B 265 44.06 3.97 10.18
C LEU B 265 44.10 5.28 9.46
N ILE B 266 43.00 5.57 8.82
CA ILE B 266 42.79 6.83 8.21
C ILE B 266 41.86 7.53 9.17
N ALA B 267 42.41 8.48 9.88
CA ALA B 267 41.74 9.11 10.98
C ALA B 267 40.82 10.24 10.58
N PRO B 268 39.76 10.50 11.33
CA PRO B 268 38.90 11.63 11.14
C PRO B 268 39.64 12.87 11.54
N ARG B 269 39.31 14.02 10.98
CA ARG B 269 39.92 15.26 11.45
C ARG B 269 38.96 16.07 12.28
N GLY B 270 37.76 15.53 12.46
CA GLY B 270 36.69 16.23 13.15
C GLY B 270 35.38 15.58 12.80
N TYR B 271 34.30 16.31 12.94
CA TYR B 271 32.98 15.72 12.75
C TYR B 271 32.01 16.58 11.98
N PHE B 272 31.00 15.92 11.45
CA PHE B 272 29.93 16.60 10.78
C PHE B 272 28.73 16.68 11.68
N LYS B 273 27.98 17.75 11.59
CA LYS B 273 26.77 17.81 12.41
C LYS B 273 25.65 17.04 11.81
N ILE B 274 24.90 16.32 12.63
CA ILE B 274 23.72 15.66 12.10
C ILE B 274 22.49 16.48 12.40
N ARG B 275 21.72 16.72 11.38
CA ARG B 275 20.51 17.49 11.46
C ARG B 275 19.42 16.63 10.89
N SER B 276 18.17 17.01 11.12
CA SER B 276 17.05 16.29 10.55
C SER B 276 16.06 17.28 10.01
N GLY B 277 15.69 17.14 8.75
CA GLY B 277 14.80 18.11 8.15
C GLY B 277 14.33 17.71 6.76
N LYS B 278 13.73 18.68 6.08
CA LYS B 278 13.09 18.48 4.79
C LYS B 278 14.04 18.48 3.59
N SER B 279 14.86 17.45 3.50
CA SER B 279 15.84 17.41 2.43
C SER B 279 16.12 16.05 1.84
N SER B 280 16.69 16.06 0.63
CA SER B 280 17.03 14.82 -0.09
C SER B 280 18.00 15.01 -1.25
N ILE B 281 18.29 13.90 -1.93
CA ILE B 281 19.12 13.88 -3.14
C ILE B 281 18.34 13.36 -4.31
N MET B 282 18.38 14.08 -5.40
CA MET B 282 17.73 13.65 -6.61
C MET B 282 18.80 13.44 -7.67
N ARG B 283 18.69 12.39 -8.45
CA ARG B 283 19.62 12.17 -9.54
C ARG B 283 19.01 12.67 -10.83
N SER B 284 19.62 13.68 -11.41
CA SER B 284 19.05 14.26 -12.62
C SER B 284 19.93 15.10 -13.48
N ASP B 285 19.74 14.95 -14.79
CA ASP B 285 20.42 15.77 -15.76
C ASP B 285 19.46 16.81 -16.32
N ALA B 286 19.50 18.00 -15.76
CA ALA B 286 18.64 19.09 -16.18
C ALA B 286 19.29 20.36 -15.69
N PRO B 287 19.20 21.47 -16.38
CA PRO B 287 19.73 22.72 -15.95
C PRO B 287 18.88 23.28 -14.82
N ILE B 288 19.50 24.09 -13.97
CA ILE B 288 18.77 24.77 -12.93
C ILE B 288 18.71 26.23 -13.32
N GLY B 289 17.51 26.73 -13.47
CA GLY B 289 17.30 28.08 -13.96
C GLY B 289 16.60 28.98 -12.97
N LYS B 290 15.93 29.99 -13.51
CA LYS B 290 15.24 30.98 -12.70
C LYS B 290 13.74 30.94 -12.91
N CYS B 291 13.03 30.31 -11.96
CA CYS B 291 11.59 30.06 -11.96
C CYS B 291 11.19 29.73 -10.55
N LYS B 292 9.90 29.60 -10.32
CA LYS B 292 9.45 29.23 -9.00
C LYS B 292 8.51 28.06 -9.07
N SER B 293 8.76 27.05 -8.26
CA SER B 293 7.88 25.91 -8.23
C SER B 293 7.99 25.11 -6.98
N GLU B 294 6.86 24.66 -6.51
CA GLU B 294 6.82 23.84 -5.33
C GLU B 294 7.04 22.33 -5.52
N CYS B 295 7.05 21.84 -6.81
CA CYS B 295 7.18 20.43 -7.18
C CYS B 295 8.37 20.22 -8.10
N ILE B 296 9.32 19.41 -7.65
CA ILE B 296 10.50 19.14 -8.45
C ILE B 296 10.59 17.66 -8.77
N THR B 297 10.80 17.33 -10.04
CA THR B 297 10.99 15.96 -10.45
C THR B 297 12.23 15.94 -11.31
N PRO B 298 12.98 14.81 -11.50
CA PRO B 298 14.23 14.85 -12.27
C PRO B 298 14.26 15.82 -13.46
N ASN B 299 13.38 15.64 -14.45
CA ASN B 299 13.46 16.48 -15.68
C ASN B 299 12.69 17.80 -15.53
N GLY B 300 13.03 18.60 -14.51
CA GLY B 300 12.41 19.95 -14.38
C GLY B 300 11.28 20.04 -13.39
N SER B 301 10.77 21.25 -13.13
CA SER B 301 9.66 21.40 -12.24
C SER B 301 8.35 21.04 -12.95
N ILE B 302 7.34 20.77 -12.14
CA ILE B 302 5.97 20.47 -12.58
C ILE B 302 5.03 21.49 -11.96
N PRO B 303 4.10 22.11 -12.68
CA PRO B 303 3.15 23.02 -12.08
C PRO B 303 2.43 22.31 -10.94
N ASN B 304 2.33 22.95 -9.79
CA ASN B 304 1.69 22.32 -8.66
C ASN B 304 0.20 22.60 -8.64
N ASP B 305 -0.54 22.01 -9.56
CA ASP B 305 -1.97 22.27 -9.65
C ASP B 305 -2.84 21.04 -9.89
N LYS B 306 -2.68 20.39 -11.01
CA LYS B 306 -3.53 19.26 -11.29
C LYS B 306 -3.22 18.22 -10.22
N PRO B 307 -4.20 17.48 -9.71
CA PRO B 307 -4.03 16.49 -8.67
C PRO B 307 -3.19 15.27 -9.05
N PHE B 308 -3.03 14.98 -10.34
CA PHE B 308 -2.25 13.82 -10.71
C PHE B 308 -1.21 14.20 -11.74
N GLN B 309 -0.14 13.44 -11.80
CA GLN B 309 0.89 13.63 -12.81
C GLN B 309 1.37 12.29 -13.30
N ASN B 310 1.88 12.26 -14.51
CA ASN B 310 2.44 11.01 -14.99
C ASN B 310 3.84 11.22 -15.52
N VAL B 311 4.52 12.22 -14.99
CA VAL B 311 5.85 12.55 -15.42
C VAL B 311 6.84 11.62 -14.76
N ASN B 312 6.77 11.45 -13.45
CA ASN B 312 7.74 10.56 -12.84
C ASN B 312 7.29 9.96 -11.52
N ARG B 313 8.12 9.10 -10.99
CA ARG B 313 7.85 8.49 -9.73
C ARG B 313 8.69 9.19 -8.69
N ILE B 314 9.75 9.81 -9.16
CA ILE B 314 10.64 10.50 -8.27
C ILE B 314 10.25 11.94 -8.19
N THR B 315 9.88 12.36 -6.99
CA THR B 315 9.47 13.72 -6.77
C THR B 315 10.07 14.23 -5.48
N TYR B 316 10.08 15.54 -5.35
CA TYR B 316 10.47 16.22 -4.14
C TYR B 316 9.56 17.41 -3.90
N GLY B 317 9.11 17.61 -2.67
CA GLY B 317 8.28 18.77 -2.41
C GLY B 317 6.81 18.45 -2.56
N ALA B 318 6.01 19.48 -2.85
CA ALA B 318 4.56 19.37 -2.91
C ALA B 318 4.19 19.03 -4.32
N CYS B 319 3.75 17.78 -4.56
CA CYS B 319 3.50 17.25 -5.90
C CYS B 319 2.17 16.50 -6.06
N PRO B 320 1.64 16.47 -7.28
CA PRO B 320 0.53 15.65 -7.71
C PRO B 320 0.90 14.19 -7.54
N ARG B 321 -0.07 13.34 -7.34
CA ARG B 321 0.20 11.92 -7.15
C ARG B 321 0.58 11.29 -8.48
N TYR B 322 1.48 10.31 -8.47
CA TYR B 322 1.83 9.66 -9.72
C TYR B 322 0.86 8.59 -10.10
N VAL B 323 0.40 8.62 -11.33
CA VAL B 323 -0.49 7.60 -11.84
C VAL B 323 0.00 7.06 -13.16
N LYS B 324 -0.49 5.88 -13.53
CA LYS B 324 -0.13 5.28 -14.81
C LYS B 324 -1.03 5.70 -15.97
N HIS B 325 -2.06 6.48 -15.68
CA HIS B 325 -2.99 6.91 -16.72
C HIS B 325 -2.34 7.96 -17.58
N SER B 326 -2.67 7.97 -18.87
CA SER B 326 -2.15 9.02 -19.71
C SER B 326 -2.99 10.28 -19.59
N THR B 327 -4.30 10.10 -19.46
CA THR B 327 -5.22 11.21 -19.32
C THR B 327 -6.36 10.87 -18.40
N LEU B 328 -6.93 11.89 -17.80
CA LEU B 328 -8.15 11.81 -17.04
C LEU B 328 -8.92 13.05 -17.38
N LYS B 329 -10.16 12.92 -17.84
CA LYS B 329 -10.91 14.11 -18.22
C LYS B 329 -12.13 14.26 -17.37
N LEU B 330 -12.22 15.40 -16.73
CA LEU B 330 -13.30 15.73 -15.82
C LEU B 330 -14.26 16.71 -16.41
N ALA B 331 -15.50 16.30 -16.56
CA ALA B 331 -16.52 17.13 -17.15
C ALA B 331 -16.77 18.33 -16.27
N THR B 332 -16.97 19.46 -16.90
CA THR B 332 -17.27 20.69 -16.22
C THR B 332 -18.52 21.23 -16.85
N GLY B 333 -18.88 20.59 -17.94
CA GLY B 333 -20.06 20.94 -18.72
C GLY B 333 -21.19 19.95 -18.51
N MET B 334 -22.03 19.81 -19.53
CA MET B 334 -23.22 18.97 -19.47
C MET B 334 -23.27 18.11 -20.71
N ARG B 335 -24.12 17.09 -20.75
CA ARG B 335 -24.15 16.28 -21.97
C ARG B 335 -24.44 17.17 -23.16
N ASN B 336 -23.73 16.93 -24.24
CA ASN B 336 -23.93 17.75 -25.40
C ASN B 336 -25.16 17.31 -26.22
N VAL B 337 -25.71 18.25 -27.01
CA VAL B 337 -26.85 18.17 -27.96
C VAL B 337 -27.95 17.23 -27.46
N PHE B 352 -36.68 13.77 -23.93
CA PHE B 352 -37.84 14.59 -23.55
C PHE B 352 -37.63 16.02 -24.04
N ILE B 353 -36.63 16.72 -23.48
CA ILE B 353 -36.25 18.09 -23.86
C ILE B 353 -35.61 17.94 -25.22
N GLU B 354 -35.98 18.82 -26.11
CA GLU B 354 -35.52 18.74 -27.47
C GLU B 354 -34.03 19.00 -27.59
N ASN B 355 -33.53 18.89 -28.80
CA ASN B 355 -32.11 19.03 -29.02
C ASN B 355 -31.61 20.32 -28.47
N GLY B 356 -30.45 20.27 -27.84
CA GLY B 356 -29.89 21.45 -27.24
C GLY B 356 -29.74 22.54 -28.29
N TRP B 357 -29.85 23.74 -27.79
CA TRP B 357 -29.84 24.92 -28.59
C TRP B 357 -28.45 25.48 -28.70
N GLU B 358 -27.88 25.38 -29.89
CA GLU B 358 -26.51 25.84 -30.12
C GLU B 358 -26.44 27.34 -30.07
N GLY B 359 -27.57 27.97 -30.26
CA GLY B 359 -27.65 29.42 -30.26
C GLY B 359 -27.87 30.00 -28.87
N MET B 360 -27.90 29.19 -27.82
CA MET B 360 -28.11 29.81 -26.53
C MET B 360 -26.75 30.32 -26.08
N VAL B 361 -26.64 31.61 -25.79
CA VAL B 361 -25.34 32.13 -25.40
C VAL B 361 -25.27 32.85 -24.07
N ASP B 362 -26.40 33.12 -23.45
CA ASP B 362 -26.46 33.89 -22.21
C ASP B 362 -26.68 33.06 -20.95
N GLY B 363 -26.48 31.77 -21.02
CA GLY B 363 -26.69 30.93 -19.86
C GLY B 363 -26.70 29.49 -20.30
N TRP B 364 -27.07 28.59 -19.42
CA TRP B 364 -27.07 27.19 -19.78
C TRP B 364 -28.44 26.64 -19.97
N TYR B 365 -29.40 27.22 -19.29
CA TYR B 365 -30.76 26.74 -19.34
C TYR B 365 -31.58 27.94 -19.69
N GLY B 366 -32.68 27.76 -20.39
CA GLY B 366 -33.47 28.92 -20.74
C GLY B 366 -34.78 28.67 -21.45
N PHE B 367 -35.37 29.78 -21.84
CA PHE B 367 -36.67 29.80 -22.44
C PHE B 367 -36.65 30.22 -23.89
N ARG B 368 -37.57 29.67 -24.64
CA ARG B 368 -37.81 30.04 -26.01
C ARG B 368 -39.30 30.15 -26.21
N HIS B 369 -39.77 31.16 -26.90
CA HIS B 369 -41.21 31.27 -27.04
C HIS B 369 -41.71 31.81 -28.34
N GLN B 370 -42.96 31.46 -28.61
CA GLN B 370 -43.73 31.96 -29.73
C GLN B 370 -45.07 32.49 -29.27
N ASN B 371 -45.39 33.67 -29.73
CA ASN B 371 -46.59 34.38 -29.36
C ASN B 371 -47.19 35.02 -30.58
N SER B 372 -48.31 35.70 -30.39
CA SER B 372 -48.97 36.41 -31.47
C SER B 372 -48.10 37.60 -31.90
N GLU B 373 -47.15 37.94 -31.05
CA GLU B 373 -46.20 39.00 -31.24
C GLU B 373 -44.87 38.52 -31.76
N GLY B 374 -44.77 37.25 -32.18
CA GLY B 374 -43.51 36.75 -32.71
C GLY B 374 -42.73 35.89 -31.74
N ARG B 375 -41.42 35.85 -31.91
CA ARG B 375 -40.59 34.91 -31.16
C ARG B 375 -39.44 35.56 -30.42
N GLY B 376 -38.92 34.84 -29.43
CA GLY B 376 -37.73 35.30 -28.72
C GLY B 376 -37.19 34.29 -27.72
N GLN B 377 -36.04 34.63 -27.12
CA GLN B 377 -35.38 33.77 -26.15
C GLN B 377 -34.77 34.53 -24.99
N ALA B 378 -34.64 33.85 -23.87
CA ALA B 378 -33.89 34.39 -22.73
C ALA B 378 -33.39 33.28 -21.84
N ALA B 379 -32.17 33.39 -21.35
CA ALA B 379 -31.68 32.38 -20.42
C ALA B 379 -32.24 32.56 -19.03
N ASP B 380 -32.31 31.46 -18.31
CA ASP B 380 -32.66 31.44 -16.91
C ASP B 380 -31.45 31.51 -16.03
N LEU B 381 -31.19 32.65 -15.46
CA LEU B 381 -29.97 32.73 -14.73
C LEU B 381 -30.02 32.00 -13.41
N LYS B 382 -31.19 31.74 -12.84
CA LYS B 382 -31.12 31.11 -11.54
C LYS B 382 -30.65 29.67 -11.64
N SER B 383 -31.17 28.91 -12.60
CA SER B 383 -30.71 27.54 -12.74
C SER B 383 -29.33 27.48 -13.37
N THR B 384 -28.98 28.47 -14.19
CA THR B 384 -27.66 28.43 -14.76
C THR B 384 -26.64 28.62 -13.67
N GLN B 385 -26.87 29.56 -12.78
CA GLN B 385 -25.89 29.77 -11.76
C GLN B 385 -25.81 28.61 -10.83
N ALA B 386 -26.93 27.97 -10.52
CA ALA B 386 -26.83 26.87 -9.61
C ALA B 386 -25.95 25.78 -10.18
N ALA B 387 -26.09 25.50 -11.47
CA ALA B 387 -25.29 24.45 -12.05
C ALA B 387 -23.81 24.80 -12.00
N ILE B 388 -23.49 26.06 -12.25
CA ILE B 388 -22.10 26.48 -12.24
C ILE B 388 -21.47 26.40 -10.89
N ASP B 389 -22.14 26.87 -9.86
CA ASP B 389 -21.52 26.81 -8.55
C ASP B 389 -21.32 25.41 -8.07
N GLN B 390 -22.23 24.50 -8.38
CA GLN B 390 -22.04 23.15 -7.91
C GLN B 390 -20.81 22.56 -8.59
N ILE B 391 -20.61 22.86 -9.86
CA ILE B 391 -19.45 22.37 -10.57
C ILE B 391 -18.16 22.98 -10.09
N ASN B 392 -18.13 24.29 -9.87
CA ASN B 392 -16.90 24.89 -9.41
C ASN B 392 -16.57 24.41 -8.02
N GLY B 393 -17.58 24.09 -7.22
CA GLY B 393 -17.36 23.56 -5.89
C GLY B 393 -16.56 22.27 -6.01
N LYS B 394 -17.01 21.38 -6.89
CA LYS B 394 -16.32 20.12 -7.07
C LYS B 394 -14.89 20.34 -7.57
N LEU B 395 -14.68 21.27 -8.48
CA LEU B 395 -13.32 21.49 -8.96
C LEU B 395 -12.41 22.04 -7.87
N ASN B 396 -12.94 22.94 -7.06
CA ASN B 396 -12.14 23.55 -6.02
C ASN B 396 -11.72 22.54 -4.97
N ARG B 397 -12.52 21.51 -4.78
CA ARG B 397 -12.21 20.47 -3.83
C ARG B 397 -11.04 19.58 -4.28
N LEU B 398 -10.73 19.55 -5.57
CA LEU B 398 -9.69 18.67 -6.06
C LEU B 398 -8.42 19.38 -6.53
N ILE B 399 -8.59 20.47 -7.24
CA ILE B 399 -7.48 21.15 -7.87
C ILE B 399 -6.70 21.98 -6.89
N GLY B 400 -5.38 21.82 -6.92
CA GLY B 400 -4.50 22.55 -6.05
C GLY B 400 -4.28 21.82 -4.73
N LYS B 401 -4.86 20.63 -4.57
CA LYS B 401 -4.69 19.91 -3.32
C LYS B 401 -3.66 18.81 -3.47
N THR B 402 -2.44 19.08 -3.07
CA THR B 402 -1.33 18.15 -3.21
C THR B 402 -0.63 18.00 -1.87
N ASN B 403 0.17 16.96 -1.73
CA ASN B 403 0.89 16.75 -0.48
C ASN B 403 2.39 16.85 -0.65
N GLU B 404 3.04 17.34 0.41
CA GLU B 404 4.47 17.54 0.44
C GLU B 404 5.23 16.36 1.04
N LYS B 405 6.21 15.86 0.29
CA LYS B 405 7.01 14.72 0.71
C LYS B 405 8.51 14.95 0.63
N PHE B 406 9.25 14.32 1.54
CA PHE B 406 10.70 14.42 1.55
C PHE B 406 11.38 13.10 1.75
N HIS B 407 12.58 13.00 1.23
CA HIS B 407 13.47 11.87 1.45
C HIS B 407 12.82 10.51 1.28
N GLN B 408 12.34 10.27 0.10
CA GLN B 408 11.64 9.05 -0.25
C GLN B 408 12.66 7.99 -0.59
N ILE B 409 12.26 6.74 -0.54
CA ILE B 409 13.18 5.65 -0.85
C ILE B 409 13.62 5.72 -2.29
N GLU B 410 14.72 5.05 -2.59
CA GLU B 410 15.22 5.07 -3.95
C GLU B 410 14.26 4.31 -4.83
N LYS B 411 14.04 4.80 -6.03
CA LYS B 411 13.12 4.11 -6.92
C LYS B 411 13.78 3.48 -8.14
N GLU B 412 14.95 3.98 -8.52
CA GLU B 412 15.64 3.50 -9.70
C GLU B 412 16.98 2.92 -9.29
N PHE B 413 17.43 1.89 -10.00
CA PHE B 413 18.66 1.23 -9.64
C PHE B 413 19.56 1.00 -10.83
N SER B 414 20.87 0.99 -10.59
CA SER B 414 21.90 0.73 -11.59
C SER B 414 22.69 -0.54 -11.33
N GLU B 415 22.21 -1.35 -10.39
CA GLU B 415 22.86 -2.58 -9.96
C GLU B 415 21.83 -3.62 -9.54
N VAL B 416 22.19 -4.89 -9.58
CA VAL B 416 21.27 -5.93 -9.12
C VAL B 416 21.69 -6.36 -7.73
N GLU B 417 20.84 -6.09 -6.76
CA GLU B 417 21.19 -6.28 -5.36
C GLU B 417 20.62 -7.48 -4.62
N GLY B 418 19.49 -8.04 -5.04
CA GLY B 418 18.90 -9.11 -4.24
C GLY B 418 17.65 -8.65 -3.48
N ARG B 419 17.38 -9.26 -2.33
CA ARG B 419 16.09 -9.07 -1.66
C ARG B 419 15.70 -7.67 -1.24
N VAL B 420 16.63 -6.85 -0.79
CA VAL B 420 16.16 -5.55 -0.33
C VAL B 420 15.62 -4.77 -1.51
N GLN B 421 16.34 -4.81 -2.60
CA GLN B 421 15.92 -4.13 -3.80
C GLN B 421 14.62 -4.67 -4.33
N ASP B 422 14.43 -5.99 -4.27
CA ASP B 422 13.18 -6.54 -4.77
C ASP B 422 12.02 -5.99 -3.99
N LEU B 423 12.20 -5.86 -2.68
CA LEU B 423 11.14 -5.35 -1.86
C LEU B 423 10.87 -3.89 -2.16
N GLU B 424 11.92 -3.10 -2.36
CA GLU B 424 11.70 -1.70 -2.64
C GLU B 424 10.91 -1.52 -3.94
N LYS B 425 11.21 -2.33 -4.95
CA LYS B 425 10.47 -2.23 -6.19
C LYS B 425 9.04 -2.64 -6.00
N TYR B 426 8.83 -3.69 -5.21
CA TYR B 426 7.52 -4.21 -4.95
C TYR B 426 6.61 -3.20 -4.31
N VAL B 427 7.10 -2.51 -3.28
CA VAL B 427 6.21 -1.59 -2.62
C VAL B 427 5.93 -0.40 -3.50
N GLU B 428 6.89 0.03 -4.32
CA GLU B 428 6.60 1.17 -5.15
C GLU B 428 5.55 0.83 -6.17
N ASP B 429 5.61 -0.36 -6.75
CA ASP B 429 4.62 -0.70 -7.74
C ASP B 429 3.25 -0.84 -7.09
N THR B 430 3.20 -1.37 -5.88
CA THR B 430 1.92 -1.50 -5.22
C THR B 430 1.27 -0.16 -5.01
N LYS B 431 2.05 0.80 -4.53
CA LYS B 431 1.54 2.13 -4.28
C LYS B 431 0.96 2.76 -5.51
N ILE B 432 1.65 2.61 -6.62
CA ILE B 432 1.17 3.21 -7.82
C ILE B 432 -0.11 2.59 -8.31
N ASP B 433 -0.21 1.26 -8.31
CA ASP B 433 -1.47 0.71 -8.81
C ASP B 433 -2.64 1.18 -7.99
N LEU B 434 -2.48 1.26 -6.67
CA LEU B 434 -3.61 1.70 -5.88
C LEU B 434 -3.96 3.15 -6.12
N TRP B 435 -2.97 4.04 -6.29
CA TRP B 435 -3.37 5.40 -6.55
C TRP B 435 -3.94 5.56 -7.94
N SER B 436 -3.50 4.75 -8.90
CA SER B 436 -4.04 4.83 -10.24
C SER B 436 -5.49 4.38 -10.21
N TYR B 437 -5.77 3.34 -9.43
CA TYR B 437 -7.12 2.85 -9.28
C TYR B 437 -8.02 3.93 -8.73
N ASN B 438 -7.57 4.59 -7.66
CA ASN B 438 -8.38 5.62 -7.07
C ASN B 438 -8.61 6.76 -8.04
N ALA B 439 -7.60 7.10 -8.83
CA ALA B 439 -7.78 8.19 -9.75
C ALA B 439 -8.84 7.89 -10.78
N GLU B 440 -8.86 6.66 -11.29
CA GLU B 440 -9.85 6.34 -12.29
C GLU B 440 -11.24 6.28 -11.73
N LEU B 441 -11.38 5.69 -10.54
CA LEU B 441 -12.71 5.58 -9.98
C LEU B 441 -13.25 6.93 -9.62
N LEU B 442 -12.40 7.79 -9.07
CA LEU B 442 -12.89 9.09 -8.71
C LEU B 442 -13.37 9.85 -9.90
N VAL B 443 -12.64 9.83 -11.00
CA VAL B 443 -13.11 10.58 -12.14
C VAL B 443 -14.39 9.98 -12.69
N ALA B 444 -14.48 8.66 -12.77
CA ALA B 444 -15.69 8.06 -13.31
C ALA B 444 -16.92 8.45 -12.49
N LEU B 445 -16.76 8.54 -11.17
CA LEU B 445 -17.88 8.93 -10.32
C LEU B 445 -18.16 10.39 -10.44
N GLU B 446 -17.13 11.22 -10.55
CA GLU B 446 -17.37 12.64 -10.65
C GLU B 446 -18.06 12.97 -11.94
N ASN B 447 -17.69 12.31 -13.03
CA ASN B 447 -18.35 12.63 -14.26
C ASN B 447 -19.77 12.15 -14.26
N GLN B 448 -20.04 11.00 -13.65
CA GLN B 448 -21.40 10.55 -13.65
C GLN B 448 -22.23 11.49 -12.84
N HIS B 449 -21.66 11.98 -11.75
CA HIS B 449 -22.37 12.88 -10.93
C HIS B 449 -22.66 14.14 -11.69
N THR B 450 -21.67 14.68 -12.37
CA THR B 450 -21.82 15.93 -13.08
C THR B 450 -22.92 15.85 -14.11
N ILE B 451 -22.99 14.74 -14.84
CA ILE B 451 -24.03 14.66 -15.82
C ILE B 451 -25.39 14.66 -15.16
N ASP B 452 -25.55 13.89 -14.10
CA ASP B 452 -26.85 13.84 -13.47
C ASP B 452 -27.18 15.17 -12.80
N LEU B 453 -26.15 15.85 -12.33
CA LEU B 453 -26.24 17.13 -11.67
C LEU B 453 -26.78 18.19 -12.57
N THR B 454 -26.36 18.22 -13.84
CA THR B 454 -26.89 19.26 -14.67
C THR B 454 -28.23 18.88 -15.25
N ASP B 455 -28.49 17.59 -15.43
CA ASP B 455 -29.78 17.22 -16.01
C ASP B 455 -30.90 17.47 -15.02
N SER B 456 -30.62 17.35 -13.73
CA SER B 456 -31.67 17.60 -12.78
C SER B 456 -32.02 19.08 -12.73
N GLU B 457 -31.13 19.99 -13.17
CA GLU B 457 -31.48 21.39 -13.11
C GLU B 457 -32.48 21.65 -14.20
N MET B 458 -32.30 20.97 -15.32
CA MET B 458 -33.23 21.14 -16.42
C MET B 458 -34.61 20.66 -16.02
N ASN B 459 -34.67 19.54 -15.30
CA ASN B 459 -35.97 19.06 -14.91
C ASN B 459 -36.61 19.92 -13.85
N LYS B 460 -35.82 20.49 -12.94
CA LYS B 460 -36.41 21.37 -11.95
C LYS B 460 -36.99 22.60 -12.61
N LEU B 461 -36.32 23.14 -13.62
CA LEU B 461 -36.84 24.31 -14.27
C LEU B 461 -38.16 23.97 -14.94
N PHE B 462 -38.21 22.80 -15.56
CA PHE B 462 -39.41 22.37 -16.23
C PHE B 462 -40.57 22.27 -15.27
N GLU B 463 -40.32 21.62 -14.15
CA GLU B 463 -41.38 21.41 -13.19
C GLU B 463 -41.87 22.72 -12.61
N LYS B 464 -40.95 23.63 -12.34
CA LYS B 464 -41.33 24.90 -11.78
C LYS B 464 -42.23 25.68 -12.73
N THR B 465 -41.88 25.66 -14.01
CA THR B 465 -42.67 26.38 -14.99
C THR B 465 -44.07 25.81 -15.01
N LYS B 466 -44.17 24.49 -15.00
CA LYS B 466 -45.47 23.85 -15.02
C LYS B 466 -46.35 24.34 -13.89
N LYS B 467 -45.79 24.56 -12.71
CA LYS B 467 -46.61 25.01 -11.60
C LYS B 467 -47.10 26.43 -11.80
N GLN B 468 -46.29 27.28 -12.42
CA GLN B 468 -46.76 28.65 -12.62
C GLN B 468 -48.00 28.63 -13.49
N LEU B 469 -48.00 27.70 -14.43
CA LEU B 469 -49.07 27.51 -15.39
C LEU B 469 -49.94 26.33 -15.06
N ARG B 470 -50.12 26.04 -13.77
CA ARG B 470 -50.82 24.83 -13.34
C ARG B 470 -52.08 24.46 -14.10
N GLU B 471 -53.01 25.38 -14.27
CA GLU B 471 -54.25 25.05 -14.98
C GLU B 471 -54.42 25.76 -16.30
N ASN B 472 -53.41 26.46 -16.76
CA ASN B 472 -53.60 27.24 -17.97
C ASN B 472 -52.77 26.71 -19.12
N ALA B 473 -52.22 25.53 -18.96
CA ALA B 473 -51.35 24.98 -19.98
C ALA B 473 -51.28 23.47 -19.94
N GLU B 474 -50.86 22.91 -21.06
CA GLU B 474 -50.63 21.49 -21.17
C GLU B 474 -49.19 21.19 -21.55
N ASP B 475 -48.67 20.08 -21.02
CA ASP B 475 -47.33 19.59 -21.34
C ASP B 475 -47.38 18.78 -22.61
N MET B 476 -46.76 19.27 -23.67
CA MET B 476 -46.91 18.61 -24.95
C MET B 476 -46.03 17.39 -25.15
N GLY B 477 -45.21 17.06 -24.14
CA GLY B 477 -44.38 15.86 -24.20
C GLY B 477 -43.01 16.02 -24.84
N ASN B 478 -42.69 17.23 -25.25
CA ASN B 478 -41.44 17.54 -25.91
C ASN B 478 -40.68 18.64 -25.19
N GLY B 479 -41.01 18.87 -23.95
CA GLY B 479 -40.36 19.95 -23.20
C GLY B 479 -40.98 21.35 -23.35
N CYS B 480 -42.12 21.48 -24.09
CA CYS B 480 -42.83 22.73 -24.35
C CYS B 480 -44.24 22.70 -23.76
N PHE B 481 -44.68 23.85 -23.33
CA PHE B 481 -46.02 23.99 -22.82
C PHE B 481 -46.90 24.74 -23.77
N LYS B 482 -48.11 24.24 -23.93
CA LYS B 482 -49.10 24.93 -24.70
C LYS B 482 -49.87 25.81 -23.77
N ILE B 483 -49.89 27.08 -24.05
CA ILE B 483 -50.56 28.05 -23.22
C ILE B 483 -51.91 28.36 -23.83
N TYR B 484 -52.95 28.25 -23.02
CA TYR B 484 -54.31 28.41 -23.50
C TYR B 484 -54.93 29.76 -23.40
N HIS B 485 -54.16 30.77 -23.09
CA HIS B 485 -54.71 32.09 -23.11
C HIS B 485 -53.90 32.80 -24.15
N LYS B 486 -54.44 33.82 -24.78
CA LYS B 486 -53.63 34.47 -25.79
C LYS B 486 -52.62 35.41 -25.18
N CYS B 487 -51.53 34.81 -24.67
CA CYS B 487 -50.43 35.43 -23.94
C CYS B 487 -49.59 36.32 -24.87
N ASP B 488 -49.28 37.51 -24.39
CA ASP B 488 -48.43 38.47 -25.04
C ASP B 488 -47.00 38.38 -24.52
N ASN B 489 -46.13 39.25 -24.99
CA ASN B 489 -44.76 39.16 -24.52
C ASN B 489 -44.63 39.49 -23.06
N ALA B 490 -45.46 40.41 -22.58
CA ALA B 490 -45.36 40.80 -21.18
C ALA B 490 -45.64 39.64 -20.20
N CYS B 491 -46.66 38.77 -20.46
CA CYS B 491 -46.93 37.60 -19.61
C CYS B 491 -45.84 36.56 -19.79
N ILE B 492 -45.21 36.49 -20.95
CA ILE B 492 -44.12 35.55 -21.02
C ILE B 492 -43.06 35.99 -20.05
N GLU B 493 -42.76 37.28 -19.99
CA GLU B 493 -41.73 37.74 -19.08
C GLU B 493 -42.10 37.42 -17.63
N SER B 494 -43.38 37.59 -17.32
CA SER B 494 -43.92 37.32 -16.00
C SER B 494 -43.74 35.85 -15.66
N ILE B 495 -43.95 34.98 -16.63
CA ILE B 495 -43.80 33.56 -16.37
C ILE B 495 -42.34 33.27 -16.08
N ARG B 496 -41.45 33.86 -16.89
CA ARG B 496 -39.99 33.61 -16.74
C ARG B 496 -39.51 34.05 -15.35
N ASN B 497 -40.09 35.11 -14.78
CA ASN B 497 -39.58 35.62 -13.47
C ASN B 497 -40.50 35.17 -12.33
N GLU B 498 -41.40 34.21 -12.58
CA GLU B 498 -42.27 33.62 -11.51
C GLU B 498 -43.18 34.68 -10.88
N THR B 499 -43.76 35.57 -11.69
CA THR B 499 -44.72 36.56 -11.19
C THR B 499 -46.07 36.41 -11.87
N TYR B 500 -46.23 35.29 -12.57
CA TYR B 500 -47.44 34.97 -13.31
C TYR B 500 -48.61 34.61 -12.41
N ASP B 501 -49.79 35.16 -12.71
CA ASP B 501 -50.96 34.83 -11.90
C ASP B 501 -51.90 33.89 -12.64
N HIS B 502 -51.95 32.65 -12.23
CA HIS B 502 -52.76 31.69 -12.94
C HIS B 502 -54.25 31.95 -12.77
N ASN B 503 -54.64 32.77 -11.82
CA ASN B 503 -56.04 33.00 -11.58
C ASN B 503 -56.65 34.08 -12.41
N VAL B 504 -55.88 34.71 -13.30
CA VAL B 504 -56.52 35.74 -14.08
C VAL B 504 -56.76 35.27 -15.49
N TYR B 505 -56.22 34.11 -15.83
CA TYR B 505 -56.41 33.57 -17.14
C TYR B 505 -57.20 32.29 -17.04
N ARG B 506 -57.67 32.00 -15.86
CA ARG B 506 -58.29 30.73 -15.64
C ARG B 506 -59.51 30.50 -16.49
N ASP B 507 -60.32 31.52 -16.70
CA ASP B 507 -61.53 31.29 -17.43
C ASP B 507 -61.26 31.23 -18.90
N GLU B 508 -60.31 32.03 -19.38
CA GLU B 508 -60.03 31.99 -20.79
C GLU B 508 -59.51 30.62 -21.15
N ALA B 509 -58.60 30.11 -20.32
CA ALA B 509 -58.01 28.82 -20.63
C ALA B 509 -59.04 27.71 -20.55
N LEU B 510 -59.96 27.75 -19.60
CA LEU B 510 -60.94 26.67 -19.54
C LEU B 510 -61.87 26.68 -20.73
N ASN B 511 -62.20 27.87 -21.23
CA ASN B 511 -63.04 27.91 -22.40
C ASN B 511 -62.31 27.41 -23.61
N ASN B 512 -61.01 27.60 -23.66
CA ASN B 512 -60.34 27.09 -24.82
C ASN B 512 -60.04 25.60 -24.78
N ARG B 513 -59.68 25.06 -23.61
CA ARG B 513 -59.30 23.66 -23.57
C ARG B 513 -60.43 22.67 -23.34
N PHE B 514 -61.44 23.01 -22.53
CA PHE B 514 -62.52 22.05 -22.30
C PHE B 514 -63.81 22.54 -22.89
N GLN B 515 -63.74 23.67 -23.57
CA GLN B 515 -64.90 24.30 -24.18
C GLN B 515 -66.08 24.48 -23.19
N ILE B 516 -65.79 24.94 -21.94
CA ILE B 516 -66.81 25.17 -20.90
C ILE B 516 -67.70 26.36 -21.29
N ALA C 25 -61.21 1.40 -21.51
CA ALA C 25 -60.14 0.42 -21.63
C ALA C 25 -59.06 0.69 -20.59
N THR C 26 -58.21 -0.32 -20.27
CA THR C 26 -57.09 -0.21 -19.33
C THR C 26 -55.78 -0.64 -19.93
N LEU C 27 -54.78 0.23 -19.80
CA LEU C 27 -53.44 -0.08 -20.27
C LEU C 27 -52.46 0.00 -19.10
N CYS C 28 -51.83 -1.13 -18.73
CA CYS C 28 -50.92 -1.28 -17.60
C CYS C 28 -49.48 -1.46 -18.03
N LEU C 29 -48.60 -0.86 -17.26
CA LEU C 29 -47.20 -1.06 -17.51
C LEU C 29 -46.60 -1.85 -16.38
N GLY C 30 -45.59 -2.62 -16.71
CA GLY C 30 -44.91 -3.39 -15.70
C GLY C 30 -43.62 -3.95 -16.19
N HIS C 31 -43.06 -4.84 -15.42
CA HIS C 31 -41.78 -5.46 -15.69
C HIS C 31 -41.84 -6.90 -15.32
N HIS C 32 -40.89 -7.67 -15.81
CA HIS C 32 -40.83 -9.11 -15.64
C HIS C 32 -40.46 -9.47 -14.21
N ALA C 33 -40.44 -10.76 -13.93
CA ALA C 33 -40.11 -11.26 -12.60
C ALA C 33 -39.57 -12.66 -12.72
N VAL C 34 -38.84 -13.09 -11.72
CA VAL C 34 -38.29 -14.43 -11.70
C VAL C 34 -38.77 -15.22 -10.50
N PRO C 35 -39.37 -16.40 -10.67
CA PRO C 35 -39.88 -17.24 -9.61
C PRO C 35 -38.86 -17.52 -8.49
N ASN C 36 -37.59 -17.59 -8.86
CA ASN C 36 -36.52 -17.83 -7.90
C ASN C 36 -35.30 -17.00 -8.27
N GLY C 37 -35.11 -15.83 -7.63
CA GLY C 37 -34.01 -14.97 -8.01
C GLY C 37 -32.80 -15.25 -7.15
N THR C 38 -31.88 -14.31 -7.13
CA THR C 38 -30.66 -14.49 -6.37
C THR C 38 -30.38 -13.32 -5.47
N ILE C 39 -29.37 -13.46 -4.64
CA ILE C 39 -29.07 -12.41 -3.69
C ILE C 39 -27.79 -11.66 -3.95
N VAL C 40 -27.90 -10.36 -3.93
CA VAL C 40 -26.75 -9.49 -4.11
C VAL C 40 -26.70 -8.49 -3.00
N LYS C 41 -25.55 -7.87 -2.82
CA LYS C 41 -25.43 -6.85 -1.82
C LYS C 41 -25.47 -5.46 -2.41
N THR C 42 -25.97 -4.51 -1.65
CA THR C 42 -25.90 -3.13 -2.10
C THR C 42 -25.42 -2.27 -0.98
N ILE C 43 -24.92 -1.11 -1.37
CA ILE C 43 -24.45 -0.16 -0.38
C ILE C 43 -25.54 0.32 0.59
N THR C 44 -26.82 0.29 0.21
CA THR C 44 -27.84 0.75 1.15
C THR C 44 -28.66 -0.33 1.83
N ASN C 45 -28.82 -1.48 1.20
CA ASN C 45 -29.70 -2.49 1.77
C ASN C 45 -29.05 -3.73 2.31
N ASP C 46 -27.77 -3.96 2.03
CA ASP C 46 -27.07 -5.15 2.47
C ASP C 46 -27.53 -6.44 1.77
N ARG C 47 -28.80 -6.82 1.93
CA ARG C 47 -29.29 -8.02 1.26
C ARG C 47 -30.56 -7.82 0.45
N ILE C 48 -30.47 -7.88 -0.88
CA ILE C 48 -31.69 -7.74 -1.69
C ILE C 48 -31.79 -8.85 -2.72
N GLU C 49 -32.99 -9.10 -3.23
CA GLU C 49 -33.15 -10.09 -4.28
C GLU C 49 -33.27 -9.48 -5.66
N VAL C 50 -32.51 -10.03 -6.60
CA VAL C 50 -32.51 -9.60 -7.99
C VAL C 50 -32.78 -10.76 -8.90
N THR C 51 -33.15 -10.44 -10.15
CA THR C 51 -33.51 -11.50 -11.13
C THR C 51 -32.27 -12.19 -11.68
N ASN C 52 -31.14 -11.48 -11.83
CA ASN C 52 -29.93 -12.06 -12.47
C ASN C 52 -28.67 -11.53 -11.78
N ALA C 53 -27.59 -12.34 -11.73
CA ALA C 53 -26.32 -11.89 -11.12
C ALA C 53 -25.12 -12.61 -11.74
N THR C 54 -23.91 -12.10 -11.50
CA THR C 54 -22.66 -12.72 -12.04
C THR C 54 -21.57 -12.68 -10.95
N GLU C 55 -20.85 -13.78 -10.76
CA GLU C 55 -19.78 -13.84 -9.72
C GLU C 55 -18.52 -13.11 -10.20
N LEU C 56 -17.85 -12.39 -9.31
CA LEU C 56 -16.62 -11.71 -9.65
C LEU C 56 -15.36 -12.32 -9.08
N VAL C 57 -15.49 -13.38 -8.29
CA VAL C 57 -14.33 -14.01 -7.66
C VAL C 57 -14.13 -15.42 -8.15
N GLN C 58 -12.96 -15.69 -8.75
CA GLN C 58 -12.64 -17.08 -9.17
C GLN C 58 -12.14 -17.83 -7.93
N ASN C 59 -12.94 -18.76 -7.40
CA ASN C 59 -12.55 -19.45 -6.15
C ASN C 59 -12.19 -20.93 -6.42
N SER C 60 -11.74 -21.25 -7.64
CA SER C 60 -11.44 -22.66 -7.99
C SER C 60 -10.34 -22.75 -9.05
N SER C 61 -9.21 -23.37 -8.72
CA SER C 61 -8.17 -23.58 -9.70
C SER C 61 -8.39 -24.91 -10.39
N ILE C 62 -7.69 -25.13 -11.48
CA ILE C 62 -7.76 -26.41 -12.17
C ILE C 62 -7.12 -27.57 -11.40
N GLY C 63 -5.97 -27.35 -10.74
CA GLY C 63 -5.26 -28.44 -10.07
C GLY C 63 -4.12 -28.94 -10.93
N GLU C 64 -3.94 -28.29 -12.05
CA GLU C 64 -2.93 -28.61 -13.03
C GLU C 64 -2.38 -27.33 -13.61
N ILE C 65 -1.08 -27.29 -13.83
CA ILE C 65 -0.39 -26.15 -14.39
C ILE C 65 -0.31 -26.29 -15.92
N CYS C 66 -0.64 -25.22 -16.68
CA CYS C 66 -0.59 -25.20 -18.15
C CYS C 66 0.82 -24.93 -18.61
N ASP C 67 1.20 -25.52 -19.74
CA ASP C 67 2.52 -25.32 -20.30
C ASP C 67 2.53 -24.37 -21.48
N SER C 68 1.50 -23.55 -21.58
CA SER C 68 1.41 -22.60 -22.66
C SER C 68 0.50 -21.47 -22.23
N PRO C 69 0.80 -20.22 -22.62
CA PRO C 69 1.90 -19.72 -23.42
C PRO C 69 3.25 -19.62 -22.74
N HIS C 70 3.28 -19.77 -21.42
CA HIS C 70 4.52 -19.59 -20.69
C HIS C 70 5.36 -20.84 -20.78
N GLN C 71 6.67 -20.70 -20.84
CA GLN C 71 7.54 -21.85 -20.85
C GLN C 71 7.90 -22.27 -19.44
N ILE C 72 7.60 -23.52 -19.12
CA ILE C 72 7.85 -23.96 -17.76
C ILE C 72 8.89 -25.05 -17.66
N LEU C 73 9.85 -24.82 -16.80
CA LEU C 73 10.90 -25.78 -16.56
C LEU C 73 10.63 -26.48 -15.24
N ASP C 74 10.38 -27.76 -15.30
CA ASP C 74 9.99 -28.53 -14.12
C ASP C 74 11.17 -29.11 -13.35
N GLY C 75 11.53 -28.45 -12.25
CA GLY C 75 12.72 -28.89 -11.48
C GLY C 75 12.44 -30.08 -10.60
N GLU C 76 12.45 -31.28 -11.17
CA GLU C 76 12.18 -32.52 -10.39
C GLU C 76 13.40 -32.85 -9.52
N ASN C 77 13.24 -32.81 -8.19
CA ASN C 77 14.35 -33.13 -7.24
C ASN C 77 15.54 -32.18 -7.44
N CYS C 78 15.29 -30.92 -7.84
CA CYS C 78 16.38 -29.95 -8.05
C CYS C 78 15.90 -28.54 -7.70
N THR C 79 16.61 -27.84 -6.80
CA THR C 79 16.23 -26.46 -6.55
C THR C 79 16.95 -25.67 -7.64
N LEU C 80 16.63 -24.41 -7.85
CA LEU C 80 17.30 -23.76 -8.96
C LEU C 80 18.79 -23.65 -8.73
N ILE C 81 19.18 -23.43 -7.49
CA ILE C 81 20.59 -23.29 -7.19
C ILE C 81 21.37 -24.60 -7.32
N ASP C 82 20.69 -25.75 -7.42
CA ASP C 82 21.47 -26.96 -7.57
C ASP C 82 21.75 -27.08 -9.04
N ALA C 83 20.77 -26.69 -9.85
CA ALA C 83 20.98 -26.75 -11.27
C ALA C 83 22.09 -25.77 -11.67
N LEU C 84 22.13 -24.63 -10.98
CA LEU C 84 23.11 -23.60 -11.24
C LEU C 84 24.50 -24.07 -10.95
N LEU C 85 24.65 -24.68 -9.80
CA LEU C 85 25.92 -25.14 -9.31
C LEU C 85 26.45 -26.38 -10.05
N GLY C 86 25.53 -27.26 -10.38
CA GLY C 86 25.83 -28.52 -11.00
C GLY C 86 25.69 -29.59 -9.95
N ASP C 87 24.92 -30.61 -10.24
CA ASP C 87 24.64 -31.70 -9.31
C ASP C 87 24.33 -32.90 -10.17
N PRO C 88 24.91 -34.08 -9.94
CA PRO C 88 24.68 -35.26 -10.75
C PRO C 88 23.20 -35.55 -11.01
N GLN C 89 22.31 -35.22 -10.09
CA GLN C 89 20.89 -35.49 -10.37
C GLN C 89 20.20 -34.42 -11.26
N CYS C 90 20.87 -33.25 -11.47
CA CYS C 90 20.38 -32.06 -12.15
C CYS C 90 21.17 -31.87 -13.46
N ASP C 91 21.74 -32.95 -13.99
CA ASP C 91 22.50 -32.82 -15.24
C ASP C 91 21.62 -32.54 -16.43
N GLY C 92 20.33 -32.71 -16.25
CA GLY C 92 19.37 -32.48 -17.30
C GLY C 92 18.96 -31.02 -17.38
N PHE C 93 19.54 -30.17 -16.54
CA PHE C 93 19.21 -28.76 -16.53
C PHE C 93 20.41 -27.91 -16.81
N GLN C 94 20.89 -27.92 -18.03
CA GLN C 94 22.05 -27.14 -18.39
C GLN C 94 21.65 -26.33 -19.58
N ASN C 95 21.93 -25.04 -19.53
CA ASN C 95 21.60 -24.16 -20.62
C ASN C 95 20.10 -24.15 -20.93
N LYS C 96 19.29 -24.28 -19.90
CA LYS C 96 17.86 -24.24 -20.05
C LYS C 96 17.36 -22.85 -19.90
N LYS C 97 16.20 -22.61 -20.46
CA LYS C 97 15.58 -21.32 -20.32
C LYS C 97 14.18 -21.51 -19.85
N TRP C 98 13.66 -20.53 -19.15
CA TRP C 98 12.30 -20.62 -18.70
C TRP C 98 11.69 -19.28 -18.47
N ASP C 99 10.38 -19.24 -18.48
CA ASP C 99 9.74 -18.05 -18.03
C ASP C 99 9.43 -18.33 -16.58
N LEU C 100 9.07 -19.57 -16.31
CA LEU C 100 8.74 -19.96 -14.97
C LEU C 100 9.43 -21.23 -14.61
N PHE C 101 10.12 -21.22 -13.48
CA PHE C 101 10.79 -22.41 -13.00
C PHE C 101 9.97 -22.93 -11.86
N VAL C 102 9.72 -24.21 -11.86
CA VAL C 102 8.95 -24.77 -10.78
C VAL C 102 9.81 -25.63 -9.92
N GLU C 103 9.86 -25.26 -8.66
CA GLU C 103 10.64 -25.93 -7.66
C GLU C 103 9.72 -26.86 -6.89
N ARG C 104 10.10 -28.13 -6.81
CA ARG C 104 9.25 -29.10 -6.13
C ARG C 104 9.60 -29.20 -4.65
N SER C 105 8.60 -29.49 -3.82
CA SER C 105 8.84 -29.57 -2.37
C SER C 105 9.69 -30.74 -1.95
N LYS C 106 9.78 -31.71 -2.81
CA LYS C 106 10.52 -32.91 -2.54
C LYS C 106 11.98 -32.81 -2.93
N ALA C 107 12.40 -31.69 -3.52
CA ALA C 107 13.78 -31.60 -3.95
C ALA C 107 14.73 -31.67 -2.78
N TYR C 108 15.84 -32.36 -2.99
CA TYR C 108 16.90 -32.52 -2.01
C TYR C 108 18.18 -32.52 -2.78
N SER C 109 19.30 -32.17 -2.16
CA SER C 109 20.55 -32.23 -2.90
C SER C 109 21.15 -33.60 -2.79
N ASN C 110 22.03 -33.96 -3.71
CA ASN C 110 22.67 -35.27 -3.62
C ASN C 110 24.15 -35.14 -3.89
N CYS C 111 24.86 -34.28 -3.13
CA CYS C 111 26.24 -33.91 -3.37
C CYS C 111 26.87 -33.39 -2.08
N TYR C 112 28.10 -32.95 -2.18
CA TYR C 112 28.91 -32.49 -1.10
C TYR C 112 28.16 -31.43 -0.32
N PRO C 113 28.17 -31.44 1.02
CA PRO C 113 27.41 -30.52 1.84
C PRO C 113 27.64 -29.10 1.40
N TYR C 114 26.53 -28.44 1.19
CA TYR C 114 26.49 -27.12 0.62
C TYR C 114 25.80 -26.04 1.43
N ASP C 115 26.45 -24.89 1.54
CA ASP C 115 25.97 -23.75 2.33
C ASP C 115 26.14 -22.39 1.61
N VAL C 116 25.05 -21.71 1.30
CA VAL C 116 25.17 -20.45 0.56
C VAL C 116 24.66 -19.24 1.36
N PRO C 117 25.51 -18.34 1.84
CA PRO C 117 25.12 -17.17 2.57
C PRO C 117 24.20 -16.38 1.68
N ASP C 118 23.10 -15.91 2.23
CA ASP C 118 22.14 -15.14 1.46
C ASP C 118 21.76 -15.84 0.17
N TYR C 119 21.51 -17.15 0.25
CA TYR C 119 21.15 -17.84 -0.97
C TYR C 119 19.84 -17.33 -1.46
N ALA C 120 18.99 -16.84 -0.59
CA ALA C 120 17.74 -16.36 -1.08
C ALA C 120 17.95 -15.24 -2.11
N SER C 121 19.00 -14.42 -1.96
CA SER C 121 19.20 -13.38 -2.93
C SER C 121 19.83 -13.94 -4.18
N LEU C 122 20.64 -14.98 -4.03
CA LEU C 122 21.23 -15.60 -5.22
C LEU C 122 20.14 -16.21 -6.05
N ARG C 123 19.20 -16.84 -5.37
CA ARG C 123 18.09 -17.50 -6.00
C ARG C 123 17.28 -16.49 -6.77
N SER C 124 17.04 -15.31 -6.21
CA SER C 124 16.35 -14.28 -6.97
C SER C 124 17.17 -13.83 -8.18
N LEU C 125 18.47 -13.60 -7.98
CA LEU C 125 19.34 -13.14 -9.06
C LEU C 125 19.31 -14.04 -10.27
N VAL C 126 19.32 -15.34 -10.06
CA VAL C 126 19.33 -16.22 -11.20
C VAL C 126 17.95 -16.68 -11.57
N ALA C 127 16.94 -16.20 -10.89
CA ALA C 127 15.59 -16.58 -11.23
C ALA C 127 15.08 -15.68 -12.28
N SER C 128 15.36 -14.40 -12.10
CA SER C 128 14.87 -13.35 -12.97
C SER C 128 15.58 -13.36 -14.30
N SER C 129 16.69 -14.07 -14.38
CA SER C 129 17.42 -14.14 -15.62
C SER C 129 16.74 -15.09 -16.57
N GLY C 130 15.98 -16.05 -16.07
CA GLY C 130 15.33 -16.98 -16.95
C GLY C 130 16.28 -18.00 -17.56
N THR C 131 17.54 -18.04 -17.12
CA THR C 131 18.45 -18.95 -17.78
C THR C 131 19.60 -19.52 -16.99
N LEU C 132 20.00 -20.71 -17.39
CA LEU C 132 21.19 -21.40 -16.89
C LEU C 132 22.25 -21.54 -17.95
N GLU C 133 22.22 -20.65 -18.95
CA GLU C 133 23.21 -20.67 -19.99
C GLU C 133 24.56 -20.40 -19.42
N PHE C 134 25.48 -21.27 -19.76
CA PHE C 134 26.82 -21.21 -19.23
C PHE C 134 27.89 -21.35 -20.25
N LYS C 135 28.92 -20.50 -20.17
CA LYS C 135 30.07 -20.60 -21.12
C LYS C 135 31.36 -20.83 -20.31
N ASN C 136 32.07 -21.92 -20.60
CA ASN C 136 33.35 -22.22 -19.90
C ASN C 136 34.43 -21.26 -20.36
N GLU C 137 35.41 -20.96 -19.50
CA GLU C 137 36.48 -19.97 -19.84
C GLU C 137 37.86 -20.57 -19.59
N SER C 138 38.88 -20.06 -20.28
CA SER C 138 40.23 -20.53 -20.10
C SER C 138 40.98 -19.83 -19.01
N PHE C 139 40.60 -20.11 -17.75
CA PHE C 139 41.35 -19.54 -16.60
C PHE C 139 42.72 -20.23 -16.58
N ASN C 140 43.81 -19.46 -16.76
CA ASN C 140 45.17 -20.07 -16.84
C ASN C 140 45.65 -20.45 -15.44
N TRP C 141 45.56 -21.72 -15.07
CA TRP C 141 46.10 -22.18 -13.76
C TRP C 141 47.49 -22.82 -13.98
N THR C 142 48.27 -22.98 -12.91
CA THR C 142 49.65 -23.51 -13.04
C THR C 142 49.98 -24.60 -12.02
N GLY C 143 50.43 -24.23 -10.82
CA GLY C 143 50.94 -25.22 -9.88
C GLY C 143 49.94 -25.76 -8.86
N VAL C 144 48.77 -26.10 -9.33
CA VAL C 144 47.73 -26.66 -8.50
C VAL C 144 47.12 -27.86 -9.19
N THR C 145 46.48 -28.71 -8.43
CA THR C 145 45.77 -29.78 -9.07
C THR C 145 44.52 -29.11 -9.54
N GLN C 146 44.18 -29.26 -10.82
CA GLN C 146 43.00 -28.54 -11.36
C GLN C 146 41.79 -29.48 -11.45
N ASN C 147 41.76 -30.53 -10.63
CA ASN C 147 40.61 -31.49 -10.62
C ASN C 147 40.43 -32.11 -9.24
N GLY C 148 40.00 -31.33 -8.25
CA GLY C 148 39.69 -31.89 -6.91
C GLY C 148 38.36 -32.63 -6.98
N THR C 149 38.22 -33.76 -6.27
CA THR C 149 36.97 -34.55 -6.44
C THR C 149 36.47 -35.10 -5.10
N SER C 150 35.21 -35.56 -5.07
CA SER C 150 34.63 -36.11 -3.86
C SER C 150 33.58 -37.16 -4.11
N SER C 151 33.62 -38.18 -3.25
CA SER C 151 32.74 -39.34 -3.21
C SER C 151 31.33 -38.98 -2.81
N ALA C 152 31.18 -37.79 -2.31
CA ALA C 152 29.87 -37.28 -1.95
C ALA C 152 28.88 -37.19 -3.12
N CYS C 153 29.40 -36.96 -4.37
CA CYS C 153 28.61 -36.69 -5.56
C CYS C 153 28.90 -37.77 -6.59
N ILE C 154 28.02 -38.74 -6.70
CA ILE C 154 28.33 -39.82 -7.61
C ILE C 154 27.69 -39.66 -8.96
N ARG C 155 28.54 -39.62 -9.96
CA ARG C 155 28.15 -39.45 -11.34
C ARG C 155 28.87 -40.48 -12.15
N GLY C 156 28.16 -41.28 -12.92
CA GLY C 156 28.88 -42.25 -13.73
C GLY C 156 29.53 -43.29 -12.85
N SER C 157 28.94 -43.54 -11.70
CA SER C 157 29.46 -44.45 -10.71
C SER C 157 30.84 -44.08 -10.17
N SER C 158 31.21 -42.80 -10.21
CA SER C 158 32.47 -42.41 -9.60
C SER C 158 32.39 -41.08 -8.88
N SER C 159 33.51 -40.65 -8.31
CA SER C 159 33.55 -39.41 -7.55
C SER C 159 33.67 -38.21 -8.46
N SER C 160 32.72 -37.27 -8.40
CA SER C 160 32.78 -36.13 -9.33
C SER C 160 32.52 -34.72 -8.81
N PHE C 161 32.30 -34.54 -7.51
CA PHE C 161 32.02 -33.20 -6.96
C PHE C 161 30.87 -32.45 -7.71
N PHE C 162 31.04 -31.17 -8.05
CA PHE C 162 29.98 -30.40 -8.72
C PHE C 162 30.45 -30.13 -10.13
N SER C 163 29.56 -30.01 -11.09
CA SER C 163 30.04 -29.80 -12.46
C SER C 163 30.46 -28.40 -12.89
N ARG C 164 29.99 -27.32 -12.26
CA ARG C 164 30.43 -26.01 -12.76
C ARG C 164 31.60 -25.44 -11.99
N LEU C 165 32.02 -26.13 -10.94
CA LEU C 165 33.12 -25.68 -10.11
C LEU C 165 34.37 -26.52 -10.23
N ASN C 166 35.50 -25.90 -9.96
CA ASN C 166 36.78 -26.55 -9.99
C ASN C 166 37.49 -26.47 -8.67
N TRP C 167 37.57 -27.59 -7.99
CA TRP C 167 38.19 -27.63 -6.69
C TRP C 167 39.68 -27.73 -6.87
N LEU C 168 40.40 -26.68 -6.49
CA LEU C 168 41.83 -26.71 -6.69
C LEU C 168 42.46 -27.21 -5.43
N THR C 169 43.50 -28.01 -5.55
CA THR C 169 44.20 -28.53 -4.37
C THR C 169 45.68 -28.34 -4.54
N HIS C 170 46.47 -28.67 -3.54
CA HIS C 170 47.89 -28.54 -3.80
C HIS C 170 48.29 -29.49 -4.89
N LEU C 171 49.47 -29.24 -5.47
CA LEU C 171 50.05 -30.16 -6.48
C LEU C 171 51.54 -30.23 -6.15
N ASN C 172 52.07 -31.45 -5.93
CA ASN C 172 53.49 -31.61 -5.52
C ASN C 172 53.69 -30.88 -4.17
N TYR C 173 52.79 -31.10 -3.20
CA TYR C 173 52.94 -30.53 -1.83
C TYR C 173 53.16 -29.02 -1.84
N THR C 174 52.53 -28.28 -2.77
CA THR C 174 52.63 -26.84 -2.73
C THR C 174 51.42 -26.19 -3.38
N TYR C 175 51.08 -25.01 -2.93
CA TYR C 175 49.97 -24.28 -3.47
C TYR C 175 50.41 -22.87 -3.73
N PRO C 176 50.98 -22.50 -4.91
CA PRO C 176 51.49 -21.13 -5.10
C PRO C 176 50.36 -20.11 -5.09
N ALA C 177 50.66 -18.87 -4.68
CA ALA C 177 49.63 -17.80 -4.67
C ALA C 177 49.04 -17.67 -6.08
N LEU C 178 47.73 -17.92 -6.22
CA LEU C 178 47.11 -17.88 -7.58
C LEU C 178 46.59 -16.47 -7.85
N ASN C 179 47.28 -15.72 -8.73
CA ASN C 179 46.83 -14.36 -9.12
C ASN C 179 46.42 -14.39 -10.59
N VAL C 180 45.16 -14.69 -10.90
CA VAL C 180 44.73 -14.85 -12.32
C VAL C 180 43.75 -13.74 -12.69
N THR C 181 43.74 -13.32 -13.97
CA THR C 181 42.84 -12.29 -14.43
C THR C 181 42.04 -12.72 -15.64
N MET C 182 40.74 -12.47 -15.58
CA MET C 182 39.83 -12.78 -16.67
C MET C 182 38.99 -11.55 -17.07
N PRO C 183 39.42 -10.74 -18.04
CA PRO C 183 38.78 -9.52 -18.50
C PRO C 183 37.42 -9.77 -19.13
N ASN C 184 36.48 -8.82 -19.01
CA ASN C 184 35.19 -8.92 -19.67
C ASN C 184 35.11 -8.03 -20.91
N LYS C 185 35.28 -8.64 -22.08
CA LYS C 185 35.29 -7.90 -23.34
C LYS C 185 33.99 -8.02 -24.10
N GLU C 186 32.99 -8.61 -23.49
CA GLU C 186 31.71 -8.78 -24.15
C GLU C 186 30.73 -7.77 -23.62
N GLN C 187 29.51 -7.82 -24.14
CA GLN C 187 28.49 -6.87 -23.74
C GLN C 187 27.60 -7.38 -22.63
N PHE C 188 27.93 -8.52 -22.09
CA PHE C 188 27.11 -9.10 -21.06
C PHE C 188 27.68 -8.89 -19.70
N ASP C 189 26.81 -8.69 -18.75
CA ASP C 189 27.29 -8.77 -17.39
C ASP C 189 27.57 -10.24 -17.19
N LYS C 190 28.66 -10.56 -16.53
CA LYS C 190 28.97 -11.96 -16.30
C LYS C 190 28.84 -12.36 -14.86
N LEU C 191 28.16 -13.47 -14.61
CA LEU C 191 28.02 -13.94 -13.26
C LEU C 191 28.98 -15.06 -12.95
N TYR C 192 29.84 -14.83 -11.97
CA TYR C 192 30.78 -15.85 -11.60
C TYR C 192 30.41 -16.44 -10.25
N ILE C 193 30.45 -17.75 -10.20
CA ILE C 193 30.16 -18.49 -8.97
C ILE C 193 31.45 -19.12 -8.50
N TRP C 194 31.77 -18.93 -7.24
CA TRP C 194 32.99 -19.48 -6.68
C TRP C 194 32.79 -19.76 -5.21
N GLY C 195 33.69 -20.51 -4.60
CA GLY C 195 33.51 -20.70 -3.17
C GLY C 195 34.76 -21.01 -2.40
N VAL C 196 34.55 -21.28 -1.13
CA VAL C 196 35.62 -21.58 -0.21
C VAL C 196 35.39 -22.87 0.52
N HIS C 197 36.45 -23.63 0.64
CA HIS C 197 36.41 -24.90 1.32
C HIS C 197 36.65 -24.74 2.81
N HIS C 198 35.85 -25.42 3.60
CA HIS C 198 35.99 -25.46 5.05
C HIS C 198 36.15 -26.94 5.42
N PRO C 199 37.37 -27.49 5.40
CA PRO C 199 37.70 -28.92 5.48
C PRO C 199 37.30 -29.62 6.75
N GLY C 200 37.08 -28.88 7.82
CA GLY C 200 36.63 -29.51 9.04
C GLY C 200 37.69 -29.85 10.08
N THR C 201 38.95 -29.86 9.69
CA THR C 201 40.04 -30.20 10.59
C THR C 201 41.40 -29.77 10.11
N ASP C 202 42.30 -29.58 11.06
CA ASP C 202 43.67 -29.22 10.76
C ASP C 202 44.31 -30.29 9.91
N LYS C 203 43.96 -31.54 10.17
CA LYS C 203 44.55 -32.64 9.45
C LYS C 203 44.39 -32.48 7.95
N ASP C 204 43.19 -32.09 7.55
CA ASP C 204 42.84 -31.96 6.15
C ASP C 204 43.33 -30.66 5.58
N GLN C 205 43.39 -29.62 6.38
CA GLN C 205 43.88 -28.37 5.83
C GLN C 205 45.33 -28.58 5.37
N ILE C 206 46.06 -29.41 6.12
CA ILE C 206 47.41 -29.68 5.67
C ILE C 206 47.39 -30.69 4.54
N PHE C 207 46.68 -31.78 4.69
CA PHE C 207 46.71 -32.77 3.63
C PHE C 207 46.33 -32.23 2.26
N LEU C 208 45.24 -31.50 2.23
CA LEU C 208 44.63 -31.00 1.03
C LEU C 208 45.26 -29.75 0.42
N TYR C 209 45.71 -28.76 1.22
CA TYR C 209 46.27 -27.56 0.61
C TYR C 209 47.73 -27.35 0.96
N ALA C 210 48.29 -28.27 1.76
CA ALA C 210 49.66 -28.24 2.24
C ALA C 210 49.97 -26.97 3.01
N GLN C 211 48.98 -26.42 3.69
CA GLN C 211 49.18 -25.18 4.42
C GLN C 211 48.39 -25.19 5.68
N SER C 212 48.81 -24.45 6.68
CA SER C 212 48.05 -24.36 7.91
C SER C 212 46.78 -23.53 7.80
N SER C 213 46.71 -22.71 6.77
CA SER C 213 45.58 -21.82 6.58
C SER C 213 45.43 -21.51 5.10
N GLY C 214 44.82 -20.37 4.80
CA GLY C 214 44.60 -19.90 3.43
C GLY C 214 43.72 -18.66 3.43
N ARG C 215 43.72 -17.93 2.32
CA ARG C 215 42.91 -16.73 2.16
C ARG C 215 42.40 -16.60 0.74
N ILE C 216 41.17 -16.11 0.58
CA ILE C 216 40.68 -15.86 -0.77
C ILE C 216 40.17 -14.45 -0.94
N THR C 217 40.68 -13.75 -1.94
CA THR C 217 40.20 -12.41 -2.25
C THR C 217 39.79 -12.31 -3.71
N VAL C 218 38.61 -11.80 -3.95
CA VAL C 218 38.10 -11.65 -5.30
C VAL C 218 37.73 -10.20 -5.54
N SER C 219 38.21 -9.61 -6.62
CA SER C 219 37.86 -8.23 -6.85
C SER C 219 37.72 -7.80 -8.29
N THR C 220 37.02 -6.69 -8.44
CA THR C 220 36.74 -5.99 -9.68
C THR C 220 37.09 -4.53 -9.45
N LYS C 221 36.77 -3.65 -10.39
CA LYS C 221 37.08 -2.24 -10.18
C LYS C 221 35.95 -1.55 -9.44
N ARG C 222 34.89 -2.29 -9.17
CA ARG C 222 33.73 -1.73 -8.53
C ARG C 222 33.56 -2.21 -7.09
N SER C 223 33.98 -3.42 -6.80
CA SER C 223 33.81 -3.98 -5.46
C SER C 223 34.82 -5.07 -5.16
N GLN C 224 34.92 -5.42 -3.88
CA GLN C 224 35.81 -6.51 -3.49
C GLN C 224 35.18 -7.36 -2.40
N GLN C 225 35.51 -8.65 -2.40
CA GLN C 225 35.06 -9.58 -1.39
C GLN C 225 36.21 -10.40 -0.88
N ALA C 226 36.16 -10.84 0.37
CA ALA C 226 37.20 -11.75 0.83
C ALA C 226 36.66 -12.67 1.89
N VAL C 227 37.19 -13.86 1.92
CA VAL C 227 36.81 -14.83 2.92
C VAL C 227 38.01 -15.50 3.55
N ILE C 228 37.80 -16.06 4.75
CA ILE C 228 38.83 -16.82 5.43
C ILE C 228 38.23 -18.19 5.78
N PRO C 229 38.84 -19.31 5.43
CA PRO C 229 38.37 -20.64 5.78
C PRO C 229 38.30 -20.78 7.29
N ASN C 230 37.27 -21.44 7.78
CA ASN C 230 37.08 -21.66 9.21
C ASN C 230 37.24 -23.11 9.57
N ILE C 231 38.30 -23.43 10.29
CA ILE C 231 38.59 -24.81 10.59
C ILE C 231 37.94 -25.27 11.87
N GLY C 232 37.23 -26.38 11.79
CA GLY C 232 36.56 -27.02 12.90
C GLY C 232 35.51 -27.93 12.32
N SER C 233 35.02 -28.89 13.06
CA SER C 233 34.05 -29.83 12.56
C SER C 233 32.65 -29.27 12.55
N ARG C 234 31.77 -29.98 11.85
CA ARG C 234 30.36 -29.66 11.76
C ARG C 234 29.64 -31.00 11.77
N PRO C 235 28.35 -31.09 12.08
CA PRO C 235 27.62 -32.32 12.01
C PRO C 235 27.81 -32.92 10.64
N ARG C 236 28.06 -34.21 10.59
CA ARG C 236 28.29 -34.82 9.30
C ARG C 236 27.02 -34.96 8.48
N ILE C 237 27.12 -34.56 7.24
CA ILE C 237 26.07 -34.65 6.25
C ILE C 237 26.55 -35.56 5.16
N ARG C 238 25.82 -36.62 4.85
CA ARG C 238 26.29 -37.58 3.85
C ARG C 238 27.69 -38.05 4.23
N ASP C 239 27.87 -38.25 5.53
CA ASP C 239 29.10 -38.72 6.17
C ASP C 239 30.28 -37.74 6.10
N ILE C 240 30.05 -36.50 5.67
CA ILE C 240 31.10 -35.51 5.59
C ILE C 240 30.97 -34.34 6.56
N PRO C 241 31.96 -34.09 7.44
CA PRO C 241 31.97 -32.98 8.39
C PRO C 241 32.34 -31.65 7.77
N SER C 242 32.91 -31.70 6.59
CA SER C 242 33.39 -30.52 5.92
C SER C 242 32.29 -29.91 5.09
N ARG C 243 32.44 -28.64 4.72
CA ARG C 243 31.42 -28.00 3.89
C ARG C 243 31.97 -27.01 2.86
N ILE C 244 31.18 -26.73 1.82
CA ILE C 244 31.56 -25.72 0.83
C ILE C 244 30.66 -24.51 0.93
N SER C 245 31.27 -23.34 0.96
CA SER C 245 30.51 -22.10 1.01
C SER C 245 30.59 -21.32 -0.29
N ILE C 246 29.43 -20.96 -0.83
CA ILE C 246 29.35 -20.27 -2.13
C ILE C 246 29.06 -18.78 -2.10
N TYR C 247 29.87 -18.05 -2.86
CA TYR C 247 29.84 -16.62 -3.04
C TYR C 247 29.74 -16.28 -4.51
N TRP C 248 29.24 -15.09 -4.84
CA TRP C 248 29.20 -14.76 -6.25
C TRP C 248 29.54 -13.32 -6.51
N THR C 249 29.95 -13.05 -7.73
CA THR C 249 30.25 -11.68 -8.11
C THR C 249 29.86 -11.40 -9.55
N ILE C 250 29.58 -10.14 -9.85
CA ILE C 250 29.20 -9.75 -11.20
C ILE C 250 30.19 -8.81 -11.83
N VAL C 251 30.64 -9.17 -13.02
CA VAL C 251 31.60 -8.35 -13.71
C VAL C 251 30.93 -7.59 -14.85
N LYS C 252 31.01 -6.27 -14.79
CA LYS C 252 30.42 -5.42 -15.81
C LYS C 252 31.33 -5.38 -17.03
N PRO C 253 30.80 -5.20 -18.24
CA PRO C 253 31.58 -5.06 -19.43
C PRO C 253 32.58 -3.96 -19.27
N GLY C 254 33.81 -4.23 -19.67
CA GLY C 254 34.89 -3.26 -19.58
C GLY C 254 35.71 -3.47 -18.32
N ASP C 255 35.17 -4.19 -17.36
CA ASP C 255 35.90 -4.44 -16.15
C ASP C 255 36.61 -5.77 -16.27
N ILE C 256 37.36 -6.15 -15.24
CA ILE C 256 38.02 -7.43 -15.24
C ILE C 256 37.76 -8.17 -13.95
N LEU C 257 37.92 -9.47 -13.97
CA LEU C 257 37.86 -10.22 -12.73
C LEU C 257 39.22 -10.66 -12.26
N LEU C 258 39.59 -10.25 -11.05
CA LEU C 258 40.87 -10.66 -10.50
C LEU C 258 40.72 -11.57 -9.30
N ILE C 259 41.29 -12.77 -9.40
CA ILE C 259 41.21 -13.75 -8.29
C ILE C 259 42.59 -13.86 -7.63
N ASN C 260 42.66 -13.61 -6.32
CA ASN C 260 43.94 -13.69 -5.56
C ASN C 260 43.76 -14.72 -4.44
N SER C 261 44.38 -15.89 -4.54
CA SER C 261 44.10 -16.95 -3.53
C SER C 261 45.34 -17.75 -3.12
N THR C 262 45.44 -18.10 -1.83
CA THR C 262 46.52 -18.90 -1.32
C THR C 262 46.07 -20.29 -0.95
N GLY C 263 44.81 -20.61 -1.14
CA GLY C 263 44.32 -21.93 -0.76
C GLY C 263 42.84 -21.93 -0.49
N ASN C 264 42.27 -23.13 -0.46
CA ASN C 264 40.86 -23.38 -0.19
C ASN C 264 39.93 -22.80 -1.21
N LEU C 265 40.41 -22.54 -2.41
CA LEU C 265 39.56 -21.99 -3.44
C LEU C 265 38.92 -22.99 -4.34
N ILE C 266 37.62 -22.85 -4.45
CA ILE C 266 36.86 -23.63 -5.37
C ILE C 266 36.59 -22.64 -6.49
N ALA C 267 37.27 -22.84 -7.59
CA ALA C 267 37.29 -21.89 -8.66
C ALA C 267 36.13 -22.02 -9.62
N PRO C 268 35.72 -20.94 -10.27
CA PRO C 268 34.73 -20.96 -11.31
C PRO C 268 35.31 -21.60 -12.52
N ARG C 269 34.51 -22.21 -13.36
CA ARG C 269 35.02 -22.73 -14.63
C ARG C 269 34.64 -21.85 -15.79
N GLY C 270 33.92 -20.79 -15.49
CA GLY C 270 33.37 -19.90 -16.51
C GLY C 270 32.27 -19.08 -15.90
N TYR C 271 31.38 -18.58 -16.72
CA TYR C 271 30.35 -17.67 -16.25
C TYR C 271 28.98 -17.92 -16.81
N PHE C 272 28.00 -17.41 -16.10
CA PHE C 272 26.63 -17.44 -16.54
C PHE C 272 26.23 -16.11 -17.09
N LYS C 273 25.40 -16.10 -18.11
CA LYS C 273 24.95 -14.80 -18.62
C LYS C 273 23.86 -14.23 -17.77
N ILE C 274 23.90 -12.93 -17.52
CA ILE C 274 22.80 -12.31 -16.83
C ILE C 274 21.87 -11.64 -17.81
N ARG C 275 20.61 -11.95 -17.70
CA ARG C 275 19.58 -11.43 -18.54
C ARG C 275 18.55 -10.82 -17.65
N SER C 276 17.65 -10.02 -18.20
CA SER C 276 16.57 -9.45 -17.42
C SER C 276 15.30 -9.56 -18.21
N GLY C 277 14.27 -10.15 -17.61
CA GLY C 277 13.03 -10.37 -18.33
C GLY C 277 11.91 -10.88 -17.45
N LYS C 278 10.86 -11.33 -18.11
CA LYS C 278 9.62 -11.75 -17.47
C LYS C 278 9.63 -13.16 -16.89
N SER C 279 10.40 -13.35 -15.85
CA SER C 279 10.53 -14.69 -15.29
C SER C 279 10.63 -14.76 -13.78
N SER C 280 10.34 -15.96 -13.24
CA SER C 280 10.40 -16.20 -11.80
C SER C 280 10.42 -17.68 -11.40
N ILE C 281 10.44 -17.91 -10.10
CA ILE C 281 10.35 -19.25 -9.50
C ILE C 281 9.14 -19.38 -8.64
N MET C 282 8.38 -20.42 -8.85
CA MET C 282 7.22 -20.69 -8.03
C MET C 282 7.45 -22.00 -7.31
N ARG C 283 7.08 -22.07 -6.05
CA ARG C 283 7.19 -23.33 -5.32
C ARG C 283 5.85 -24.01 -5.31
N SER C 284 5.77 -25.17 -5.93
CA SER C 284 4.50 -25.86 -6.03
C SER C 284 4.50 -27.32 -6.36
N ASP C 285 3.60 -28.04 -5.71
CA ASP C 285 3.39 -29.43 -6.01
C ASP C 285 2.11 -29.61 -6.81
N ALA C 286 2.26 -29.70 -8.12
CA ALA C 286 1.14 -29.85 -9.03
C ALA C 286 1.70 -30.38 -10.31
N PRO C 287 1.01 -31.22 -11.06
CA PRO C 287 1.45 -31.72 -12.32
C PRO C 287 1.37 -30.63 -13.37
N ILE C 288 2.21 -30.72 -14.38
CA ILE C 288 2.15 -29.81 -15.49
C ILE C 288 1.59 -30.58 -16.66
N GLY C 289 0.48 -30.12 -17.18
CA GLY C 289 -0.23 -30.82 -18.24
C GLY C 289 -0.34 -30.05 -19.52
N LYS C 290 -1.37 -30.37 -20.28
CA LYS C 290 -1.59 -29.75 -21.59
C LYS C 290 -2.88 -28.93 -21.60
N CYS C 291 -2.74 -27.61 -21.48
CA CYS C 291 -3.81 -26.62 -21.40
C CYS C 291 -3.21 -25.28 -21.71
N LYS C 292 -4.04 -24.27 -21.80
CA LYS C 292 -3.53 -22.95 -22.04
C LYS C 292 -4.08 -21.98 -21.04
N SER C 293 -3.21 -21.20 -20.43
CA SER C 293 -3.66 -20.19 -19.48
C SER C 293 -2.67 -19.11 -19.25
N GLU C 294 -3.18 -17.92 -19.14
CA GLU C 294 -2.35 -16.78 -18.88
C GLU C 294 -2.01 -16.49 -17.41
N CYS C 295 -2.69 -17.20 -16.44
CA CYS C 295 -2.56 -17.00 -15.00
C CYS C 295 -2.15 -18.31 -14.31
N ILE C 296 -1.00 -18.29 -13.67
CA ILE C 296 -0.51 -19.47 -12.98
C ILE C 296 -0.37 -19.20 -11.49
N THR C 297 -0.91 -20.08 -10.67
CA THR C 297 -0.76 -19.97 -9.22
C THR C 297 -0.31 -21.34 -8.74
N PRO C 298 0.37 -21.52 -7.57
CA PRO C 298 0.87 -22.83 -7.17
C PRO C 298 -0.01 -24.03 -7.57
N ASN C 299 -1.25 -24.09 -7.09
CA ASN C 299 -2.10 -25.30 -7.35
C ASN C 299 -2.84 -25.21 -8.70
N GLY C 300 -2.11 -25.01 -9.81
CA GLY C 300 -2.76 -25.04 -11.14
C GLY C 300 -3.06 -23.68 -11.73
N SER C 301 -3.53 -23.64 -12.99
CA SER C 301 -3.87 -22.38 -13.59
C SER C 301 -5.25 -21.93 -13.11
N ILE C 302 -5.49 -20.64 -13.29
CA ILE C 302 -6.76 -19.98 -12.97
C ILE C 302 -7.30 -19.34 -14.23
N PRO C 303 -8.57 -19.48 -14.60
CA PRO C 303 -9.12 -18.81 -15.75
C PRO C 303 -8.86 -17.32 -15.64
N ASN C 304 -8.36 -16.71 -16.70
CA ASN C 304 -8.06 -15.29 -16.65
C ASN C 304 -9.25 -14.45 -17.05
N ASP C 305 -10.27 -14.40 -16.21
CA ASP C 305 -11.49 -13.68 -16.55
C ASP C 305 -12.07 -12.84 -15.43
N LYS C 306 -12.50 -13.45 -14.37
CA LYS C 306 -13.12 -12.70 -13.31
C LYS C 306 -12.05 -11.79 -12.76
N PRO C 307 -12.36 -10.54 -12.39
CA PRO C 307 -11.42 -9.57 -11.90
C PRO C 307 -10.76 -9.90 -10.55
N PHE C 308 -11.37 -10.77 -9.74
CA PHE C 308 -10.78 -11.10 -8.46
C PHE C 308 -10.65 -12.59 -8.30
N GLN C 309 -9.73 -13.02 -7.47
CA GLN C 309 -9.57 -14.42 -7.14
C GLN C 309 -9.25 -14.57 -5.69
N ASN C 310 -9.58 -15.69 -5.12
CA ASN C 310 -9.20 -15.92 -3.73
C ASN C 310 -8.48 -17.22 -3.58
N VAL C 311 -7.82 -17.66 -4.64
CA VAL C 311 -7.11 -18.90 -4.63
C VAL C 311 -5.76 -18.73 -3.96
N ASN C 312 -5.00 -17.72 -4.34
CA ASN C 312 -3.71 -17.57 -3.67
C ASN C 312 -3.16 -16.17 -3.70
N ARG C 313 -2.03 -16.00 -3.05
CA ARG C 313 -1.36 -14.74 -3.03
C ARG C 313 -0.22 -14.81 -4.00
N ILE C 314 0.21 -16.02 -4.28
CA ILE C 314 1.30 -16.22 -5.18
C ILE C 314 0.79 -16.45 -6.56
N THR C 315 1.14 -15.57 -7.46
CA THR C 315 0.71 -15.65 -8.82
C THR C 315 1.85 -15.34 -9.76
N TYR C 316 1.70 -15.74 -10.99
CA TYR C 316 2.61 -15.41 -12.07
C TYR C 316 1.82 -15.12 -13.33
N GLY C 317 2.18 -14.06 -14.05
CA GLY C 317 1.49 -13.80 -15.31
C GLY C 317 0.31 -12.86 -15.09
N ALA C 318 -0.67 -12.95 -15.99
CA ALA C 318 -1.81 -12.04 -16.01
C ALA C 318 -2.89 -12.65 -15.16
N CYS C 319 -3.15 -12.08 -13.96
CA CYS C 319 -4.05 -12.65 -12.97
C CYS C 319 -5.03 -11.65 -12.36
N PRO C 320 -6.18 -12.14 -11.88
CA PRO C 320 -7.15 -11.45 -11.07
C PRO C 320 -6.49 -11.03 -9.78
N ARG C 321 -6.96 -9.95 -9.18
CA ARG C 321 -6.37 -9.47 -7.93
C ARG C 321 -6.77 -10.38 -6.80
N TYR C 322 -5.88 -10.57 -5.82
CA TYR C 322 -6.24 -11.41 -4.69
C TYR C 322 -7.03 -10.66 -3.65
N VAL C 323 -8.14 -11.23 -3.23
CA VAL C 323 -8.95 -10.65 -2.18
C VAL C 323 -9.26 -11.66 -1.11
N LYS C 324 -9.64 -11.19 0.06
CA LYS C 324 -10.03 -12.06 1.15
C LYS C 324 -11.50 -12.45 1.16
N HIS C 325 -12.27 -11.90 0.23
CA HIS C 325 -13.69 -12.19 0.17
C HIS C 325 -13.91 -13.57 -0.37
N SER C 326 -14.94 -14.26 0.11
CA SER C 326 -15.25 -15.55 -0.47
C SER C 326 -16.06 -15.41 -1.73
N THR C 327 -16.96 -14.43 -1.75
CA THR C 327 -17.79 -14.18 -2.91
C THR C 327 -18.06 -12.71 -3.08
N LEU C 328 -18.33 -12.33 -4.31
CA LEU C 328 -18.80 -11.00 -4.65
C LEU C 328 -19.83 -11.22 -5.73
N LYS C 329 -21.05 -10.72 -5.54
CA LYS C 329 -22.07 -10.95 -6.55
C LYS C 329 -22.54 -9.66 -7.14
N LEU C 330 -22.43 -9.59 -8.44
CA LEU C 330 -22.78 -8.42 -9.22
C LEU C 330 -24.07 -8.58 -9.96
N ALA C 331 -25.03 -7.74 -9.65
CA ALA C 331 -26.33 -7.83 -10.27
C ALA C 331 -26.23 -7.52 -11.73
N THR C 332 -26.96 -8.25 -12.54
CA THR C 332 -27.02 -8.04 -13.95
C THR C 332 -28.47 -7.90 -14.31
N GLY C 333 -29.29 -8.18 -13.32
CA GLY C 333 -30.74 -8.12 -13.45
C GLY C 333 -31.31 -6.90 -12.74
N MET C 334 -32.54 -7.02 -12.29
CA MET C 334 -33.27 -5.93 -11.65
C MET C 334 -33.90 -6.43 -10.38
N ARG C 335 -34.40 -5.55 -9.52
CA ARG C 335 -35.01 -6.06 -8.29
C ARG C 335 -36.12 -7.03 -8.64
N ASN C 336 -36.17 -8.12 -7.93
CA ASN C 336 -37.19 -9.11 -8.22
C ASN C 336 -38.55 -8.73 -7.61
N VAL C 337 -39.63 -9.29 -8.20
CA VAL C 337 -41.07 -9.20 -7.86
C VAL C 337 -41.44 -7.81 -7.31
N PHE C 352 -45.43 1.35 -6.43
CA PHE C 352 -46.25 2.02 -7.44
C PHE C 352 -46.66 1.03 -8.53
N ILE C 353 -45.68 0.53 -9.30
CA ILE C 353 -45.86 -0.48 -10.35
C ILE C 353 -46.16 -1.76 -9.60
N GLU C 354 -47.15 -2.47 -10.08
CA GLU C 354 -47.59 -3.66 -9.41
C GLU C 354 -46.57 -4.77 -9.45
N ASN C 355 -46.89 -5.87 -8.82
CA ASN C 355 -45.95 -6.96 -8.72
C ASN C 355 -45.47 -7.37 -10.07
N GLY C 356 -44.17 -7.65 -10.17
CA GLY C 356 -43.60 -8.03 -11.43
C GLY C 356 -44.31 -9.23 -11.99
N TRP C 357 -44.32 -9.28 -13.29
CA TRP C 357 -45.02 -10.28 -14.03
C TRP C 357 -44.11 -11.42 -14.35
N GLU C 358 -44.37 -12.56 -13.74
CA GLU C 358 -43.54 -13.75 -13.92
C GLU C 358 -43.72 -14.32 -15.31
N GLY C 359 -44.84 -13.97 -15.92
CA GLY C 359 -45.16 -14.45 -17.23
C GLY C 359 -44.60 -13.58 -18.35
N MET C 360 -43.84 -12.53 -18.03
CA MET C 360 -43.33 -11.74 -19.15
C MET C 360 -42.11 -12.47 -19.65
N VAL C 361 -42.08 -12.82 -20.93
CA VAL C 361 -40.93 -13.57 -21.44
C VAL C 361 -40.21 -12.96 -22.63
N ASP C 362 -40.76 -11.93 -23.23
CA ASP C 362 -40.20 -11.34 -24.44
C ASP C 362 -39.46 -10.02 -24.23
N GLY C 363 -39.11 -9.71 -23.00
CA GLY C 363 -38.41 -8.47 -22.71
C GLY C 363 -38.42 -8.24 -21.23
N TRP C 364 -38.01 -7.06 -20.80
CA TRP C 364 -37.97 -6.81 -19.39
C TRP C 364 -39.05 -5.87 -18.94
N TYR C 365 -39.48 -5.01 -19.84
CA TYR C 365 -40.48 -4.02 -19.51
C TYR C 365 -41.55 -4.20 -20.54
N GLY C 366 -42.79 -3.92 -20.19
CA GLY C 366 -43.83 -4.10 -21.20
C GLY C 366 -45.22 -3.68 -20.81
N PHE C 367 -46.12 -3.99 -21.71
CA PHE C 367 -47.50 -3.59 -21.62
C PHE C 367 -48.43 -4.76 -21.42
N ARG C 368 -49.50 -4.49 -20.71
CA ARG C 368 -50.58 -5.43 -20.50
C ARG C 368 -51.87 -4.66 -20.68
N HIS C 369 -52.84 -5.23 -21.35
CA HIS C 369 -54.07 -4.46 -21.54
C HIS C 369 -55.34 -5.25 -21.56
N GLN C 370 -56.41 -4.53 -21.25
CA GLN C 370 -57.78 -5.00 -21.33
C GLN C 370 -58.63 -4.04 -22.13
N ASN C 371 -59.38 -4.60 -23.04
CA ASN C 371 -60.22 -3.86 -23.95
C ASN C 371 -61.54 -4.56 -24.10
N SER C 372 -62.41 -3.98 -24.91
CA SER C 372 -63.71 -4.58 -25.19
C SER C 372 -63.52 -5.85 -26.00
N GLU C 373 -62.33 -5.99 -26.57
CA GLU C 373 -61.90 -7.10 -27.37
C GLU C 373 -61.10 -8.12 -26.59
N GLY C 374 -61.04 -8.00 -25.26
CA GLY C 374 -60.29 -8.95 -24.46
C GLY C 374 -58.93 -8.46 -23.99
N ARG C 375 -58.02 -9.38 -23.77
CA ARG C 375 -56.75 -9.03 -23.13
C ARG C 375 -55.53 -9.49 -23.90
N GLY C 376 -54.40 -8.87 -23.60
CA GLY C 376 -53.13 -9.29 -24.19
C GLY C 376 -51.92 -8.56 -23.63
N GLN C 377 -50.74 -9.00 -24.06
CA GLN C 377 -49.47 -8.42 -23.60
C GLN C 377 -48.45 -8.29 -24.70
N ALA C 378 -47.53 -7.35 -24.53
CA ALA C 378 -46.37 -7.24 -25.41
C ALA C 378 -45.24 -6.53 -24.71
N ALA C 379 -44.02 -7.00 -24.89
CA ALA C 379 -42.89 -6.28 -24.29
C ALA C 379 -42.52 -5.04 -25.09
N ASP C 380 -41.94 -4.10 -24.37
CA ASP C 380 -41.35 -2.90 -24.95
C ASP C 380 -39.90 -3.10 -25.26
N LEU C 381 -39.56 -3.28 -26.49
CA LEU C 381 -38.19 -3.57 -26.74
C LEU C 381 -37.30 -2.36 -26.62
N LYS C 382 -37.81 -1.15 -26.73
CA LYS C 382 -36.85 -0.05 -26.66
C LYS C 382 -36.28 0.11 -25.27
N SER C 383 -37.13 0.06 -24.24
CA SER C 383 -36.60 0.18 -22.90
C SER C 383 -35.90 -1.08 -22.45
N THR C 384 -36.31 -2.23 -22.99
CA THR C 384 -35.62 -3.44 -22.60
C THR C 384 -34.21 -3.39 -23.10
N GLN C 385 -34.02 -2.99 -24.35
CA GLN C 385 -32.68 -2.98 -24.85
C GLN C 385 -31.84 -1.95 -24.16
N ALA C 386 -32.41 -0.80 -23.82
CA ALA C 386 -31.57 0.17 -23.18
C ALA C 386 -31.04 -0.37 -21.86
N ALA C 387 -31.87 -1.07 -21.11
CA ALA C 387 -31.40 -1.57 -19.84
C ALA C 387 -30.30 -2.59 -20.03
N ILE C 388 -30.43 -3.43 -21.06
CA ILE C 388 -29.43 -4.45 -21.30
C ILE C 388 -28.11 -3.89 -21.72
N ASP C 389 -28.09 -2.93 -22.62
CA ASP C 389 -26.81 -2.41 -23.03
C ASP C 389 -26.11 -1.67 -21.93
N GLN C 390 -26.83 -0.99 -21.07
CA GLN C 390 -26.15 -0.27 -20.01
C GLN C 390 -25.49 -1.29 -19.08
N ILE C 391 -26.17 -2.41 -18.83
CA ILE C 391 -25.61 -3.43 -17.97
C ILE C 391 -24.43 -4.14 -18.60
N ASN C 392 -24.52 -4.49 -19.88
CA ASN C 392 -23.39 -5.16 -20.49
C ASN C 392 -22.21 -4.24 -20.58
N GLY C 393 -22.45 -2.93 -20.71
CA GLY C 393 -21.38 -1.97 -20.75
C GLY C 393 -20.59 -2.06 -19.45
N LYS C 394 -21.31 -2.06 -18.32
CA LYS C 394 -20.65 -2.15 -17.04
C LYS C 394 -19.88 -3.46 -16.90
N LEU C 395 -20.45 -4.57 -17.35
CA LEU C 395 -19.72 -5.82 -17.23
C LEU C 395 -18.46 -5.85 -18.08
N ASN C 396 -18.54 -5.29 -19.28
CA ASN C 396 -17.41 -5.30 -20.18
C ASN C 396 -16.26 -4.47 -19.64
N ARG C 397 -16.58 -3.46 -18.86
CA ARG C 397 -15.57 -2.61 -18.26
C ARG C 397 -14.76 -3.32 -17.17
N LEU C 398 -15.31 -4.40 -16.58
CA LEU C 398 -14.63 -5.06 -15.47
C LEU C 398 -14.06 -6.43 -15.81
N ILE C 399 -14.83 -7.21 -16.53
CA ILE C 399 -14.47 -8.59 -16.79
C ILE C 399 -13.43 -8.72 -17.87
N GLY C 400 -12.39 -9.51 -17.58
CA GLY C 400 -11.31 -9.71 -18.52
C GLY C 400 -10.22 -8.68 -18.36
N LYS C 401 -10.35 -7.76 -17.39
CA LYS C 401 -9.33 -6.76 -17.23
C LYS C 401 -8.42 -7.08 -16.06
N THR C 402 -7.28 -7.67 -16.37
CA THR C 402 -6.33 -8.11 -15.35
C THR C 402 -4.95 -7.58 -15.68
N ASN C 403 -4.05 -7.59 -14.71
CA ASN C 403 -2.70 -7.11 -14.96
C ASN C 403 -1.66 -8.20 -14.84
N GLU C 404 -0.61 -8.06 -15.65
CA GLU C 404 0.48 -9.00 -15.70
C GLU C 404 1.65 -8.63 -14.79
N LYS C 405 2.05 -9.57 -13.94
CA LYS C 405 3.14 -9.35 -12.99
C LYS C 405 4.20 -10.44 -13.03
N PHE C 406 5.45 -10.04 -12.76
CA PHE C 406 6.56 -10.97 -12.70
C PHE C 406 7.46 -10.77 -11.52
N HIS C 407 8.08 -11.84 -11.09
CA HIS C 407 9.12 -11.82 -10.08
C HIS C 407 8.76 -11.03 -8.84
N GLN C 408 7.72 -11.46 -8.18
CA GLN C 408 7.20 -10.80 -7.01
C GLN C 408 7.98 -11.28 -5.80
N ILE C 409 7.93 -10.52 -4.72
CA ILE C 409 8.65 -10.91 -3.52
C ILE C 409 8.12 -12.21 -2.96
N GLU C 410 8.91 -12.86 -2.12
CA GLU C 410 8.47 -14.11 -1.54
C GLU C 410 7.34 -13.82 -0.59
N LYS C 411 6.35 -14.69 -0.57
CA LYS C 411 5.22 -14.47 0.33
C LYS C 411 5.11 -15.50 1.46
N GLU C 412 5.70 -16.66 1.27
CA GLU C 412 5.61 -17.74 2.25
C GLU C 412 7.01 -18.07 2.75
N PHE C 413 7.11 -18.46 4.00
CA PHE C 413 8.41 -18.73 4.58
C PHE C 413 8.43 -20.03 5.37
N SER C 414 9.60 -20.67 5.39
CA SER C 414 9.84 -21.90 6.15
C SER C 414 10.85 -21.74 7.27
N GLU C 415 11.18 -20.51 7.58
CA GLU C 415 12.18 -20.16 8.59
C GLU C 415 11.83 -18.84 9.26
N VAL C 416 12.31 -18.62 10.47
CA VAL C 416 12.08 -17.34 11.14
C VAL C 416 13.32 -16.49 11.01
N GLU C 417 13.19 -15.39 10.29
CA GLU C 417 14.35 -14.58 9.94
C GLU C 417 14.58 -13.27 10.67
N GLY C 418 13.55 -12.65 11.24
CA GLY C 418 13.78 -11.32 11.83
C GLY C 418 13.19 -10.20 10.99
N ARG C 419 13.78 -9.01 11.06
CA ARG C 419 13.15 -7.82 10.48
C ARG C 419 12.84 -7.81 9.00
N VAL C 420 13.68 -8.38 8.16
CA VAL C 420 13.35 -8.26 6.75
C VAL C 420 12.08 -9.02 6.47
N GLN C 421 11.99 -10.20 7.01
CA GLN C 421 10.81 -11.02 6.84
C GLN C 421 9.58 -10.37 7.42
N ASP C 422 9.72 -9.72 8.57
CA ASP C 422 8.54 -9.08 9.16
C ASP C 422 8.02 -8.02 8.23
N LEU C 423 8.92 -7.29 7.60
CA LEU C 423 8.50 -6.25 6.70
C LEU C 423 7.85 -6.82 5.47
N GLU C 424 8.38 -7.92 4.93
CA GLU C 424 7.79 -8.50 3.75
C GLU C 424 6.36 -8.95 4.04
N LYS C 425 6.14 -9.53 5.20
CA LYS C 425 4.79 -9.97 5.54
C LYS C 425 3.87 -8.77 5.71
N TYR C 426 4.38 -7.72 6.31
CA TYR C 426 3.61 -6.54 6.55
C TYR C 426 3.11 -5.91 5.29
N VAL C 427 3.98 -5.76 4.31
CA VAL C 427 3.52 -5.10 3.11
C VAL C 427 2.56 -5.95 2.35
N GLU C 428 2.73 -7.27 2.38
CA GLU C 428 1.79 -8.09 1.66
C GLU C 428 0.42 -8.01 2.28
N ASP C 429 0.34 -8.00 3.59
CA ASP C 429 -0.96 -7.94 4.22
C ASP C 429 -1.61 -6.59 3.94
N THR C 430 -0.82 -5.53 3.92
CA THR C 430 -1.39 -4.23 3.67
C THR C 430 -2.01 -4.18 2.28
N LYS C 431 -1.30 -4.69 1.29
CA LYS C 431 -1.79 -4.68 -0.07
C LYS C 431 -3.10 -5.41 -0.19
N ILE C 432 -3.21 -6.55 0.46
CA ILE C 432 -4.41 -7.31 0.34
C ILE C 432 -5.58 -6.60 0.99
N ASP C 433 -5.42 -6.04 2.19
CA ASP C 433 -6.59 -5.40 2.76
C ASP C 433 -7.09 -4.28 1.89
N LEU C 434 -6.18 -3.50 1.30
CA LEU C 434 -6.66 -2.42 0.47
C LEU C 434 -7.35 -2.91 -0.78
N TRP C 435 -6.85 -3.96 -1.42
CA TRP C 435 -7.57 -4.41 -2.59
C TRP C 435 -8.88 -5.06 -2.24
N SER C 436 -8.97 -5.69 -1.07
CA SER C 436 -10.21 -6.31 -0.66
C SER C 436 -11.24 -5.22 -0.40
N TYR C 437 -10.79 -4.12 0.20
CA TYR C 437 -11.65 -2.99 0.45
C TYR C 437 -12.21 -2.46 -0.84
N ASN C 438 -11.34 -2.25 -1.82
CA ASN C 438 -11.81 -1.72 -3.08
C ASN C 438 -12.78 -2.65 -3.75
N ALA C 439 -12.54 -3.96 -3.64
CA ALA C 439 -13.44 -4.89 -4.28
C ALA C 439 -14.83 -4.82 -3.68
N GLU C 440 -14.92 -4.70 -2.37
CA GLU C 440 -16.23 -4.65 -1.76
C GLU C 440 -16.96 -3.37 -2.07
N LEU C 441 -16.25 -2.25 -2.03
CA LEU C 441 -16.92 -0.99 -2.28
C LEU C 441 -17.37 -0.91 -3.71
N LEU C 442 -16.54 -1.39 -4.63
CA LEU C 442 -16.93 -1.31 -6.01
C LEU C 442 -18.17 -2.11 -6.26
N VAL C 443 -18.27 -3.32 -5.73
CA VAL C 443 -19.46 -4.08 -6.00
C VAL C 443 -20.67 -3.44 -5.36
N ALA C 444 -20.54 -2.95 -4.13
CA ALA C 444 -21.70 -2.34 -3.49
C ALA C 444 -22.23 -1.15 -4.29
N LEU C 445 -21.32 -0.37 -4.89
CA LEU C 445 -21.75 0.75 -5.69
C LEU C 445 -22.31 0.30 -7.00
N GLU C 446 -21.73 -0.72 -7.61
CA GLU C 446 -22.24 -1.17 -8.88
C GLU C 446 -23.61 -1.75 -8.74
N ASN C 447 -23.86 -2.47 -7.66
CA ASN C 447 -25.18 -3.03 -7.52
C ASN C 447 -26.18 -1.97 -7.21
N GLN C 448 -25.82 -0.96 -6.44
CA GLN C 448 -26.79 0.06 -6.17
C GLN C 448 -27.11 0.79 -7.44
N HIS C 449 -26.11 1.00 -8.25
CA HIS C 449 -26.32 1.67 -9.48
C HIS C 449 -27.24 0.87 -10.35
N THR C 450 -26.99 -0.42 -10.47
CA THR C 450 -27.76 -1.29 -11.33
C THR C 450 -29.22 -1.27 -10.95
N ILE C 451 -29.51 -1.32 -9.67
CA ILE C 451 -30.91 -1.32 -9.29
C ILE C 451 -31.56 -0.02 -9.68
N ASP C 452 -30.90 1.10 -9.43
CA ASP C 452 -31.51 2.37 -9.76
C ASP C 452 -31.61 2.54 -11.27
N LEU C 453 -30.65 1.96 -11.98
CA LEU C 453 -30.56 2.00 -13.42
C LEU C 453 -31.72 1.32 -14.08
N THR C 454 -32.16 0.19 -13.55
CA THR C 454 -33.27 -0.45 -14.22
C THR C 454 -34.59 0.14 -13.77
N ASP C 455 -34.67 0.65 -12.54
CA ASP C 455 -35.94 1.20 -12.10
C ASP C 455 -36.26 2.49 -12.84
N SER C 456 -35.24 3.24 -13.23
CA SER C 456 -35.53 4.46 -13.94
C SER C 456 -36.04 4.15 -15.33
N GLU C 457 -35.79 2.97 -15.90
CA GLU C 457 -36.28 2.70 -17.23
C GLU C 457 -37.76 2.49 -17.12
N MET C 458 -38.17 1.85 -16.04
CA MET C 458 -39.59 1.62 -15.84
C MET C 458 -40.34 2.93 -15.69
N ASN C 459 -39.73 3.87 -14.98
CA ASN C 459 -40.42 5.13 -14.81
C ASN C 459 -40.43 5.93 -16.09
N LYS C 460 -39.38 5.85 -16.90
CA LYS C 460 -39.40 6.58 -18.15
C LYS C 460 -40.47 6.04 -19.06
N LEU C 461 -40.66 4.72 -19.08
CA LEU C 461 -41.68 4.16 -19.94
C LEU C 461 -43.04 4.66 -19.49
N PHE C 462 -43.23 4.70 -18.17
CA PHE C 462 -44.50 5.14 -17.64
C PHE C 462 -44.79 6.56 -18.04
N GLU C 463 -43.81 7.42 -17.88
CA GLU C 463 -44.01 8.82 -18.18
C GLU C 463 -44.28 9.04 -19.65
N LYS C 464 -43.57 8.31 -20.51
CA LYS C 464 -43.76 8.47 -21.92
C LYS C 464 -45.18 8.09 -22.32
N THR C 465 -45.68 6.98 -21.76
CA THR C 465 -47.01 6.55 -22.09
C THR C 465 -48.01 7.61 -21.70
N LYS C 466 -47.83 8.18 -20.52
CA LYS C 466 -48.73 9.21 -20.06
C LYS C 466 -48.83 10.35 -21.04
N LYS C 467 -47.71 10.73 -21.66
CA LYS C 467 -47.76 11.84 -22.60
C LYS C 467 -48.53 11.48 -23.86
N GLN C 468 -48.43 10.24 -24.30
CA GLN C 468 -49.17 9.88 -25.51
C GLN C 468 -50.66 10.06 -25.26
N LEU C 469 -51.06 9.76 -24.04
CA LEU C 469 -52.43 9.84 -23.58
C LEU C 469 -52.68 11.06 -22.73
N ARG C 470 -51.99 12.16 -22.99
CA ARG C 470 -52.05 13.33 -22.14
C ARG C 470 -53.42 13.75 -21.62
N GLU C 471 -54.41 13.87 -22.47
CA GLU C 471 -55.74 14.27 -22.02
C GLU C 471 -56.80 13.21 -22.14
N ASN C 472 -56.43 12.00 -22.51
CA ASN C 472 -57.44 11.00 -22.74
C ASN C 472 -57.40 9.89 -21.71
N ALA C 473 -56.66 10.09 -20.65
CA ALA C 473 -56.50 9.05 -19.65
C ALA C 473 -56.14 9.60 -18.28
N GLU C 474 -56.38 8.77 -17.30
CA GLU C 474 -56.01 9.08 -15.93
C GLU C 474 -55.06 8.03 -15.36
N ASP C 475 -54.14 8.48 -14.52
CA ASP C 475 -53.21 7.61 -13.81
C ASP C 475 -53.86 7.06 -12.57
N MET C 476 -54.11 5.77 -12.52
CA MET C 476 -54.88 5.23 -11.42
C MET C 476 -54.09 5.00 -10.15
N GLY C 477 -52.79 5.31 -10.17
CA GLY C 477 -51.95 5.19 -8.98
C GLY C 477 -51.31 3.84 -8.73
N ASN C 478 -51.53 2.91 -9.63
CA ASN C 478 -51.02 1.56 -9.54
C ASN C 478 -50.21 1.16 -10.74
N GLY C 479 -49.75 2.14 -11.49
CA GLY C 479 -48.99 1.85 -12.70
C GLY C 479 -49.83 1.61 -13.98
N CYS C 480 -51.17 1.76 -13.91
CA CYS C 480 -52.11 1.57 -15.01
C CYS C 480 -52.85 2.86 -15.35
N PHE C 481 -53.15 3.00 -16.63
CA PHE C 481 -53.89 4.14 -17.09
C PHE C 481 -55.30 3.76 -17.46
N LYS C 482 -56.23 4.59 -17.08
CA LYS C 482 -57.60 4.42 -17.48
C LYS C 482 -57.79 5.22 -18.74
N ILE C 483 -58.21 4.56 -19.78
CA ILE C 483 -58.41 5.20 -21.06
C ILE C 483 -59.88 5.50 -21.23
N TYR C 484 -60.18 6.76 -21.55
CA TYR C 484 -61.55 7.21 -21.64
C TYR C 484 -62.22 7.16 -22.96
N HIS C 485 -61.63 6.52 -23.93
CA HIS C 485 -62.31 6.36 -25.18
C HIS C 485 -62.45 4.88 -25.32
N LYS C 486 -63.43 4.40 -26.05
CA LYS C 486 -63.53 2.95 -26.16
C LYS C 486 -62.55 2.40 -27.17
N CYS C 487 -61.29 2.29 -26.73
CA CYS C 487 -60.11 1.87 -27.47
C CYS C 487 -60.18 0.38 -27.82
N ASP C 488 -59.87 0.08 -29.06
CA ASP C 488 -59.79 -1.26 -29.60
C ASP C 488 -58.35 -1.76 -29.59
N ASN C 489 -58.12 -2.96 -30.11
CA ASN C 489 -56.76 -3.46 -30.07
C ASN C 489 -55.83 -2.65 -30.97
N ALA C 490 -56.36 -2.14 -32.06
CA ALA C 490 -55.51 -1.38 -32.97
C ALA C 490 -54.92 -0.11 -32.35
N CYS C 491 -55.71 0.67 -31.54
CA CYS C 491 -55.18 1.86 -30.85
C CYS C 491 -54.26 1.43 -29.73
N ILE C 492 -54.46 0.26 -29.13
CA ILE C 492 -53.48 -0.10 -28.15
C ILE C 492 -52.15 -0.26 -28.84
N GLU C 493 -52.12 -0.89 -30.01
CA GLU C 493 -50.86 -1.08 -30.69
C GLU C 493 -50.22 0.27 -31.02
N SER C 494 -51.05 1.22 -31.43
CA SER C 494 -50.62 2.56 -31.76
C SER C 494 -50.01 3.23 -30.54
N ILE C 495 -50.59 3.02 -29.37
CA ILE C 495 -50.05 3.63 -28.19
C ILE C 495 -48.69 3.03 -27.90
N ARG C 496 -48.61 1.70 -28.01
CA ARG C 496 -47.33 0.98 -27.70
C ARG C 496 -46.20 1.46 -28.62
N ASN C 497 -46.50 1.83 -29.87
CA ASN C 497 -45.41 2.23 -30.82
C ASN C 497 -45.35 3.76 -30.96
N GLU C 498 -46.03 4.50 -30.06
CA GLU C 498 -45.95 5.99 -30.05
C GLU C 498 -46.47 6.60 -31.35
N THR C 499 -47.57 6.08 -31.90
CA THR C 499 -48.18 6.66 -33.09
C THR C 499 -49.62 7.08 -32.80
N TYR C 500 -49.96 7.12 -31.53
CA TYR C 500 -51.29 7.48 -31.05
C TYR C 500 -51.58 8.97 -31.20
N ASP C 501 -52.78 9.30 -31.68
CA ASP C 501 -53.14 10.69 -31.83
C ASP C 501 -54.14 11.13 -30.77
N HIS C 502 -53.70 11.90 -29.82
CA HIS C 502 -54.58 12.28 -28.73
C HIS C 502 -55.68 13.24 -29.17
N ASN C 503 -55.56 13.82 -30.35
CA ASN C 503 -56.54 14.78 -30.79
C ASN C 503 -57.72 14.18 -31.50
N VAL C 504 -57.77 12.86 -31.64
CA VAL C 504 -58.93 12.33 -32.33
C VAL C 504 -59.89 11.69 -31.34
N TYR C 505 -59.46 11.56 -30.11
CA TYR C 505 -60.30 10.97 -29.09
C TYR C 505 -60.61 12.01 -28.06
N ARG C 506 -60.21 13.22 -28.32
CA ARG C 506 -60.32 14.24 -27.31
C ARG C 506 -61.73 14.50 -26.87
N ASP C 507 -62.68 14.47 -27.80
CA ASP C 507 -64.02 14.82 -27.41
C ASP C 507 -64.69 13.65 -26.73
N GLU C 508 -64.38 12.45 -27.17
CA GLU C 508 -65.01 11.32 -26.54
C GLU C 508 -64.57 11.26 -25.10
N ALA C 509 -63.27 11.44 -24.88
CA ALA C 509 -62.76 11.35 -23.53
C ALA C 509 -63.31 12.45 -22.65
N LEU C 510 -63.45 13.67 -23.17
CA LEU C 510 -63.98 14.71 -22.30
C LEU C 510 -65.42 14.47 -21.92
N ASN C 511 -66.20 13.90 -22.83
CA ASN C 511 -67.57 13.60 -22.47
C ASN C 511 -67.63 12.50 -21.46
N ASN C 512 -66.69 11.59 -21.49
CA ASN C 512 -66.78 10.56 -20.50
C ASN C 512 -66.25 10.95 -19.13
N ARG C 513 -65.16 11.73 -19.07
CA ARG C 513 -64.58 12.04 -17.77
C ARG C 513 -65.14 13.28 -17.07
N PHE C 514 -65.49 14.33 -17.81
CA PHE C 514 -66.02 15.52 -17.14
C PHE C 514 -67.46 15.75 -17.47
N GLN C 515 -68.03 14.82 -18.21
CA GLN C 515 -69.41 14.89 -18.65
C GLN C 515 -69.77 16.22 -19.33
N ILE C 516 -68.87 16.74 -20.23
CA ILE C 516 -69.07 18.00 -20.96
C ILE C 516 -70.22 17.85 -21.97
#